data_1BKG
#
_entry.id   1BKG
#
_cell.length_a   80.250
_cell.length_b   109.710
_cell.length_c   197.300
_cell.angle_alpha   90.00
_cell.angle_beta   90.00
_cell.angle_gamma   90.00
#
_symmetry.space_group_name_H-M   'P 21 21 21'
#
loop_
_entity.id
_entity.type
_entity.pdbx_description
1 polymer 'ASPARTATE AMINOTRANSFERASE'
2 non-polymer "4'-DEOXY-4'-AMINOPYRIDOXAL-5'-PHOSPHATE"
3 non-polymer 'MALEIC ACID'
4 water water
#
_entity_poly.entity_id   1
_entity_poly.type   'polypeptide(L)'
_entity_poly.pdbx_seq_one_letter_code
;MRGLSRRVQAMKPSATVAVNAKALELRRQGVDLVALTAGEPDFDTPEHVKEAARRALAQGKTKYAPPAGIPELREALAEK
FRRENGLSVTPEETIVTVGGKQALFNLFQAILDPGDEVIVLSPYWVSYPEMVRFAGGVVVEVETLPEEGFVPDPERVRRA
ITPRTKALVVNSPNNPTGAVYPKEVLEALARLAVEHDFYLVSDEIYEHLLYEGEHFSPGRVAPEHTLTVNGAAKAFAMTG
WRIGYACGPKEVIKAMASVSSQSTTSPDTIAQWATLEALTNQEASRAFVEMAREAYRRRRDLLLEGLTALGLKAVRPSGA
FYVLMDTSPIAPDEVRAAERLLEAGVAVVPGTDFAAFGHVRLSYATSEENLRKALERFARVLGRA
;
_entity_poly.pdbx_strand_id   A,B,C,D
#
loop_
_chem_comp.id
_chem_comp.type
_chem_comp.name
_chem_comp.formula
MAE non-polymer 'MALEIC ACID' 'C4 H4 O4'
PMP non-polymer 4'-DEOXY-4'-AMINOPYRIDOXAL-5'-PHOSPHATE 'C8 H13 N2 O5 P'
#
# COMPACT_ATOMS: atom_id res chain seq x y z
N MET A 1 -17.85 5.88 -4.39
CA MET A 1 -18.50 5.98 -3.04
C MET A 1 -17.81 7.03 -2.20
N ARG A 2 -18.45 7.46 -1.13
CA ARG A 2 -17.86 8.46 -0.24
C ARG A 2 -17.31 7.74 0.97
N GLY A 3 -16.60 8.46 1.83
CA GLY A 3 -16.03 7.86 3.03
C GLY A 3 -14.59 8.25 3.31
N LEU A 4 -14.22 8.24 4.57
CA LEU A 4 -12.86 8.60 4.96
C LEU A 4 -11.87 7.47 4.74
N SER A 5 -10.60 7.79 4.58
CA SER A 5 -9.59 6.79 4.36
C SER A 5 -9.37 6.01 5.63
N ARG A 6 -8.79 4.82 5.47
CA ARG A 6 -8.52 3.92 6.57
C ARG A 6 -7.39 4.45 7.47
N ARG A 7 -6.40 5.11 6.88
CA ARG A 7 -5.29 5.68 7.64
C ARG A 7 -5.78 6.81 8.57
N VAL A 8 -6.66 7.66 8.08
CA VAL A 8 -7.15 8.74 8.91
C VAL A 8 -8.11 8.18 9.95
N GLN A 9 -8.75 7.07 9.65
CA GLN A 9 -9.66 6.45 10.62
C GLN A 9 -8.89 5.77 11.73
N ALA A 10 -7.67 5.35 11.44
CA ALA A 10 -6.84 4.66 12.43
C ALA A 10 -6.12 5.64 13.36
N MET A 11 -5.81 6.81 12.82
CA MET A 11 -5.09 7.85 13.54
C MET A 11 -5.78 8.53 14.71
N LYS A 12 -5.02 8.76 15.76
CA LYS A 12 -5.51 9.43 16.95
C LYS A 12 -5.05 10.87 16.85
N PRO A 13 -5.99 11.83 16.91
CA PRO A 13 -5.53 13.22 16.82
C PRO A 13 -4.80 13.53 18.13
N SER A 14 -3.80 14.40 18.07
CA SER A 14 -3.00 14.76 19.24
C SER A 14 -3.72 14.81 20.58
N ALA A 15 -3.30 13.95 21.50
CA ALA A 15 -3.89 13.86 22.82
C ALA A 15 -3.53 15.03 23.74
N THR A 16 -2.30 15.51 23.61
CA THR A 16 -1.83 16.63 24.42
C THR A 16 -2.57 17.88 23.99
N VAL A 17 -2.76 18.02 22.68
CA VAL A 17 -3.49 19.14 22.10
C VAL A 17 -4.93 19.08 22.62
N ALA A 18 -5.51 17.90 22.62
CA ALA A 18 -6.86 17.70 23.09
C ALA A 18 -7.07 18.09 24.56
N VAL A 19 -6.20 17.64 25.47
CA VAL A 19 -6.36 17.93 26.89
C VAL A 19 -6.14 19.39 27.21
N ASN A 20 -5.41 20.06 26.34
CA ASN A 20 -5.15 21.48 26.52
C ASN A 20 -6.41 22.27 26.20
N ALA A 21 -7.09 21.87 25.15
CA ALA A 21 -8.32 22.51 24.75
C ALA A 21 -9.36 22.40 25.85
N LYS A 22 -9.45 21.22 26.45
CA LYS A 22 -10.40 20.95 27.52
C LYS A 22 -10.14 21.81 28.75
N ALA A 23 -8.87 21.91 29.15
CA ALA A 23 -8.48 22.71 30.32
C ALA A 23 -8.67 24.20 30.03
N LEU A 24 -8.55 24.56 28.77
CA LEU A 24 -8.73 25.94 28.39
C LEU A 24 -10.22 26.30 28.33
N GLU A 25 -11.03 25.36 27.87
CA GLU A 25 -12.47 25.61 27.79
C GLU A 25 -13.10 25.62 29.19
N LEU A 26 -12.55 24.86 30.11
CA LEU A 26 -13.06 24.83 31.46
C LEU A 26 -12.88 26.19 32.16
N ARG A 27 -11.77 26.88 31.86
CA ARG A 27 -11.49 28.17 32.46
C ARG A 27 -12.41 29.24 31.90
N ARG A 28 -12.90 29.01 30.68
CA ARG A 28 -13.85 29.94 30.07
C ARG A 28 -15.16 29.77 30.80
N GLN A 29 -15.45 28.53 31.22
CA GLN A 29 -16.68 28.21 31.96
C GLN A 29 -16.60 28.87 33.33
N GLY A 30 -15.48 29.54 33.60
CA GLY A 30 -15.29 30.21 34.87
C GLY A 30 -14.72 29.31 35.95
N VAL A 31 -14.40 28.07 35.56
CA VAL A 31 -13.84 27.08 36.46
C VAL A 31 -12.45 27.48 36.87
N ASP A 32 -12.19 27.32 38.15
CA ASP A 32 -10.91 27.68 38.67
C ASP A 32 -9.96 26.54 38.63
N LEU A 33 -9.15 26.47 37.58
CA LEU A 33 -8.20 25.41 37.50
C LEU A 33 -6.83 25.85 37.08
N VAL A 34 -5.84 25.15 37.60
CA VAL A 34 -4.44 25.41 37.29
C VAL A 34 -4.07 24.42 36.22
N ALA A 35 -3.67 24.92 35.06
CA ALA A 35 -3.28 24.05 33.96
C ALA A 35 -1.78 23.78 33.95
N LEU A 36 -1.40 22.52 34.05
CA LEU A 36 0.00 22.11 34.02
C LEU A 36 0.18 21.22 32.78
N THR A 37 -0.62 21.51 31.75
CA THR A 37 -0.64 20.75 30.50
C THR A 37 0.14 21.38 29.36
N ALA A 38 0.46 22.66 29.49
CA ALA A 38 1.18 23.39 28.46
C ALA A 38 2.54 22.83 28.05
N GLY A 39 2.81 22.88 26.76
CA GLY A 39 4.08 22.43 26.24
C GLY A 39 4.73 23.58 25.52
N GLU A 40 4.50 24.79 26.04
CA GLU A 40 5.05 25.99 25.43
C GLU A 40 5.43 27.04 26.47
N PRO A 41 6.51 27.79 26.20
CA PRO A 41 7.02 28.83 27.09
C PRO A 41 5.92 29.83 27.45
N ASP A 42 5.99 30.38 28.67
CA ASP A 42 5.03 31.39 29.07
C ASP A 42 5.54 32.77 28.64
N PHE A 43 6.82 32.85 28.32
CA PHE A 43 7.43 34.08 27.86
C PHE A 43 6.95 34.34 26.43
N ASP A 44 6.87 35.61 26.07
CA ASP A 44 6.45 36.01 24.74
C ASP A 44 7.74 35.93 23.92
N THR A 45 7.65 36.03 22.60
CA THR A 45 8.87 35.93 21.81
C THR A 45 9.65 37.21 21.98
N PRO A 46 10.98 37.13 22.13
CA PRO A 46 11.83 38.30 22.31
C PRO A 46 11.62 39.43 21.28
N GLU A 47 11.81 40.68 21.72
CA GLU A 47 11.60 41.83 20.84
C GLU A 47 12.41 41.85 19.57
N HIS A 48 13.68 41.48 19.64
CA HIS A 48 14.49 41.51 18.43
C HIS A 48 13.88 40.68 17.31
N VAL A 49 13.25 39.58 17.69
CA VAL A 49 12.63 38.71 16.73
C VAL A 49 11.39 39.39 16.16
N LYS A 50 10.61 40.06 17.01
CA LYS A 50 9.42 40.77 16.54
C LYS A 50 9.81 41.89 15.59
N GLU A 51 10.92 42.55 15.88
CA GLU A 51 11.37 43.65 15.03
C GLU A 51 11.77 43.14 13.65
N ALA A 52 12.44 42.01 13.62
CA ALA A 52 12.88 41.43 12.35
C ALA A 52 11.65 41.12 11.53
N ALA A 53 10.56 40.77 12.20
CA ALA A 53 9.30 40.50 11.53
C ALA A 53 8.70 41.77 10.98
N ARG A 54 8.67 42.82 11.79
CA ARG A 54 8.10 44.10 11.36
C ARG A 54 8.88 44.67 10.20
N ARG A 55 10.20 44.46 10.24
CA ARG A 55 11.06 44.95 9.20
C ARG A 55 10.77 44.21 7.91
N ALA A 56 10.47 42.90 8.00
CA ALA A 56 10.15 42.11 6.81
C ALA A 56 8.81 42.58 6.24
N LEU A 57 7.84 42.80 7.12
CA LEU A 57 6.52 43.26 6.69
C LEU A 57 6.64 44.52 5.89
N ALA A 58 7.41 45.45 6.45
CA ALA A 58 7.61 46.76 5.83
C ALA A 58 8.36 46.70 4.51
N GLN A 59 9.29 45.75 4.40
CA GLN A 59 10.07 45.58 3.17
C GLN A 59 9.34 44.76 2.10
N GLY A 60 8.08 44.41 2.35
CA GLY A 60 7.30 43.66 1.38
C GLY A 60 7.75 42.24 1.15
N LYS A 61 8.32 41.61 2.16
CA LYS A 61 8.77 40.22 2.05
C LYS A 61 7.59 39.32 2.40
N THR A 62 6.60 39.33 1.51
CA THR A 62 5.37 38.57 1.67
C THR A 62 5.07 37.59 0.53
N LYS A 63 6.06 37.28 -0.31
CA LYS A 63 5.84 36.36 -1.44
C LYS A 63 6.27 34.93 -1.06
N TYR A 64 6.01 33.97 -1.94
CA TYR A 64 6.39 32.58 -1.67
C TYR A 64 7.89 32.42 -1.49
N ALA A 65 8.29 31.59 -0.53
CA ALA A 65 9.70 31.28 -0.27
C ALA A 65 9.94 29.89 -0.88
N PRO A 66 11.20 29.53 -1.16
CA PRO A 66 11.47 28.22 -1.74
C PRO A 66 11.05 27.09 -0.77
N PRO A 67 10.71 25.90 -1.30
CA PRO A 67 10.28 24.74 -0.51
C PRO A 67 11.22 24.39 0.63
N ALA A 68 12.53 24.56 0.44
CA ALA A 68 13.49 24.23 1.48
C ALA A 68 13.75 25.42 2.41
N GLY A 69 13.24 26.59 2.03
CA GLY A 69 13.42 27.78 2.84
C GLY A 69 14.24 28.87 2.17
N ILE A 70 14.13 30.11 2.65
CA ILE A 70 14.90 31.20 2.07
C ILE A 70 16.39 30.87 2.29
N PRO A 71 17.22 31.07 1.27
CA PRO A 71 18.67 30.79 1.29
C PRO A 71 19.39 31.32 2.50
N GLU A 72 19.01 32.54 2.89
CA GLU A 72 19.58 33.19 4.04
C GLU A 72 19.40 32.37 5.31
N LEU A 73 18.21 31.82 5.52
CA LEU A 73 17.97 31.02 6.71
C LEU A 73 18.74 29.71 6.64
N ARG A 74 18.83 29.13 5.46
CA ARG A 74 19.56 27.87 5.31
C ARG A 74 21.04 28.05 5.63
N GLU A 75 21.61 29.21 5.28
CA GLU A 75 23.02 29.47 5.56
C GLU A 75 23.23 29.66 7.04
N ALA A 76 22.30 30.32 7.71
CA ALA A 76 22.39 30.53 9.14
C ALA A 76 22.19 29.21 9.86
N LEU A 77 21.38 28.34 9.27
CA LEU A 77 21.10 27.03 9.85
C LEU A 77 22.36 26.17 9.81
N ALA A 78 23.04 26.20 8.67
CA ALA A 78 24.27 25.45 8.49
C ALA A 78 25.26 25.88 9.55
N GLU A 79 25.30 27.19 9.80
CA GLU A 79 26.19 27.82 10.79
C GLU A 79 25.83 27.46 12.22
N LYS A 80 24.54 27.38 12.52
CA LYS A 80 24.06 27.01 13.84
C LYS A 80 24.35 25.56 14.17
N PHE A 81 24.05 24.64 13.25
CA PHE A 81 24.30 23.21 13.48
C PHE A 81 25.79 22.96 13.60
N ARG A 82 26.57 23.73 12.85
CA ARG A 82 28.02 23.62 12.90
C ARG A 82 28.54 24.20 14.22
N ARG A 83 28.26 25.47 14.44
CA ARG A 83 28.70 26.18 15.62
C ARG A 83 28.17 25.62 16.94
N GLU A 84 26.86 25.42 17.04
CA GLU A 84 26.28 24.92 18.27
C GLU A 84 26.28 23.42 18.52
N ASN A 85 26.27 22.61 17.47
CA ASN A 85 26.17 21.18 17.63
C ASN A 85 27.32 20.31 17.17
N GLY A 86 28.24 20.86 16.42
CA GLY A 86 29.36 20.07 15.95
C GLY A 86 29.11 19.34 14.67
N LEU A 87 27.94 19.60 14.05
CA LEU A 87 27.55 18.96 12.80
C LEU A 87 28.22 19.66 11.61
N SER A 88 28.66 18.87 10.64
CA SER A 88 29.34 19.40 9.45
C SER A 88 28.44 19.53 8.24
N VAL A 89 27.28 20.17 8.42
CA VAL A 89 26.34 20.33 7.32
C VAL A 89 26.63 21.53 6.45
N THR A 90 25.98 21.56 5.29
CA THR A 90 26.10 22.63 4.34
C THR A 90 24.68 23.18 4.18
N PRO A 91 24.52 24.39 3.61
CA PRO A 91 23.16 24.90 3.47
C PRO A 91 22.26 23.96 2.70
N GLU A 92 22.83 23.27 1.72
CA GLU A 92 22.08 22.32 0.90
C GLU A 92 21.57 21.11 1.67
N GLU A 93 22.11 20.88 2.87
CA GLU A 93 21.71 19.77 3.72
C GLU A 93 20.92 20.29 4.90
N THR A 94 20.21 21.38 4.66
CA THR A 94 19.43 22.06 5.67
C THR A 94 18.05 22.31 5.09
N ILE A 95 17.02 22.32 5.94
CA ILE A 95 15.66 22.57 5.47
C ILE A 95 14.82 23.23 6.52
N VAL A 96 13.93 24.11 6.10
CA VAL A 96 13.04 24.83 7.00
C VAL A 96 11.64 24.31 6.77
N THR A 97 10.94 23.99 7.86
CA THR A 97 9.61 23.42 7.80
C THR A 97 8.63 24.14 8.71
N VAL A 98 7.35 23.83 8.56
CA VAL A 98 6.29 24.42 9.38
C VAL A 98 6.33 23.78 10.75
N GLY A 99 7.32 24.17 11.55
CA GLY A 99 7.50 23.59 12.89
C GLY A 99 8.33 22.31 12.81
N GLY A 100 8.88 21.87 13.93
CA GLY A 100 9.65 20.64 13.96
C GLY A 100 8.76 19.44 13.66
N LYS A 101 7.47 19.58 13.92
CA LYS A 101 6.52 18.51 13.65
C LYS A 101 6.45 18.20 12.15
N GLN A 102 6.51 19.21 11.29
CA GLN A 102 6.44 18.93 9.87
C GLN A 102 7.77 18.39 9.38
N ALA A 103 8.84 18.64 10.11
CA ALA A 103 10.15 18.13 9.74
C ALA A 103 10.04 16.61 9.88
N LEU A 104 9.48 16.16 11.01
CA LEU A 104 9.30 14.74 11.32
C LEU A 104 8.26 14.08 10.40
N PHE A 105 7.14 14.77 10.20
CA PHE A 105 6.10 14.23 9.34
C PHE A 105 6.63 14.03 7.93
N ASN A 106 7.23 15.06 7.35
CA ASN A 106 7.80 14.93 6.01
C ASN A 106 8.92 13.89 5.96
N LEU A 107 9.63 13.73 7.07
CA LEU A 107 10.72 12.77 7.18
C LEU A 107 10.16 11.37 6.93
N PHE A 108 9.24 10.93 7.79
CA PHE A 108 8.60 9.64 7.68
C PHE A 108 7.92 9.39 6.33
N GLN A 109 7.30 10.42 5.76
CA GLN A 109 6.67 10.24 4.46
C GLN A 109 7.72 10.00 3.38
N ALA A 110 8.95 10.46 3.62
CA ALA A 110 10.01 10.32 2.65
C ALA A 110 10.86 9.06 2.77
N ILE A 111 10.88 8.42 3.94
CA ILE A 111 11.71 7.23 4.12
C ILE A 111 10.98 5.94 4.49
N LEU A 112 9.67 6.00 4.72
CA LEU A 112 8.89 4.81 5.09
C LEU A 112 8.00 4.19 4.03
N ASP A 113 8.25 2.92 3.74
CA ASP A 113 7.45 2.14 2.81
C ASP A 113 6.62 1.32 3.77
N PRO A 114 5.42 0.92 3.36
CA PRO A 114 4.57 0.13 4.22
C PRO A 114 5.28 -1.07 4.75
N GLY A 115 5.22 -1.25 6.08
CA GLY A 115 5.84 -2.39 6.71
C GLY A 115 7.19 -2.10 7.33
N ASP A 116 7.82 -0.99 6.95
CA ASP A 116 9.12 -0.63 7.52
C ASP A 116 8.95 -0.40 8.99
N GLU A 117 9.89 -0.88 9.79
CA GLU A 117 9.79 -0.70 11.23
C GLU A 117 10.58 0.50 11.71
N VAL A 118 10.03 1.17 12.72
CA VAL A 118 10.67 2.32 13.33
C VAL A 118 10.66 2.05 14.82
N ILE A 119 11.85 2.01 15.41
CA ILE A 119 11.96 1.79 16.85
C ILE A 119 11.73 3.12 17.57
N VAL A 120 10.82 3.09 18.56
CA VAL A 120 10.45 4.27 19.34
C VAL A 120 10.65 3.97 20.82
N LEU A 121 11.41 4.81 21.52
CA LEU A 121 11.72 4.63 22.96
C LEU A 121 10.64 5.24 23.84
N SER A 122 10.00 4.42 24.68
CA SER A 122 8.95 4.91 25.55
C SER A 122 9.43 5.20 26.99
N PRO A 123 8.82 6.19 27.67
CA PRO A 123 7.72 7.06 27.27
C PRO A 123 8.14 7.88 26.08
N TYR A 124 7.28 7.93 25.08
CA TYR A 124 7.58 8.67 23.86
C TYR A 124 6.55 9.79 23.67
N TRP A 125 6.89 10.78 22.86
CA TRP A 125 5.98 11.86 22.59
C TRP A 125 4.80 11.35 21.75
N VAL A 126 3.62 11.65 22.24
CA VAL A 126 2.36 11.31 21.63
C VAL A 126 2.35 11.19 20.10
N SER A 127 3.04 12.06 19.39
CA SER A 127 3.00 12.04 17.93
C SER A 127 3.86 11.08 17.12
N TYR A 128 4.94 10.58 17.71
CA TYR A 128 5.84 9.65 16.99
C TYR A 128 5.11 8.45 16.43
N PRO A 129 4.38 7.69 17.28
CA PRO A 129 3.65 6.51 16.80
C PRO A 129 2.63 6.85 15.72
N GLU A 130 1.89 7.96 15.90
CA GLU A 130 0.88 8.38 14.93
C GLU A 130 1.48 8.72 13.59
N MET A 131 2.58 9.44 13.59
CA MET A 131 3.22 9.80 12.33
C MET A 131 3.79 8.58 11.61
N VAL A 132 4.38 7.66 12.37
CA VAL A 132 4.98 6.46 11.79
C VAL A 132 3.94 5.62 11.06
N ARG A 133 2.83 5.34 11.73
CA ARG A 133 1.77 4.56 11.11
C ARG A 133 1.03 5.24 9.97
N PHE A 134 0.85 6.55 10.05
CA PHE A 134 0.17 7.29 8.98
C PHE A 134 0.98 7.15 7.68
N ALA A 135 2.28 6.92 7.80
CA ALA A 135 3.13 6.75 6.62
C ALA A 135 3.23 5.29 6.22
N GLY A 136 2.58 4.40 6.98
CA GLY A 136 2.61 2.98 6.68
C GLY A 136 3.63 2.13 7.43
N GLY A 137 4.41 2.73 8.30
CA GLY A 137 5.38 1.99 9.05
C GLY A 137 4.81 1.29 10.28
N VAL A 138 5.65 0.52 10.96
CA VAL A 138 5.24 -0.23 12.14
C VAL A 138 6.03 0.26 13.34
N VAL A 139 5.36 0.53 14.45
CA VAL A 139 6.07 1.01 15.64
C VAL A 139 6.56 -0.12 16.52
N VAL A 140 7.86 -0.16 16.76
CA VAL A 140 8.47 -1.18 17.59
C VAL A 140 8.90 -0.43 18.83
N GLU A 141 8.28 -0.72 19.97
CA GLU A 141 8.63 -0.05 21.21
C GLU A 141 9.73 -0.70 22.01
N VAL A 142 10.67 0.12 22.47
CA VAL A 142 11.75 -0.36 23.30
C VAL A 142 11.57 0.45 24.56
N GLU A 143 11.41 -0.25 25.67
CA GLU A 143 11.15 0.36 26.97
C GLU A 143 12.32 1.01 27.67
N THR A 144 12.01 2.15 28.27
CA THR A 144 12.97 2.94 29.03
C THR A 144 12.43 2.91 30.47
N LEU A 145 13.31 2.65 31.44
CA LEU A 145 12.87 2.52 32.83
C LEU A 145 13.15 3.68 33.76
N PRO A 146 12.20 4.00 34.64
CA PRO A 146 12.35 5.11 35.58
C PRO A 146 13.49 4.89 36.54
N GLU A 147 13.70 3.63 36.94
CA GLU A 147 14.76 3.28 37.85
C GLU A 147 16.11 3.46 37.15
N GLU A 148 16.08 3.60 35.83
CA GLU A 148 17.30 3.81 35.09
C GLU A 148 17.28 5.26 34.60
N GLY A 149 16.45 6.07 35.22
CA GLY A 149 16.34 7.48 34.89
C GLY A 149 15.78 7.78 33.54
N PHE A 150 15.06 6.83 32.99
CA PHE A 150 14.48 7.02 31.68
C PHE A 150 15.52 7.25 30.57
N VAL A 151 16.73 6.71 30.77
CA VAL A 151 17.81 6.78 29.78
C VAL A 151 17.81 5.40 29.07
N PRO A 152 17.86 5.38 27.73
CA PRO A 152 17.84 4.10 27.03
C PRO A 152 19.06 3.24 27.20
N ASP A 153 18.83 1.94 27.30
CA ASP A 153 19.88 0.94 27.42
C ASP A 153 20.08 0.44 25.99
N PRO A 154 21.18 0.82 25.35
CA PRO A 154 21.44 0.40 23.97
C PRO A 154 21.42 -1.11 23.72
N GLU A 155 21.40 -1.92 24.77
CA GLU A 155 21.34 -3.35 24.56
C GLU A 155 19.92 -3.79 24.32
N ARG A 156 18.96 -3.20 25.03
CA ARG A 156 17.56 -3.53 24.83
C ARG A 156 17.19 -3.07 23.43
N VAL A 157 17.85 -2.02 22.98
CA VAL A 157 17.58 -1.46 21.67
C VAL A 157 18.10 -2.40 20.59
N ARG A 158 19.30 -2.95 20.78
CA ARG A 158 19.87 -3.86 19.79
C ARG A 158 18.99 -5.10 19.61
N ARG A 159 18.39 -5.56 20.69
CA ARG A 159 17.55 -6.73 20.61
C ARG A 159 16.20 -6.52 19.91
N ALA A 160 15.90 -5.27 19.51
CA ALA A 160 14.64 -4.94 18.82
C ALA A 160 14.89 -4.68 17.34
N ILE A 161 16.16 -4.70 16.95
CA ILE A 161 16.51 -4.46 15.57
C ILE A 161 16.20 -5.72 14.77
N THR A 162 15.66 -5.55 13.56
CA THR A 162 15.32 -6.67 12.69
C THR A 162 15.69 -6.26 11.29
N PRO A 163 15.50 -7.16 10.31
CA PRO A 163 15.84 -6.79 8.93
C PRO A 163 14.92 -5.67 8.43
N ARG A 164 13.79 -5.50 9.11
CA ARG A 164 12.83 -4.48 8.72
C ARG A 164 13.06 -3.07 9.27
N THR A 165 13.98 -2.94 10.22
CA THR A 165 14.26 -1.65 10.82
C THR A 165 14.75 -0.58 9.85
N LYS A 166 13.95 0.49 9.70
CA LYS A 166 14.28 1.60 8.82
C LYS A 166 14.78 2.82 9.59
N ALA A 167 14.31 3.00 10.82
CA ALA A 167 14.74 4.16 11.64
C ALA A 167 14.63 3.90 13.14
N LEU A 168 15.29 4.76 13.91
CA LEU A 168 15.28 4.72 15.38
C LEU A 168 15.12 6.17 15.80
N VAL A 169 14.15 6.44 16.67
CA VAL A 169 13.91 7.82 17.10
C VAL A 169 14.41 8.09 18.48
N VAL A 170 15.34 9.04 18.61
CA VAL A 170 15.87 9.46 19.90
C VAL A 170 15.43 10.92 20.16
N ASN A 171 15.09 11.21 21.41
CA ASN A 171 14.62 12.54 21.80
C ASN A 171 15.28 12.98 23.11
N SER A 172 16.29 13.85 23.01
CA SER A 172 17.00 14.36 24.17
C SER A 172 17.42 15.83 24.04
N PRO A 173 17.01 16.71 24.99
CA PRO A 173 16.20 16.45 26.18
C PRO A 173 14.85 15.87 25.77
N ASN A 174 14.32 14.99 26.61
CA ASN A 174 13.12 14.26 26.37
C ASN A 174 11.79 14.84 26.83
N ASN A 175 10.76 14.57 26.03
CA ASN A 175 9.37 14.92 26.32
C ASN A 175 8.76 13.50 26.25
N PRO A 176 8.03 13.06 27.29
CA PRO A 176 7.64 13.69 28.56
C PRO A 176 8.53 13.53 29.77
N THR A 177 9.60 12.75 29.67
CA THR A 177 10.43 12.47 30.84
C THR A 177 11.38 13.56 31.32
N GLY A 178 11.81 14.43 30.41
CA GLY A 178 12.71 15.50 30.79
C GLY A 178 14.13 15.02 30.96
N ALA A 179 14.37 13.76 30.61
CA ALA A 179 15.71 13.19 30.74
C ALA A 179 16.65 13.69 29.67
N VAL A 180 17.93 13.75 30.02
CA VAL A 180 18.99 14.17 29.10
C VAL A 180 19.93 12.97 29.03
N TYR A 181 19.98 12.32 27.87
CA TYR A 181 20.82 11.15 27.67
C TYR A 181 22.28 11.54 27.54
N PRO A 182 23.17 10.75 28.16
CA PRO A 182 24.62 10.95 28.16
C PRO A 182 25.23 10.76 26.78
N LYS A 183 26.34 11.44 26.54
CA LYS A 183 27.10 11.34 25.29
C LYS A 183 27.40 9.89 24.91
N GLU A 184 27.78 9.07 25.89
CA GLU A 184 28.10 7.66 25.67
C GLU A 184 26.94 6.89 25.10
N VAL A 185 25.76 7.06 25.70
CA VAL A 185 24.56 6.37 25.24
C VAL A 185 24.17 6.79 23.83
N LEU A 186 24.31 8.08 23.53
CA LEU A 186 24.00 8.58 22.21
C LEU A 186 24.98 8.05 21.18
N GLU A 187 26.26 7.96 21.54
CA GLU A 187 27.26 7.43 20.60
C GLU A 187 26.94 5.95 20.30
N ALA A 188 26.49 5.22 21.32
CA ALA A 188 26.15 3.81 21.20
C ALA A 188 24.99 3.60 20.24
N LEU A 189 23.94 4.41 20.40
CA LEU A 189 22.77 4.32 19.54
C LEU A 189 23.17 4.68 18.11
N ALA A 190 24.03 5.68 17.96
CA ALA A 190 24.49 6.10 16.64
C ALA A 190 25.25 4.98 15.95
N ARG A 191 26.01 4.20 16.72
CA ARG A 191 26.79 3.08 16.18
C ARG A 191 25.88 1.96 15.70
N LEU A 192 24.80 1.70 16.43
CA LEU A 192 23.85 0.67 16.03
C LEU A 192 23.28 0.98 14.67
N ALA A 193 23.01 2.26 14.41
CA ALA A 193 22.45 2.69 13.16
C ALA A 193 23.42 2.47 12.01
N VAL A 194 24.69 2.68 12.27
CA VAL A 194 25.72 2.51 11.26
C VAL A 194 25.96 1.03 11.00
N GLU A 195 26.08 0.28 12.08
CA GLU A 195 26.33 -1.16 12.07
C GLU A 195 25.21 -1.94 11.40
N HIS A 196 23.97 -1.55 11.70
CA HIS A 196 22.80 -2.22 11.14
C HIS A 196 22.19 -1.51 9.96
N ASP A 197 22.80 -0.41 9.56
CA ASP A 197 22.36 0.36 8.41
C ASP A 197 20.93 0.88 8.42
N PHE A 198 20.63 1.81 9.32
CA PHE A 198 19.31 2.42 9.38
C PHE A 198 19.43 3.88 9.78
N TYR A 199 18.34 4.63 9.74
CA TYR A 199 18.37 6.06 10.07
C TYR A 199 18.18 6.36 11.55
N LEU A 200 18.97 7.30 12.05
CA LEU A 200 18.85 7.76 13.44
C LEU A 200 18.16 9.09 13.24
N VAL A 201 17.01 9.25 13.89
CA VAL A 201 16.22 10.49 13.84
C VAL A 201 16.35 11.09 15.25
N SER A 202 17.13 12.16 15.34
CA SER A 202 17.37 12.82 16.62
C SER A 202 16.58 14.12 16.74
N ASP A 203 15.59 14.10 17.64
CA ASP A 203 14.71 15.24 17.90
C ASP A 203 15.30 16.08 19.06
N GLU A 204 15.95 17.17 18.69
CA GLU A 204 16.60 18.04 19.65
C GLU A 204 15.98 19.40 19.99
N ILE A 205 14.68 19.63 19.70
CA ILE A 205 14.02 20.93 19.99
C ILE A 205 14.24 21.49 21.41
N TYR A 206 14.44 20.63 22.41
CA TYR A 206 14.67 21.14 23.76
C TYR A 206 16.15 21.31 24.12
N GLU A 207 17.03 21.38 23.12
CA GLU A 207 18.46 21.49 23.39
C GLU A 207 18.90 22.62 24.32
N HIS A 208 18.21 23.76 24.28
CA HIS A 208 18.57 24.91 25.13
C HIS A 208 17.96 24.97 26.52
N LEU A 209 16.95 24.15 26.77
CA LEU A 209 16.31 24.12 28.08
C LEU A 209 16.94 22.94 28.80
N LEU A 210 18.21 23.11 29.13
CA LEU A 210 19.03 22.10 29.81
C LEU A 210 19.52 22.71 31.11
N TYR A 211 19.38 21.97 32.21
CA TYR A 211 19.81 22.49 33.50
C TYR A 211 21.04 21.77 34.05
N GLU A 212 21.18 20.48 33.75
CA GLU A 212 22.33 19.71 34.20
C GLU A 212 22.84 18.88 33.05
N GLY A 213 24.16 18.79 32.93
CA GLY A 213 24.79 18.00 31.88
C GLY A 213 25.03 18.76 30.61
N GLU A 214 25.32 18.04 29.53
CA GLU A 214 25.56 18.70 28.24
C GLU A 214 24.81 18.03 27.12
N HIS A 215 24.48 18.81 26.09
CA HIS A 215 23.73 18.33 24.94
C HIS A 215 24.65 17.81 23.86
N PHE A 216 24.53 16.52 23.55
CA PHE A 216 25.35 15.88 22.51
C PHE A 216 24.52 15.57 21.25
N SER A 217 25.05 15.90 20.08
CA SER A 217 24.35 15.60 18.84
C SER A 217 24.93 14.32 18.22
N PRO A 218 24.13 13.23 18.14
CA PRO A 218 24.58 11.96 17.58
C PRO A 218 25.08 12.12 16.13
N GLY A 219 24.59 13.15 15.44
CA GLY A 219 25.00 13.40 14.09
C GLY A 219 26.49 13.60 13.91
N ARG A 220 27.21 13.81 15.00
CA ARG A 220 28.66 13.97 14.92
C ARG A 220 29.27 12.61 14.66
N VAL A 221 28.73 11.61 15.30
CA VAL A 221 29.20 10.24 15.18
C VAL A 221 28.78 9.52 13.90
N ALA A 222 27.51 9.60 13.53
CA ALA A 222 27.01 8.93 12.32
C ALA A 222 26.35 9.97 11.43
N PRO A 223 27.15 10.81 10.79
CA PRO A 223 26.65 11.86 9.90
C PRO A 223 25.87 11.47 8.66
N GLU A 224 26.09 10.29 8.11
CA GLU A 224 25.37 9.87 6.91
C GLU A 224 24.10 9.09 7.18
N HIS A 225 23.85 8.81 8.46
CA HIS A 225 22.69 8.05 8.91
C HIS A 225 21.78 8.89 9.77
N THR A 226 22.24 10.06 10.21
CA THR A 226 21.47 10.88 11.12
C THR A 226 20.70 12.06 10.53
N LEU A 227 19.48 12.25 11.02
CA LEU A 227 18.61 13.35 10.64
C LEU A 227 18.33 14.07 11.94
N THR A 228 18.87 15.28 12.07
CA THR A 228 18.69 16.09 13.27
C THR A 228 17.51 17.03 13.07
N VAL A 229 16.55 16.95 13.97
CA VAL A 229 15.37 17.78 13.90
C VAL A 229 15.41 18.76 15.05
N ASN A 230 15.08 20.01 14.76
CA ASN A 230 15.10 21.06 15.75
C ASN A 230 14.06 22.10 15.36
N GLY A 231 14.07 23.23 16.07
CA GLY A 231 13.13 24.31 15.78
C GLY A 231 13.30 25.53 16.66
N ALA A 232 12.61 26.61 16.32
CA ALA A 232 12.68 27.85 17.08
C ALA A 232 11.66 27.89 18.21
N ALA A 233 10.71 26.97 18.17
CA ALA A 233 9.64 26.87 19.14
C ALA A 233 9.96 26.99 20.63
N LYS A 234 10.80 26.11 21.17
CA LYS A 234 11.09 26.14 22.59
C LYS A 234 12.17 27.14 23.00
N ALA A 235 13.25 27.20 22.22
CA ALA A 235 14.35 28.08 22.53
C ALA A 235 13.98 29.55 22.60
N PHE A 236 13.21 30.01 21.61
CA PHE A 236 12.83 31.42 21.53
C PHE A 236 11.38 31.77 21.79
N ALA A 237 10.62 30.84 22.35
CA ALA A 237 9.23 31.10 22.62
C ALA A 237 8.51 31.51 21.33
N MET A 238 8.73 30.74 20.26
CA MET A 238 8.13 31.01 18.95
C MET A 238 7.22 29.88 18.51
N THR A 239 6.44 29.34 19.43
CA THR A 239 5.55 28.21 19.12
C THR A 239 4.52 28.51 18.07
N GLY A 240 3.87 29.66 18.16
CA GLY A 240 2.86 30.00 17.18
C GLY A 240 3.38 30.49 15.85
N TRP A 241 4.69 30.62 15.71
CA TRP A 241 5.30 31.10 14.45
C TRP A 241 5.48 29.98 13.41
N ARG A 242 5.44 28.75 13.90
CA ARG A 242 5.55 27.54 13.09
C ARG A 242 6.80 27.46 12.24
N ILE A 243 7.96 27.47 12.87
CA ILE A 243 9.21 27.36 12.12
C ILE A 243 10.11 26.31 12.71
N GLY A 244 10.38 25.29 11.94
CA GLY A 244 11.25 24.23 12.40
C GLY A 244 12.33 24.04 11.37
N TYR A 245 13.34 23.27 11.72
CA TYR A 245 14.45 23.03 10.79
C TYR A 245 15.08 21.69 11.07
N ALA A 246 15.78 21.18 10.08
CA ALA A 246 16.44 19.88 10.19
C ALA A 246 17.61 19.82 9.23
N CYS A 247 18.56 18.94 9.52
CA CYS A 247 19.70 18.74 8.63
C CYS A 247 20.04 17.24 8.56
N GLY A 248 20.75 16.84 7.53
CA GLY A 248 21.12 15.45 7.43
C GLY A 248 21.54 15.14 6.02
N PRO A 249 21.56 13.85 5.65
CA PRO A 249 21.95 13.43 4.31
C PRO A 249 21.17 14.22 3.27
N LYS A 250 21.90 14.83 2.33
CA LYS A 250 21.36 15.65 1.26
C LYS A 250 20.20 15.02 0.47
N GLU A 251 20.26 13.72 0.26
CA GLU A 251 19.21 13.06 -0.49
C GLU A 251 17.91 13.01 0.26
N VAL A 252 18.00 12.79 1.57
CA VAL A 252 16.80 12.75 2.41
C VAL A 252 16.22 14.17 2.55
N ILE A 253 17.10 15.15 2.70
CA ILE A 253 16.66 16.54 2.84
C ILE A 253 15.95 16.98 1.58
N LYS A 254 16.51 16.61 0.43
CA LYS A 254 15.97 16.94 -0.87
C LYS A 254 14.61 16.27 -1.07
N ALA A 255 14.43 15.09 -0.48
CA ALA A 255 13.17 14.37 -0.58
C ALA A 255 12.13 15.07 0.27
N MET A 256 12.56 15.56 1.43
CA MET A 256 11.67 16.29 2.33
C MET A 256 11.16 17.60 1.75
N ALA A 257 12.00 18.32 1.00
CA ALA A 257 11.56 19.58 0.38
C ALA A 257 10.59 19.32 -0.74
N SER A 258 10.62 18.10 -1.27
CA SER A 258 9.75 17.71 -2.37
C SER A 258 8.35 17.50 -1.82
N VAL A 259 8.26 16.89 -0.65
CA VAL A 259 6.98 16.66 0.00
C VAL A 259 6.40 18.02 0.36
N SER A 260 7.27 18.93 0.80
CA SER A 260 6.86 20.28 1.14
C SER A 260 6.28 21.00 -0.05
N SER A 261 6.92 20.88 -1.21
CA SER A 261 6.40 21.56 -2.39
C SER A 261 5.00 21.11 -2.81
N GLN A 262 4.64 19.86 -2.50
CA GLN A 262 3.32 19.34 -2.86
C GLN A 262 2.33 19.33 -1.69
N SER A 263 2.70 19.97 -0.58
CA SER A 263 1.81 20.08 0.58
C SER A 263 1.64 21.52 1.10
N THR A 264 2.72 22.13 1.58
CA THR A 264 2.61 23.49 2.11
C THR A 264 3.39 24.57 1.33
N THR A 265 4.04 24.17 0.25
CA THR A 265 4.90 25.01 -0.59
C THR A 265 6.17 25.36 0.21
N SER A 266 6.02 26.25 1.21
CA SER A 266 7.13 26.67 2.07
C SER A 266 6.54 27.35 3.29
N PRO A 267 7.30 27.40 4.41
CA PRO A 267 6.73 28.07 5.58
C PRO A 267 6.55 29.58 5.36
N ASP A 268 5.83 30.21 6.28
CA ASP A 268 5.54 31.65 6.31
C ASP A 268 6.82 32.48 6.04
N THR A 269 6.81 33.31 5.01
CA THR A 269 7.99 34.13 4.68
C THR A 269 8.40 35.11 5.79
N ILE A 270 7.42 35.74 6.44
CA ILE A 270 7.71 36.68 7.52
C ILE A 270 8.32 35.93 8.72
N ALA A 271 7.77 34.79 9.07
CA ALA A 271 8.29 33.99 10.19
C ALA A 271 9.71 33.51 9.89
N GLN A 272 10.04 33.34 8.61
CA GLN A 272 11.37 32.88 8.21
C GLN A 272 12.39 33.96 8.48
N TRP A 273 12.10 35.18 8.05
CA TRP A 273 13.02 36.29 8.31
C TRP A 273 13.14 36.55 9.81
N ALA A 274 12.04 36.42 10.54
CA ALA A 274 12.05 36.60 11.99
C ALA A 274 13.05 35.62 12.60
N THR A 275 13.00 34.37 12.15
CA THR A 275 13.89 33.32 12.64
C THR A 275 15.36 33.58 12.30
N LEU A 276 15.60 34.14 11.12
CA LEU A 276 16.96 34.46 10.70
C LEU A 276 17.59 35.36 11.77
N GLU A 277 16.79 36.27 12.33
CA GLU A 277 17.24 37.20 13.35
C GLU A 277 17.56 36.48 14.66
N ALA A 278 16.69 35.55 15.04
CA ALA A 278 16.89 34.81 16.27
C ALA A 278 18.21 34.04 16.22
N LEU A 279 18.58 33.57 15.04
CA LEU A 279 19.82 32.81 14.91
C LEU A 279 21.08 33.63 14.75
N THR A 280 21.01 34.74 14.01
CA THR A 280 22.18 35.58 13.76
C THR A 280 22.49 36.59 14.87
N ASN A 281 21.46 37.10 15.53
CA ASN A 281 21.63 38.05 16.60
C ASN A 281 21.91 37.25 17.85
N GLN A 282 23.15 36.78 17.97
CA GLN A 282 23.58 35.95 19.09
C GLN A 282 23.53 36.59 20.45
N GLU A 283 23.92 37.86 20.53
CA GLU A 283 23.92 38.55 21.82
C GLU A 283 22.52 38.62 22.43
N ALA A 284 21.56 39.04 21.62
CA ALA A 284 20.19 39.20 22.05
C ALA A 284 19.50 37.89 22.39
N SER A 285 19.69 36.89 21.54
CA SER A 285 19.06 35.60 21.76
C SER A 285 19.66 34.87 22.93
N ARG A 286 20.99 34.93 23.03
CA ARG A 286 21.69 34.30 24.14
C ARG A 286 21.18 34.86 25.47
N ALA A 287 20.84 36.14 25.46
CA ALA A 287 20.33 36.79 26.64
C ALA A 287 18.95 36.26 27.03
N PHE A 288 18.07 36.08 26.03
CA PHE A 288 16.75 35.54 26.30
C PHE A 288 16.88 34.11 26.83
N VAL A 289 17.64 33.29 26.12
CA VAL A 289 17.83 31.91 26.53
C VAL A 289 18.35 31.75 27.95
N GLU A 290 19.32 32.56 28.35
CA GLU A 290 19.86 32.46 29.70
C GLU A 290 18.81 32.81 30.71
N MET A 291 18.04 33.84 30.41
CA MET A 291 16.99 34.30 31.31
C MET A 291 15.86 33.33 31.51
N ALA A 292 15.41 32.72 30.42
CA ALA A 292 14.32 31.76 30.48
C ALA A 292 14.76 30.50 31.20
N ARG A 293 15.96 30.01 30.88
CA ARG A 293 16.48 28.79 31.49
C ARG A 293 16.52 28.85 33.01
N GLU A 294 17.05 29.94 33.53
CA GLU A 294 17.15 30.09 34.98
C GLU A 294 15.78 30.19 35.64
N ALA A 295 14.78 30.72 34.92
CA ALA A 295 13.43 30.81 35.45
C ALA A 295 12.80 29.41 35.52
N TYR A 296 13.04 28.59 34.49
CA TYR A 296 12.53 27.24 34.43
C TYR A 296 13.21 26.42 35.50
N ARG A 297 14.52 26.58 35.64
CA ARG A 297 15.29 25.86 36.63
C ARG A 297 14.72 26.12 38.00
N ARG A 298 14.44 27.38 38.26
CA ARG A 298 13.89 27.84 39.53
C ARG A 298 12.50 27.24 39.77
N ARG A 299 11.75 27.03 38.70
CA ARG A 299 10.42 26.44 38.80
C ARG A 299 10.51 24.92 38.96
N ARG A 300 11.52 24.30 38.35
CA ARG A 300 11.70 22.86 38.44
C ARG A 300 11.92 22.52 39.90
N ASP A 301 12.96 23.13 40.47
CA ASP A 301 13.32 22.91 41.86
C ASP A 301 12.16 23.13 42.80
N LEU A 302 11.38 24.17 42.55
CA LEU A 302 10.21 24.49 43.37
C LEU A 302 9.20 23.34 43.33
N LEU A 303 8.85 22.90 42.12
CA LEU A 303 7.90 21.81 41.90
C LEU A 303 8.37 20.52 42.56
N LEU A 304 9.58 20.09 42.23
CA LEU A 304 10.15 18.86 42.76
C LEU A 304 10.22 18.81 44.26
N GLU A 305 10.60 19.91 44.89
CA GLU A 305 10.67 19.91 46.34
C GLU A 305 9.30 19.70 46.95
N GLY A 306 8.29 20.28 46.31
CA GLY A 306 6.93 20.17 46.80
C GLY A 306 6.35 18.78 46.65
N LEU A 307 6.71 18.10 45.56
CA LEU A 307 6.23 16.74 45.33
C LEU A 307 6.88 15.84 46.36
N THR A 308 8.19 15.97 46.51
CA THR A 308 8.97 15.20 47.47
C THR A 308 8.35 15.30 48.87
N ALA A 309 7.96 16.51 49.24
CA ALA A 309 7.36 16.76 50.54
C ALA A 309 5.99 16.11 50.68
N LEU A 310 5.26 15.98 49.57
CA LEU A 310 3.94 15.37 49.60
C LEU A 310 4.06 13.86 49.44
N GLY A 311 5.27 13.36 49.19
CA GLY A 311 5.46 11.94 49.06
C GLY A 311 5.09 11.37 47.70
N LEU A 312 5.13 12.20 46.66
CA LEU A 312 4.81 11.78 45.30
C LEU A 312 6.12 11.58 44.58
N LYS A 313 6.24 10.48 43.84
CA LYS A 313 7.50 10.17 43.17
C LYS A 313 7.58 10.77 41.77
N ALA A 314 8.81 11.07 41.35
CA ALA A 314 9.06 11.64 40.05
C ALA A 314 10.55 11.68 39.79
N VAL A 315 10.99 11.20 38.63
CA VAL A 315 12.40 11.22 38.28
C VAL A 315 12.81 12.68 38.01
N ARG A 316 13.91 13.12 38.63
CA ARG A 316 14.42 14.50 38.50
C ARG A 316 14.89 14.85 37.09
N PRO A 317 14.11 15.70 36.36
CA PRO A 317 14.40 16.12 35.00
C PRO A 317 15.62 17.02 34.87
N SER A 318 16.36 16.89 33.78
CA SER A 318 17.54 17.70 33.55
C SER A 318 17.39 18.62 32.33
N GLY A 319 16.23 18.56 31.67
CA GLY A 319 15.99 19.38 30.50
C GLY A 319 14.51 19.47 30.16
N ALA A 320 14.17 20.23 29.11
CA ALA A 320 12.78 20.43 28.69
C ALA A 320 12.05 21.04 29.87
N PHE A 321 10.72 21.05 29.86
CA PHE A 321 10.00 21.57 31.02
C PHE A 321 8.85 20.68 31.47
N TYR A 322 9.11 19.38 31.55
CA TYR A 322 8.11 18.39 31.95
C TYR A 322 8.62 17.49 33.05
N VAL A 323 7.70 16.86 33.76
CA VAL A 323 8.02 15.93 34.84
C VAL A 323 6.98 14.81 34.80
N LEU A 324 7.43 13.56 34.85
CA LEU A 324 6.50 12.45 34.89
C LEU A 324 6.33 12.10 36.36
N MET A 325 5.09 12.27 36.85
CA MET A 325 4.78 12.00 38.25
C MET A 325 4.02 10.71 38.45
N ASP A 326 4.53 9.88 39.35
CA ASP A 326 3.92 8.61 39.70
C ASP A 326 2.64 8.92 40.46
N THR A 327 1.51 8.54 39.89
CA THR A 327 0.21 8.79 40.49
C THR A 327 -0.39 7.67 41.38
N SER A 328 0.42 6.69 41.77
CA SER A 328 -0.05 5.59 42.61
C SER A 328 -0.76 6.06 43.87
N PRO A 329 -0.19 7.05 44.58
CA PRO A 329 -0.81 7.57 45.80
C PRO A 329 -2.20 8.16 45.60
N ILE A 330 -2.46 8.64 44.40
CA ILE A 330 -3.74 9.27 44.09
C ILE A 330 -4.80 8.31 43.59
N ALA A 331 -4.40 7.36 42.76
CA ALA A 331 -5.33 6.41 42.21
C ALA A 331 -4.61 5.21 41.66
N PRO A 332 -5.36 4.16 41.27
CA PRO A 332 -4.76 2.95 40.70
C PRO A 332 -4.27 3.09 39.26
N ASP A 333 -4.70 4.14 38.55
CA ASP A 333 -4.28 4.35 37.17
C ASP A 333 -4.31 5.83 36.78
N GLU A 334 -3.52 6.21 35.79
CA GLU A 334 -3.42 7.59 35.32
C GLU A 334 -4.72 8.22 34.90
N VAL A 335 -5.63 7.45 34.32
CA VAL A 335 -6.89 8.04 33.88
C VAL A 335 -7.74 8.44 35.09
N ARG A 336 -7.89 7.54 36.05
CA ARG A 336 -8.68 7.84 37.23
C ARG A 336 -7.96 8.92 38.02
N ALA A 337 -6.63 8.85 38.05
CA ALA A 337 -5.79 9.80 38.76
C ALA A 337 -5.92 11.21 38.16
N ALA A 338 -5.94 11.31 36.84
CA ALA A 338 -6.07 12.59 36.17
C ALA A 338 -7.45 13.15 36.42
N GLU A 339 -8.44 12.26 36.60
CA GLU A 339 -9.81 12.68 36.87
C GLU A 339 -9.93 13.32 38.24
N ARG A 340 -9.31 12.70 39.25
CA ARG A 340 -9.33 13.24 40.59
C ARG A 340 -8.67 14.61 40.66
N LEU A 341 -7.53 14.75 39.99
CA LEU A 341 -6.78 16.01 39.97
C LEU A 341 -7.59 17.12 39.33
N LEU A 342 -8.28 16.80 38.25
CA LEU A 342 -9.08 17.79 37.56
C LEU A 342 -10.17 18.30 38.50
N GLU A 343 -10.82 17.40 39.21
CA GLU A 343 -11.84 17.84 40.12
C GLU A 343 -11.21 18.63 41.26
N ALA A 344 -9.94 18.37 41.62
CA ALA A 344 -9.28 19.11 42.70
C ALA A 344 -8.79 20.46 42.18
N GLY A 345 -9.07 20.74 40.91
CA GLY A 345 -8.69 21.99 40.30
C GLY A 345 -7.34 22.04 39.60
N VAL A 346 -6.78 20.88 39.24
CA VAL A 346 -5.50 20.83 38.55
C VAL A 346 -5.55 19.93 37.31
N ALA A 347 -5.24 20.49 36.15
CA ALA A 347 -5.27 19.74 34.90
C ALA A 347 -3.88 19.23 34.52
N VAL A 348 -3.75 17.91 34.36
CA VAL A 348 -2.48 17.29 33.97
C VAL A 348 -2.76 16.43 32.71
N VAL A 349 -1.71 15.98 32.03
CA VAL A 349 -1.90 15.13 30.85
C VAL A 349 -1.62 13.71 31.29
N PRO A 350 -2.64 12.82 31.22
CA PRO A 350 -2.36 11.44 31.63
C PRO A 350 -1.28 10.82 30.75
N GLY A 351 -0.45 9.96 31.35
CA GLY A 351 0.63 9.36 30.60
C GLY A 351 0.27 8.23 29.67
N THR A 352 -1.01 7.89 29.58
CA THR A 352 -1.47 6.78 28.74
C THR A 352 -0.88 6.78 27.34
N ASP A 353 -1.18 7.81 26.57
CA ASP A 353 -0.69 7.90 25.21
C ASP A 353 0.83 8.08 25.04
N PHE A 354 1.52 8.37 26.13
CA PHE A 354 2.98 8.50 26.08
C PHE A 354 3.56 7.13 26.39
N ALA A 355 2.67 6.21 26.76
CA ALA A 355 3.03 4.85 27.16
C ALA A 355 3.67 4.90 28.53
N ALA A 356 3.41 5.99 29.24
CA ALA A 356 3.92 6.20 30.58
C ALA A 356 2.77 5.90 31.50
N PHE A 357 2.41 4.63 31.59
CA PHE A 357 1.31 4.19 32.45
C PHE A 357 1.66 4.39 33.91
N GLY A 358 0.65 4.63 34.72
CA GLY A 358 0.87 4.85 36.13
C GLY A 358 1.45 6.22 36.41
N HIS A 359 1.66 7.03 35.37
CA HIS A 359 2.21 8.37 35.51
C HIS A 359 1.33 9.40 34.84
N VAL A 360 1.63 10.66 35.15
CA VAL A 360 0.90 11.80 34.63
C VAL A 360 2.00 12.80 34.31
N ARG A 361 1.84 13.61 33.26
CA ARG A 361 2.87 14.60 32.89
C ARG A 361 2.54 16.03 33.36
N LEU A 362 3.47 16.65 34.10
CA LEU A 362 3.29 18.03 34.57
C LEU A 362 4.24 18.93 33.80
N SER A 363 3.86 20.18 33.60
CA SER A 363 4.72 21.16 32.92
C SER A 363 4.96 22.32 33.86
N TYR A 364 6.22 22.68 34.05
CA TYR A 364 6.52 23.80 34.89
C TYR A 364 6.85 25.03 34.06
N ALA A 365 6.08 25.23 32.98
CA ALA A 365 6.23 26.37 32.12
C ALA A 365 5.14 27.40 32.44
N THR A 366 4.87 27.61 33.74
CA THR A 366 3.90 28.61 34.19
C THR A 366 4.49 29.31 35.39
N SER A 367 3.77 30.31 35.88
CA SER A 367 4.22 31.08 37.02
C SER A 367 4.44 30.25 38.26
N GLU A 368 5.34 30.74 39.12
CA GLU A 368 5.66 30.09 40.38
C GLU A 368 4.41 30.05 41.22
N GLU A 369 3.55 31.04 41.03
CA GLU A 369 2.30 31.12 41.77
C GLU A 369 1.40 29.94 41.40
N ASN A 370 1.32 29.66 40.10
CA ASN A 370 0.52 28.54 39.63
C ASN A 370 1.05 27.23 40.20
N LEU A 371 2.37 27.06 40.16
CA LEU A 371 3.00 25.85 40.67
C LEU A 371 2.67 25.67 42.15
N ARG A 372 2.83 26.74 42.94
CA ARG A 372 2.53 26.71 44.37
C ARG A 372 1.05 26.41 44.59
N LYS A 373 0.21 27.02 43.78
CA LYS A 373 -1.22 26.83 43.86
C LYS A 373 -1.60 25.37 43.56
N ALA A 374 -0.93 24.77 42.57
CA ALA A 374 -1.20 23.38 42.21
C ALA A 374 -0.73 22.47 43.33
N LEU A 375 0.42 22.77 43.92
CA LEU A 375 0.95 21.96 45.01
C LEU A 375 0.06 21.92 46.23
N GLU A 376 -0.76 22.96 46.41
CA GLU A 376 -1.68 23.00 47.55
C GLU A 376 -2.84 22.03 47.32
N ARG A 377 -3.33 22.02 46.09
CA ARG A 377 -4.43 21.15 45.72
C ARG A 377 -4.00 19.69 45.71
N PHE A 378 -2.73 19.43 45.38
CA PHE A 378 -2.22 18.08 45.39
C PHE A 378 -2.33 17.64 46.83
N ALA A 379 -1.91 18.53 47.72
CA ALA A 379 -1.93 18.27 49.15
C ALA A 379 -3.32 17.82 49.57
N ARG A 380 -4.34 18.63 49.34
CA ARG A 380 -5.69 18.23 49.75
C ARG A 380 -6.21 16.93 49.14
N VAL A 381 -5.79 16.62 47.93
CA VAL A 381 -6.20 15.37 47.27
C VAL A 381 -5.63 14.19 48.09
N LEU A 382 -4.43 14.37 48.60
CA LEU A 382 -3.81 13.34 49.41
C LEU A 382 -4.29 13.44 50.87
N MET B 1 17.58 -1.32 6.64
CA MET B 1 18.29 -0.68 5.49
C MET B 1 17.89 0.79 5.35
N ARG B 2 18.68 1.54 4.60
CA ARG B 2 18.37 2.94 4.38
C ARG B 2 17.74 3.06 3.01
N GLY B 3 17.24 4.24 2.67
CA GLY B 3 16.63 4.46 1.38
C GLY B 3 15.32 5.24 1.42
N LEU B 4 15.01 5.95 0.36
CA LEU B 4 13.80 6.74 0.28
C LEU B 4 12.59 5.89 -0.01
N SER B 5 11.41 6.36 0.35
CA SER B 5 10.18 5.61 0.10
C SER B 5 9.85 5.64 -1.37
N ARG B 6 9.00 4.72 -1.82
CA ARG B 6 8.62 4.66 -3.22
C ARG B 6 7.72 5.82 -3.58
N ARG B 7 6.83 6.20 -2.68
CA ARG B 7 5.93 7.32 -2.98
C ARG B 7 6.68 8.62 -3.26
N VAL B 8 7.73 8.89 -2.49
CA VAL B 8 8.49 10.10 -2.69
C VAL B 8 9.34 9.94 -3.94
N GLN B 9 9.71 8.72 -4.28
CA GLN B 9 10.51 8.48 -5.47
C GLN B 9 9.68 8.64 -6.72
N ALA B 10 8.38 8.43 -6.59
CA ALA B 10 7.48 8.54 -7.73
C ALA B 10 7.05 9.97 -7.99
N MET B 11 6.98 10.74 -6.92
CA MET B 11 6.54 12.13 -6.98
C MET B 11 7.42 13.13 -7.71
N LYS B 12 6.77 14.01 -8.45
CA LYS B 12 7.47 15.08 -9.19
C LYS B 12 7.34 16.33 -8.33
N PRO B 13 8.47 16.96 -7.96
CA PRO B 13 8.33 18.18 -7.15
C PRO B 13 7.75 19.27 -8.08
N SER B 14 6.98 20.19 -7.52
CA SER B 14 6.34 21.25 -8.30
C SER B 14 7.13 21.80 -9.50
N ALA B 15 6.57 21.62 -10.69
CA ALA B 15 7.21 22.08 -11.92
C ALA B 15 7.16 23.60 -12.10
N THR B 16 6.06 24.21 -11.67
CA THR B 16 5.89 25.66 -11.78
C THR B 16 6.88 26.32 -10.83
N VAL B 17 7.01 25.74 -9.64
CA VAL B 17 7.93 26.23 -8.63
C VAL B 17 9.35 26.14 -9.20
N ALA B 18 9.66 25.00 -9.82
CA ALA B 18 10.96 24.77 -10.41
C ALA B 18 11.34 25.79 -11.52
N VAL B 19 10.43 26.05 -12.46
CA VAL B 19 10.73 26.98 -13.56
C VAL B 19 10.87 28.41 -13.08
N ASN B 20 10.23 28.71 -11.95
CA ASN B 20 10.30 30.05 -11.37
C ASN B 20 11.68 30.28 -10.79
N ALA B 21 12.20 29.26 -10.13
CA ALA B 21 13.52 29.32 -9.54
C ALA B 21 14.56 29.58 -10.62
N LYS B 22 14.42 28.86 -11.74
CA LYS B 22 15.34 28.97 -12.86
C LYS B 22 15.35 30.37 -13.46
N ALA B 23 14.16 30.93 -13.68
CA ALA B 23 14.03 32.26 -14.27
C ALA B 23 14.52 33.32 -13.30
N LEU B 24 14.42 33.03 -12.01
CA LEU B 24 14.88 33.95 -11.00
C LEU B 24 16.40 33.90 -10.87
N GLU B 25 16.96 32.70 -11.01
CA GLU B 25 18.40 32.55 -10.90
C GLU B 25 19.10 33.13 -12.12
N LEU B 26 18.43 33.08 -13.27
CA LEU B 26 19.00 33.63 -14.50
C LEU B 26 19.16 35.15 -14.42
N ARG B 27 18.22 35.81 -13.75
CA ARG B 27 18.27 37.25 -13.60
C ARG B 27 19.40 37.66 -12.65
N ARG B 28 19.74 36.75 -11.73
CA ARG B 28 20.83 37.02 -10.80
C ARG B 28 22.12 36.95 -11.60
N GLN B 29 22.14 36.07 -12.60
CA GLN B 29 23.29 35.90 -13.48
C GLN B 29 23.44 37.14 -14.34
N GLY B 30 22.52 38.10 -14.15
CA GLY B 30 22.54 39.35 -14.89
C GLY B 30 21.83 39.25 -16.22
N VAL B 31 21.25 38.08 -16.49
CA VAL B 31 20.54 37.84 -17.74
C VAL B 31 19.29 38.69 -17.79
N ASP B 32 19.10 39.35 -18.92
CA ASP B 32 17.93 40.18 -19.05
C ASP B 32 16.79 39.31 -19.59
N LEU B 33 15.87 38.95 -18.69
CA LEU B 33 14.72 38.19 -19.12
C LEU B 33 13.45 38.67 -18.43
N VAL B 34 12.35 38.53 -19.15
CA VAL B 34 11.04 38.91 -18.66
C VAL B 34 10.39 37.62 -18.21
N ALA B 35 10.04 37.55 -16.94
CA ALA B 35 9.43 36.35 -16.41
C ALA B 35 7.90 36.45 -16.44
N LEU B 36 7.28 35.51 -17.11
CA LEU B 36 5.82 35.47 -17.18
C LEU B 36 5.38 34.14 -16.54
N THR B 37 6.17 33.69 -15.56
CA THR B 37 5.96 32.43 -14.87
C THR B 37 5.27 32.55 -13.52
N ALA B 38 5.26 33.75 -12.96
CA ALA B 38 4.67 34.00 -11.64
C ALA B 38 3.21 33.61 -11.48
N GLY B 39 2.89 33.05 -10.32
CA GLY B 39 1.52 32.68 -10.03
C GLY B 39 1.09 33.45 -8.79
N GLU B 40 1.60 34.66 -8.65
CA GLU B 40 1.30 35.49 -7.49
C GLU B 40 1.22 36.97 -7.83
N PRO B 41 0.32 37.69 -7.15
CA PRO B 41 0.11 39.13 -7.36
C PRO B 41 1.38 39.91 -7.23
N ASP B 42 1.50 41.00 -7.99
CA ASP B 42 2.71 41.83 -7.91
C ASP B 42 2.50 42.89 -6.83
N PHE B 43 1.25 43.06 -6.43
CA PHE B 43 0.92 44.01 -5.39
C PHE B 43 1.37 43.41 -4.06
N ASP B 44 1.70 44.26 -3.11
CA ASP B 44 2.12 43.83 -1.77
C ASP B 44 0.79 43.64 -1.03
N THR B 45 0.83 43.03 0.14
CA THR B 45 -0.40 42.82 0.87
C THR B 45 -0.86 44.16 1.43
N PRO B 46 -2.16 44.45 1.33
CA PRO B 46 -2.71 45.73 1.83
C PRO B 46 -2.31 46.10 3.24
N GLU B 47 -2.21 47.40 3.51
CA GLU B 47 -1.82 47.90 4.82
C GLU B 47 -2.67 47.47 6.00
N HIS B 48 -3.98 47.44 5.82
CA HIS B 48 -4.81 47.04 6.94
C HIS B 48 -4.44 45.65 7.45
N VAL B 49 -4.08 44.77 6.53
CA VAL B 49 -3.71 43.42 6.89
C VAL B 49 -2.38 43.45 7.64
N LYS B 50 -1.43 44.26 7.19
CA LYS B 50 -0.13 44.35 7.88
C LYS B 50 -0.30 44.90 9.30
N GLU B 51 -1.21 45.86 9.44
CA GLU B 51 -1.46 46.45 10.75
C GLU B 51 -2.03 45.41 11.70
N ALA B 52 -2.95 44.60 11.20
CA ALA B 52 -3.57 43.57 12.03
C ALA B 52 -2.47 42.63 12.54
N ALA B 53 -1.45 42.42 11.70
CA ALA B 53 -0.32 41.57 12.06
C ALA B 53 0.53 42.23 13.13
N ARG B 54 0.83 43.51 12.95
CA ARG B 54 1.63 44.25 13.93
C ARG B 54 0.92 44.33 15.26
N ARG B 55 -0.39 44.46 15.21
CA ARG B 55 -1.20 44.53 16.40
C ARG B 55 -1.13 43.19 17.13
N ALA B 56 -1.11 42.08 16.38
CA ALA B 56 -1.04 40.75 16.98
C ALA B 56 0.32 40.56 17.62
N LEU B 57 1.36 40.97 16.91
CA LEU B 57 2.73 40.85 17.42
C LEU B 57 2.85 41.55 18.74
N ALA B 58 2.34 42.78 18.79
CA ALA B 58 2.40 43.61 19.99
C ALA B 58 1.59 43.06 21.14
N GLN B 59 0.47 42.40 20.84
CA GLN B 59 -0.39 41.81 21.85
C GLN B 59 0.09 40.44 22.34
N GLY B 60 1.23 40.00 21.85
CA GLY B 60 1.75 38.72 22.27
C GLY B 60 0.99 37.50 21.79
N LYS B 61 0.37 37.60 20.61
CA LYS B 61 -0.39 36.49 20.04
C LYS B 61 0.57 35.65 19.20
N THR B 62 1.49 35.00 19.91
CA THR B 62 2.53 34.17 19.32
C THR B 62 2.53 32.69 19.79
N LYS B 63 1.45 32.24 20.44
CA LYS B 63 1.39 30.87 20.94
C LYS B 63 0.70 29.93 19.96
N TYR B 64 0.69 28.63 20.23
CA TYR B 64 0.05 27.68 19.31
C TYR B 64 -1.45 27.97 19.15
N ALA B 65 -1.98 27.84 17.94
CA ALA B 65 -3.41 28.03 17.68
C ALA B 65 -3.99 26.63 17.50
N PRO B 66 -5.31 26.46 17.64
CA PRO B 66 -5.89 25.12 17.49
C PRO B 66 -5.68 24.57 16.09
N PRO B 67 -5.66 23.24 15.93
CA PRO B 67 -5.47 22.55 14.65
C PRO B 67 -6.40 23.03 13.52
N ALA B 68 -7.64 23.35 13.87
CA ALA B 68 -8.59 23.83 12.87
C ALA B 68 -8.53 25.36 12.69
N GLY B 69 -7.77 26.03 13.57
CA GLY B 69 -7.62 27.47 13.48
C GLY B 69 -8.22 28.22 14.65
N ILE B 70 -7.82 29.47 14.85
CA ILE B 70 -8.38 30.28 15.95
C ILE B 70 -9.87 30.43 15.68
N PRO B 71 -10.70 30.26 16.72
CA PRO B 71 -12.17 30.34 16.65
C PRO B 71 -12.67 31.56 15.91
N GLU B 72 -12.03 32.69 16.17
CA GLU B 72 -12.39 33.96 15.56
C GLU B 72 -12.31 33.88 14.05
N LEU B 73 -11.27 33.23 13.52
CA LEU B 73 -11.16 33.13 12.06
C LEU B 73 -12.22 32.17 11.52
N ARG B 74 -12.50 31.10 12.27
CA ARG B 74 -13.49 30.14 11.83
C ARG B 74 -14.86 30.75 11.73
N GLU B 75 -15.15 31.68 12.65
CA GLU B 75 -16.45 32.35 12.61
C GLU B 75 -16.56 33.29 11.44
N ALA B 76 -15.46 33.99 11.13
CA ALA B 76 -15.42 34.90 10.01
C ALA B 76 -15.46 34.10 8.71
N LEU B 77 -14.91 32.90 8.73
CA LEU B 77 -14.90 32.03 7.56
C LEU B 77 -16.31 31.57 7.29
N ALA B 78 -17.03 31.16 8.32
CA ALA B 78 -18.41 30.71 8.18
C ALA B 78 -19.23 31.84 7.55
N GLU B 79 -18.97 33.06 7.99
CA GLU B 79 -19.65 34.26 7.50
C GLU B 79 -19.29 34.59 6.04
N LYS B 80 -18.04 34.40 5.68
CA LYS B 80 -17.59 34.66 4.30
C LYS B 80 -18.19 33.68 3.31
N PHE B 81 -18.13 32.39 3.62
CA PHE B 81 -18.68 31.38 2.72
C PHE B 81 -20.18 31.57 2.59
N ARG B 82 -20.81 32.00 3.69
CA ARG B 82 -22.24 32.23 3.69
C ARG B 82 -22.55 33.48 2.90
N ARG B 83 -21.97 34.59 3.31
CA ARG B 83 -22.21 35.86 2.67
C ARG B 83 -21.74 35.93 1.20
N GLU B 84 -20.50 35.55 0.94
CA GLU B 84 -19.99 35.64 -0.42
C GLU B 84 -20.32 34.49 -1.39
N ASN B 85 -20.54 33.30 -0.86
CA ASN B 85 -20.75 32.15 -1.74
C ASN B 85 -22.08 31.43 -1.70
N GLY B 86 -22.90 31.71 -0.70
CA GLY B 86 -24.19 31.07 -0.63
C GLY B 86 -24.15 29.75 0.12
N LEU B 87 -23.01 29.41 0.68
CA LEU B 87 -22.84 28.18 1.40
C LEU B 87 -23.41 28.29 2.82
N SER B 88 -24.06 27.23 3.29
CA SER B 88 -24.66 27.22 4.63
C SER B 88 -23.78 26.53 5.69
N VAL B 89 -22.52 26.92 5.78
CA VAL B 89 -21.64 26.30 6.75
C VAL B 89 -21.69 26.91 8.15
N THR B 90 -21.20 26.19 9.15
CA THR B 90 -21.12 26.65 10.53
C THR B 90 -19.63 26.71 10.80
N PRO B 91 -19.19 27.43 11.85
CA PRO B 91 -17.75 27.49 12.12
C PRO B 91 -17.11 26.13 12.27
N GLU B 92 -17.86 25.17 12.80
CA GLU B 92 -17.37 23.81 13.00
C GLU B 92 -17.11 23.07 11.69
N GLU B 93 -17.62 23.61 10.59
CA GLU B 93 -17.46 23.01 9.26
C GLU B 93 -16.52 23.89 8.46
N THR B 94 -15.60 24.52 9.18
CA THR B 94 -14.62 25.42 8.59
C THR B 94 -13.23 25.01 9.11
N ILE B 95 -12.19 25.24 8.30
CA ILE B 95 -10.83 24.91 8.75
C ILE B 95 -9.83 25.82 8.11
N VAL B 96 -8.77 26.13 8.86
CA VAL B 96 -7.70 27.00 8.38
C VAL B 96 -6.47 26.12 8.22
N THR B 97 -5.80 26.28 7.08
CA THR B 97 -4.63 25.47 6.75
C THR B 97 -3.47 26.32 6.27
N VAL B 98 -2.31 25.71 6.17
CA VAL B 98 -1.12 26.37 5.69
C VAL B 98 -1.25 26.54 4.17
N GLY B 99 -2.08 27.47 3.73
CA GLY B 99 -2.30 27.71 2.33
C GLY B 99 -3.40 26.79 1.82
N GLY B 100 -3.95 27.10 0.65
CA GLY B 100 -4.97 26.25 0.07
C GLY B 100 -4.37 24.90 -0.30
N LYS B 101 -3.06 24.88 -0.58
CA LYS B 101 -2.38 23.65 -0.94
C LYS B 101 -2.46 22.60 0.17
N GLN B 102 -2.35 23.02 1.43
CA GLN B 102 -2.43 22.06 2.52
C GLN B 102 -3.87 21.66 2.78
N ALA B 103 -4.82 22.47 2.32
CA ALA B 103 -6.21 22.13 2.49
C ALA B 103 -6.43 20.91 1.60
N LEU B 104 -5.94 20.98 0.36
CA LEU B 104 -6.05 19.90 -0.66
C LEU B 104 -5.25 18.68 -0.27
N PHE B 105 -4.03 18.89 0.18
CA PHE B 105 -3.17 17.78 0.59
C PHE B 105 -3.80 17.04 1.74
N ASN B 106 -4.19 17.73 2.80
CA ASN B 106 -4.84 17.07 3.93
C ASN B 106 -6.14 16.42 3.53
N LEU B 107 -6.83 17.01 2.54
CA LEU B 107 -8.10 16.48 2.03
C LEU B 107 -7.89 15.06 1.51
N PHE B 108 -7.04 14.94 0.50
CA PHE B 108 -6.74 13.67 -0.10
C PHE B 108 -6.21 12.65 0.90
N GLN B 109 -5.39 13.08 1.85
CA GLN B 109 -4.86 12.13 2.84
C GLN B 109 -6.01 11.62 3.72
N ALA B 110 -7.08 12.38 3.82
CA ALA B 110 -8.20 12.00 4.67
C ALA B 110 -9.30 11.19 3.98
N ILE B 111 -9.40 11.25 2.66
CA ILE B 111 -10.45 10.52 1.98
C ILE B 111 -10.01 9.48 0.95
N LEU B 112 -8.71 9.34 0.71
CA LEU B 112 -8.20 8.36 -0.27
C LEU B 112 -7.51 7.13 0.27
N ASP B 113 -8.07 5.99 -0.09
CA ASP B 113 -7.51 4.72 0.27
C ASP B 113 -6.83 4.33 -1.03
N PRO B 114 -5.76 3.54 -0.97
CA PRO B 114 -5.05 3.13 -2.18
C PRO B 114 -5.98 2.51 -3.18
N GLY B 115 -5.89 3.01 -4.42
CA GLY B 115 -6.73 2.52 -5.49
C GLY B 115 -7.95 3.34 -5.78
N ASP B 116 -8.34 4.23 -4.86
CA ASP B 116 -9.51 5.09 -5.07
C ASP B 116 -9.22 5.99 -6.25
N GLU B 117 -10.19 6.20 -7.11
CA GLU B 117 -9.97 7.07 -8.26
C GLU B 117 -10.44 8.49 -8.04
N VAL B 118 -9.71 9.42 -8.61
CA VAL B 118 -10.04 10.81 -8.51
C VAL B 118 -10.00 11.35 -9.93
N ILE B 119 -11.14 11.86 -10.40
CA ILE B 119 -11.24 12.44 -11.74
C ILE B 119 -10.68 13.87 -11.71
N VAL B 120 -9.75 14.15 -12.63
CA VAL B 120 -9.09 15.45 -12.74
C VAL B 120 -9.27 15.96 -14.17
N LEU B 121 -9.77 17.19 -14.28
CA LEU B 121 -10.03 17.84 -15.58
C LEU B 121 -8.79 18.54 -16.13
N SER B 122 -8.34 18.16 -17.31
CA SER B 122 -7.16 18.76 -17.89
C SER B 122 -7.48 19.81 -18.96
N PRO B 123 -6.64 20.85 -19.10
CA PRO B 123 -5.41 21.14 -18.36
C PRO B 123 -5.71 21.32 -16.88
N TYR B 124 -4.90 20.68 -16.04
CA TYR B 124 -5.07 20.76 -14.61
C TYR B 124 -3.84 21.37 -13.98
N TRP B 125 -3.99 21.85 -12.75
CA TRP B 125 -2.87 22.44 -12.04
C TRP B 125 -1.89 21.35 -11.65
N VAL B 126 -0.64 21.60 -12.00
CA VAL B 126 0.48 20.72 -11.72
C VAL B 126 0.38 19.84 -10.47
N SER B 127 -0.13 20.37 -9.37
CA SER B 127 -0.19 19.63 -8.12
C SER B 127 -1.28 18.59 -7.85
N TYR B 128 -2.42 18.70 -8.53
CA TYR B 128 -3.52 17.75 -8.31
C TYR B 128 -3.10 16.29 -8.48
N PRO B 129 -2.53 15.93 -9.64
CA PRO B 129 -2.09 14.56 -9.88
C PRO B 129 -1.08 14.06 -8.85
N GLU B 130 -0.11 14.91 -8.52
CA GLU B 130 0.91 14.56 -7.54
C GLU B 130 0.33 14.30 -6.15
N MET B 131 -0.59 15.15 -5.70
CA MET B 131 -1.19 14.95 -4.38
C MET B 131 -2.08 13.70 -4.33
N VAL B 132 -2.80 13.45 -5.42
CA VAL B 132 -3.68 12.29 -5.47
C VAL B 132 -2.89 10.99 -5.34
N ARG B 133 -1.82 10.86 -6.12
CA ARG B 133 -1.00 9.66 -6.07
C ARG B 133 -0.18 9.50 -4.81
N PHE B 134 0.26 10.61 -4.23
CA PHE B 134 1.05 10.54 -2.98
C PHE B 134 0.19 9.92 -1.88
N ALA B 135 -1.13 10.09 -1.98
CA ALA B 135 -2.05 9.54 -0.99
C ALA B 135 -2.49 8.12 -1.38
N GLY B 136 -2.05 7.64 -2.53
CA GLY B 136 -2.41 6.29 -2.97
C GLY B 136 -3.55 6.17 -3.98
N GLY B 137 -4.11 7.30 -4.39
CA GLY B 137 -5.20 7.26 -5.34
C GLY B 137 -4.73 7.17 -6.78
N VAL B 138 -5.68 7.05 -7.70
CA VAL B 138 -5.39 6.92 -9.12
C VAL B 138 -6.00 8.09 -9.88
N VAL B 139 -5.22 8.73 -10.73
CA VAL B 139 -5.74 9.88 -11.47
C VAL B 139 -6.42 9.48 -12.76
N VAL B 140 -7.68 9.86 -12.90
CA VAL B 140 -8.46 9.56 -14.10
C VAL B 140 -8.66 10.90 -14.77
N GLU B 141 -8.06 11.09 -15.94
CA GLU B 141 -8.20 12.36 -16.62
C GLU B 141 -9.35 12.44 -17.56
N VAL B 142 -10.06 13.55 -17.50
CA VAL B 142 -11.17 13.82 -18.40
C VAL B 142 -10.74 15.10 -19.10
N GLU B 143 -10.69 15.03 -20.41
CA GLU B 143 -10.23 16.12 -21.26
C GLU B 143 -11.20 17.27 -21.44
N THR B 144 -10.62 18.47 -21.44
CA THR B 144 -11.33 19.73 -21.62
C THR B 144 -10.75 20.29 -22.90
N LEU B 145 -11.61 20.76 -23.80
CA LEU B 145 -11.14 21.25 -25.09
C LEU B 145 -11.11 22.76 -25.29
N PRO B 146 -10.05 23.26 -25.97
CA PRO B 146 -9.90 24.70 -26.21
C PRO B 146 -11.02 25.26 -27.06
N GLU B 147 -11.47 24.46 -28.02
CA GLU B 147 -12.54 24.84 -28.91
C GLU B 147 -13.85 24.93 -28.13
N GLU B 148 -13.85 24.39 -26.93
CA GLU B 148 -15.04 24.47 -26.08
C GLU B 148 -14.73 25.42 -24.95
N GLY B 149 -13.71 26.25 -25.15
CA GLY B 149 -13.30 27.23 -24.16
C GLY B 149 -12.75 26.66 -22.87
N PHE B 150 -12.27 25.43 -22.91
CA PHE B 150 -11.74 24.79 -21.73
C PHE B 150 -12.76 24.63 -20.60
N VAL B 151 -14.04 24.57 -20.96
CA VAL B 151 -15.12 24.37 -20.00
C VAL B 151 -15.46 22.86 -20.07
N PRO B 152 -15.61 22.18 -18.92
CA PRO B 152 -15.91 20.75 -18.95
C PRO B 152 -17.29 20.40 -19.46
N ASP B 153 -17.36 19.31 -20.21
CA ASP B 153 -18.60 18.76 -20.75
C ASP B 153 -18.96 17.67 -19.75
N PRO B 154 -19.99 17.91 -18.93
CA PRO B 154 -20.40 16.91 -17.94
C PRO B 154 -20.72 15.51 -18.48
N GLU B 155 -20.83 15.36 -19.79
CA GLU B 155 -21.10 14.05 -20.34
C GLU B 155 -19.83 13.23 -20.45
N ARG B 156 -18.74 13.89 -20.83
CA ARG B 156 -17.46 13.20 -20.90
C ARG B 156 -17.08 12.81 -19.48
N VAL B 157 -17.50 13.62 -18.52
CA VAL B 157 -17.19 13.36 -17.13
C VAL B 157 -17.95 12.14 -16.63
N ARG B 158 -19.23 12.02 -17.00
CA ARG B 158 -20.04 10.89 -16.56
C ARG B 158 -19.46 9.57 -17.08
N ARG B 159 -18.91 9.62 -18.28
CA ARG B 159 -18.33 8.42 -18.87
C ARG B 159 -17.01 7.97 -18.24
N ALA B 160 -16.47 8.74 -17.30
CA ALA B 160 -15.23 8.39 -16.63
C ALA B 160 -15.48 7.90 -15.21
N ILE B 161 -16.74 7.95 -14.80
CA ILE B 161 -17.12 7.51 -13.46
C ILE B 161 -17.13 6.01 -13.42
N THR B 162 -16.64 5.43 -12.33
CA THR B 162 -16.60 3.98 -12.16
C THR B 162 -16.93 3.70 -10.70
N PRO B 163 -17.00 2.42 -10.32
CA PRO B 163 -17.32 2.11 -8.92
C PRO B 163 -16.22 2.58 -7.99
N ARG B 164 -15.04 2.84 -8.56
CA ARG B 164 -13.90 3.29 -7.77
C ARG B 164 -13.80 4.79 -7.54
N THR B 165 -14.59 5.59 -8.25
CA THR B 165 -14.55 7.04 -8.11
C THR B 165 -14.85 7.53 -6.71
N LYS B 166 -13.87 8.19 -6.09
CA LYS B 166 -13.96 8.74 -4.74
C LYS B 166 -14.14 10.26 -4.75
N ALA B 167 -13.57 10.94 -5.75
CA ALA B 167 -13.68 12.40 -5.85
C ALA B 167 -13.58 12.91 -7.27
N LEU B 168 -13.99 14.17 -7.47
CA LEU B 168 -13.92 14.86 -8.77
C LEU B 168 -13.41 16.26 -8.41
N VAL B 169 -12.34 16.72 -9.06
CA VAL B 169 -11.78 18.01 -8.76
C VAL B 169 -12.12 19.06 -9.80
N VAL B 170 -12.83 20.12 -9.39
CA VAL B 170 -13.19 21.25 -10.27
C VAL B 170 -12.43 22.49 -9.80
N ASN B 171 -11.94 23.28 -10.76
CA ASN B 171 -11.18 24.49 -10.43
C ASN B 171 -11.66 25.66 -11.29
N SER B 172 -12.46 26.56 -10.69
CA SER B 172 -12.96 27.73 -11.41
C SER B 172 -13.04 28.99 -10.52
N PRO B 173 -12.41 30.11 -10.93
CA PRO B 173 -11.61 30.32 -12.14
C PRO B 173 -10.46 29.33 -12.17
N ASN B 174 -10.09 28.92 -13.38
CA ASN B 174 -9.09 27.90 -13.64
C ASN B 174 -7.63 28.30 -13.83
N ASN B 175 -6.74 27.46 -13.34
CA ASN B 175 -5.29 27.60 -13.50
C ASN B 175 -5.03 26.26 -14.18
N PRO B 176 -4.36 26.25 -15.35
CA PRO B 176 -3.77 27.32 -16.17
C PRO B 176 -4.61 27.97 -17.24
N THR B 177 -5.82 27.49 -17.47
CA THR B 177 -6.65 28.04 -18.55
C THR B 177 -7.31 29.41 -18.37
N GLY B 178 -7.56 29.79 -17.12
CA GLY B 178 -8.19 31.07 -16.85
C GLY B 178 -9.67 31.06 -17.13
N ALA B 179 -10.22 29.90 -17.46
CA ALA B 179 -11.63 29.76 -17.76
C ALA B 179 -12.50 29.85 -16.53
N VAL B 180 -13.72 30.35 -16.71
CA VAL B 180 -14.69 30.46 -15.63
C VAL B 180 -15.87 29.62 -16.12
N TYR B 181 -16.13 28.53 -15.42
CA TYR B 181 -17.21 27.61 -15.79
C TYR B 181 -18.55 28.20 -15.38
N PRO B 182 -19.57 28.03 -16.24
CA PRO B 182 -20.93 28.52 -16.04
C PRO B 182 -21.65 27.79 -14.91
N LYS B 183 -22.59 28.50 -14.28
CA LYS B 183 -23.40 27.95 -13.20
C LYS B 183 -24.05 26.61 -13.58
N GLU B 184 -24.55 26.52 -14.81
CA GLU B 184 -25.20 25.31 -15.29
C GLU B 184 -24.27 24.11 -15.26
N VAL B 185 -23.05 24.27 -15.78
CA VAL B 185 -22.07 23.20 -15.82
C VAL B 185 -21.67 22.76 -14.41
N LEU B 186 -21.53 23.72 -13.50
CA LEU B 186 -21.18 23.41 -12.13
C LEU B 186 -22.30 22.67 -11.43
N GLU B 187 -23.55 23.05 -11.71
CA GLU B 187 -24.69 22.37 -11.11
C GLU B 187 -24.73 20.92 -11.59
N ALA B 188 -24.42 20.72 -12.88
CA ALA B 188 -24.38 19.38 -13.51
C ALA B 188 -23.34 18.47 -12.88
N LEU B 189 -22.13 19.02 -12.67
CA LEU B 189 -21.05 18.27 -12.05
C LEU B 189 -21.43 17.94 -10.61
N ALA B 190 -22.08 18.88 -9.92
CA ALA B 190 -22.51 18.67 -8.54
C ALA B 190 -23.53 17.55 -8.44
N ARG B 191 -24.42 17.46 -9.45
CA ARG B 191 -25.44 16.40 -9.49
C ARG B 191 -24.82 15.03 -9.71
N LEU B 192 -23.75 14.96 -10.52
CA LEU B 192 -23.09 13.68 -10.78
C LEU B 192 -22.53 13.11 -9.48
N ALA B 193 -22.01 14.00 -8.65
CA ALA B 193 -21.43 13.60 -7.37
C ALA B 193 -22.48 13.05 -6.44
N VAL B 194 -23.66 13.64 -6.45
CA VAL B 194 -24.77 13.22 -5.60
C VAL B 194 -25.35 11.90 -6.10
N GLU B 195 -25.56 11.84 -7.41
CA GLU B 195 -26.12 10.68 -8.12
C GLU B 195 -25.25 9.46 -7.99
N HIS B 196 -23.95 9.66 -8.15
CA HIS B 196 -22.98 8.57 -8.07
C HIS B 196 -22.29 8.42 -6.74
N ASP B 197 -22.67 9.28 -5.79
CA ASP B 197 -22.12 9.25 -4.44
C ASP B 197 -20.61 9.39 -4.28
N PHE B 198 -20.06 10.55 -4.62
CA PHE B 198 -18.64 10.78 -4.43
C PHE B 198 -18.43 12.25 -4.06
N TYR B 199 -17.21 12.62 -3.69
CA TYR B 199 -16.89 13.99 -3.29
C TYR B 199 -16.56 14.96 -4.42
N LEU B 200 -17.10 16.17 -4.33
CA LEU B 200 -16.81 17.20 -5.32
C LEU B 200 -15.85 18.07 -4.53
N VAL B 201 -14.67 18.31 -5.10
CA VAL B 201 -13.64 19.14 -4.49
C VAL B 201 -13.54 20.36 -5.38
N SER B 202 -14.06 21.47 -4.89
CA SER B 202 -14.09 22.74 -5.63
C SER B 202 -13.02 23.73 -5.15
N ASP B 203 -12.01 23.94 -5.99
CA ASP B 203 -10.88 24.83 -5.72
C ASP B 203 -11.22 26.22 -6.26
N GLU B 204 -11.60 27.11 -5.34
CA GLU B 204 -11.99 28.45 -5.69
C GLU B 204 -11.06 29.62 -5.35
N ILE B 205 -9.76 29.38 -5.08
CA ILE B 205 -8.82 30.47 -4.73
C ILE B 205 -8.85 31.68 -5.67
N TYR B 206 -9.19 31.51 -6.94
CA TYR B 206 -9.23 32.66 -7.82
C TYR B 206 -10.60 33.31 -7.95
N GLU B 207 -11.50 33.07 -6.99
CA GLU B 207 -12.85 33.63 -7.07
C GLU B 207 -12.96 35.14 -7.27
N HIS B 208 -12.05 35.92 -6.72
CA HIS B 208 -12.14 37.37 -6.86
C HIS B 208 -11.45 37.99 -8.06
N LEU B 209 -10.64 37.20 -8.77
CA LEU B 209 -9.95 37.70 -9.94
C LEU B 209 -10.77 37.23 -11.12
N LEU B 210 -11.97 37.79 -11.23
CA LEU B 210 -12.95 37.48 -12.26
C LEU B 210 -13.22 38.75 -13.06
N TYR B 211 -13.19 38.66 -14.39
CA TYR B 211 -13.42 39.83 -15.21
C TYR B 211 -14.76 39.78 -15.94
N GLU B 212 -15.17 38.58 -16.35
CA GLU B 212 -16.46 38.40 -17.03
C GLU B 212 -17.20 37.20 -16.43
N GLY B 213 -18.51 37.35 -16.29
CA GLY B 213 -19.33 36.28 -15.74
C GLY B 213 -19.45 36.37 -14.24
N GLU B 214 -19.97 35.32 -13.62
CA GLU B 214 -20.13 35.27 -12.18
C GLU B 214 -19.60 33.98 -11.60
N HIS B 215 -19.17 34.06 -10.35
CA HIS B 215 -18.61 32.90 -9.63
C HIS B 215 -19.69 32.12 -8.90
N PHE B 216 -19.85 30.86 -9.26
CA PHE B 216 -20.85 30.01 -8.64
C PHE B 216 -20.18 28.92 -7.78
N SER B 217 -20.69 28.70 -6.58
CA SER B 217 -20.14 27.68 -5.70
C SER B 217 -21.02 26.44 -5.76
N PRO B 218 -20.48 25.31 -6.29
CA PRO B 218 -21.25 24.05 -6.41
C PRO B 218 -21.77 23.57 -5.07
N GLY B 219 -21.10 23.99 -3.99
CA GLY B 219 -21.50 23.61 -2.65
C GLY B 219 -22.91 24.02 -2.29
N ARG B 220 -23.52 24.89 -3.09
CA ARG B 220 -24.90 25.31 -2.84
C ARG B 220 -25.81 24.18 -3.25
N VAL B 221 -25.46 23.53 -4.34
CA VAL B 221 -26.24 22.42 -4.89
C VAL B 221 -26.06 21.09 -4.16
N ALA B 222 -24.82 20.69 -3.90
CA ALA B 222 -24.55 19.42 -3.22
C ALA B 222 -23.72 19.68 -1.99
N PRO B 223 -24.35 20.26 -0.95
CA PRO B 223 -23.67 20.58 0.31
C PRO B 223 -22.99 19.49 1.15
N GLU B 224 -23.43 18.24 1.10
CA GLU B 224 -22.75 17.23 1.91
C GLU B 224 -21.79 16.35 1.10
N HIS B 225 -21.65 16.70 -0.17
CA HIS B 225 -20.73 16.02 -1.06
C HIS B 225 -19.61 16.96 -1.44
N THR B 226 -19.78 18.26 -1.20
CA THR B 226 -18.78 19.24 -1.60
C THR B 226 -17.79 19.75 -0.55
N LEU B 227 -16.54 19.88 -0.98
CA LEU B 227 -15.49 20.42 -0.15
C LEU B 227 -14.96 21.63 -0.92
N THR B 228 -15.23 22.83 -0.39
CA THR B 228 -14.80 24.06 -1.04
C THR B 228 -13.46 24.49 -0.46
N VAL B 229 -12.49 24.67 -1.34
CA VAL B 229 -11.16 25.07 -0.93
C VAL B 229 -10.93 26.47 -1.44
N ASN B 230 -10.34 27.31 -0.58
CA ASN B 230 -10.09 28.70 -0.93
C ASN B 230 -8.86 29.16 -0.14
N GLY B 231 -8.57 30.46 -0.19
CA GLY B 231 -7.42 31.00 0.53
C GLY B 231 -7.27 32.50 0.38
N ALA B 232 -6.41 33.09 1.19
CA ALA B 232 -6.18 34.52 1.16
C ALA B 232 -5.14 34.89 0.13
N ALA B 233 -4.42 33.89 -0.36
CA ALA B 233 -3.32 34.07 -1.32
C ALA B 233 -3.51 34.98 -2.51
N LYS B 234 -4.50 34.71 -3.36
CA LYS B 234 -4.68 35.51 -4.55
C LYS B 234 -5.49 36.78 -4.34
N ALA B 235 -6.58 36.66 -3.59
CA ALA B 235 -7.46 37.80 -3.32
C ALA B 235 -6.76 38.99 -2.64
N PHE B 236 -5.95 38.71 -1.64
CA PHE B 236 -5.27 39.75 -0.88
C PHE B 236 -3.76 39.86 -1.02
N ALA B 237 -3.19 39.19 -2.02
CA ALA B 237 -1.75 39.24 -2.23
C ALA B 237 -1.03 38.78 -0.95
N MET B 238 -1.48 37.66 -0.39
CA MET B 238 -0.90 37.12 0.84
C MET B 238 -0.30 35.75 0.59
N THR B 239 0.37 35.58 -0.55
CA THR B 239 0.96 34.28 -0.90
C THR B 239 1.98 33.75 0.10
N GLY B 240 2.86 34.63 0.56
CA GLY B 240 3.88 34.22 1.50
C GLY B 240 3.42 34.08 2.94
N TRP B 241 2.17 34.41 3.21
CA TRP B 241 1.62 34.31 4.56
C TRP B 241 1.16 32.89 4.89
N ARG B 242 0.95 32.09 3.85
CA ARG B 242 0.53 30.69 3.98
C ARG B 242 -0.76 30.48 4.78
N ILE B 243 -1.87 31.04 4.30
CA ILE B 243 -3.14 30.85 4.98
C ILE B 243 -4.21 30.46 3.98
N GLY B 244 -4.76 29.29 4.16
CA GLY B 244 -5.82 28.83 3.28
C GLY B 244 -6.96 28.38 4.16
N TYR B 245 -8.11 28.15 3.55
CA TYR B 245 -9.28 27.72 4.29
C TYR B 245 -10.18 26.89 3.44
N ALA B 246 -11.02 26.08 4.09
CA ALA B 246 -11.93 25.21 3.38
C ALA B 246 -13.13 24.92 4.25
N CYS B 247 -14.24 24.55 3.62
CA CYS B 247 -15.46 24.17 4.37
C CYS B 247 -16.12 22.97 3.69
N GLY B 248 -16.96 22.26 4.44
CA GLY B 248 -17.64 21.13 3.85
C GLY B 248 -18.19 20.26 4.94
N PRO B 249 -18.51 19.00 4.63
CA PRO B 249 -19.05 18.05 5.61
C PRO B 249 -18.17 18.03 6.85
N LYS B 250 -18.80 18.22 8.00
CA LYS B 250 -18.14 18.25 9.29
C LYS B 250 -17.20 17.09 9.58
N GLU B 251 -17.55 15.91 9.11
CA GLU B 251 -16.71 14.75 9.35
C GLU B 251 -15.40 14.79 8.59
N VAL B 252 -15.47 15.29 7.36
CA VAL B 252 -14.27 15.40 6.55
C VAL B 252 -13.41 16.53 7.09
N ILE B 253 -14.03 17.63 7.52
CA ILE B 253 -13.30 18.76 8.07
C ILE B 253 -12.57 18.34 9.32
N LYS B 254 -13.27 17.59 10.16
CA LYS B 254 -12.72 17.09 11.41
C LYS B 254 -11.56 16.11 11.17
N ALA B 255 -11.62 15.39 10.05
CA ALA B 255 -10.55 14.47 9.70
C ALA B 255 -9.32 15.27 9.26
N MET B 256 -9.57 16.35 8.52
CA MET B 256 -8.52 17.23 8.04
C MET B 256 -7.76 17.91 9.18
N ALA B 257 -8.46 18.32 10.23
CA ALA B 257 -7.81 18.96 11.37
C ALA B 257 -6.99 17.97 12.17
N SER B 258 -7.31 16.69 12.01
CA SER B 258 -6.60 15.62 12.69
C SER B 258 -5.25 15.42 12.02
N VAL B 259 -5.22 15.48 10.69
CA VAL B 259 -3.98 15.33 9.93
C VAL B 259 -3.09 16.51 10.28
N SER B 260 -3.71 17.69 10.40
CA SER B 260 -3.01 18.92 10.76
C SER B 260 -2.36 18.80 12.12
N SER B 261 -3.05 18.24 13.09
CA SER B 261 -2.46 18.10 14.40
C SER B 261 -1.23 17.21 14.45
N GLN B 262 -1.12 16.26 13.52
CA GLN B 262 0.03 15.35 13.50
C GLN B 262 1.05 15.72 12.43
N SER B 263 0.89 16.90 11.82
CA SER B 263 1.83 17.36 10.83
C SER B 263 2.36 18.79 11.08
N THR B 264 1.47 19.79 11.03
CA THR B 264 1.88 21.18 11.23
C THR B 264 1.35 21.86 12.50
N THR B 265 0.57 21.12 13.28
CA THR B 265 -0.14 21.61 14.48
C THR B 265 -1.23 22.57 14.04
N SER B 266 -0.86 23.76 13.60
CA SER B 266 -1.81 24.76 13.15
C SER B 266 -1.01 25.81 12.38
N PRO B 267 -1.66 26.61 11.52
CA PRO B 267 -0.89 27.63 10.79
C PRO B 267 -0.41 28.74 11.74
N ASP B 268 0.48 29.58 11.21
CA ASP B 268 1.09 30.73 11.88
C ASP B 268 0.01 31.57 12.62
N THR B 269 0.14 31.76 13.92
CA THR B 269 -0.84 32.53 14.69
C THR B 269 -0.99 33.99 14.24
N ILE B 270 0.14 34.64 13.93
CA ILE B 270 0.12 36.03 13.49
C ILE B 270 -0.57 36.14 12.14
N ALA B 271 -0.27 35.21 11.22
CA ALA B 271 -0.88 35.23 9.90
C ALA B 271 -2.37 34.99 9.99
N GLN B 272 -2.79 34.28 11.03
CA GLN B 272 -4.22 33.99 11.24
C GLN B 272 -4.96 35.27 11.63
N TRP B 273 -4.42 36.02 12.60
CA TRP B 273 -5.05 37.27 12.99
C TRP B 273 -5.04 38.27 11.84
N ALA B 274 -3.97 38.27 11.06
CA ALA B 274 -3.86 39.14 9.91
C ALA B 274 -5.02 38.85 8.96
N THR B 275 -5.29 37.57 8.73
CA THR B 275 -6.35 37.13 7.82
C THR B 275 -7.76 37.48 8.35
N LEU B 276 -7.92 37.42 9.67
CA LEU B 276 -9.19 37.78 10.29
C LEU B 276 -9.56 39.21 9.85
N GLU B 277 -8.54 40.08 9.77
CA GLU B 277 -8.71 41.47 9.37
C GLU B 277 -9.11 41.62 7.91
N ALA B 278 -8.44 40.85 7.05
CA ALA B 278 -8.74 40.87 5.63
C ALA B 278 -10.20 40.49 5.38
N LEU B 279 -10.72 39.57 6.18
CA LEU B 279 -12.09 39.13 6.00
C LEU B 279 -13.15 40.02 6.63
N THR B 280 -12.86 40.57 7.81
CA THR B 280 -13.84 41.41 8.52
C THR B 280 -13.88 42.88 8.12
N ASN B 281 -12.72 43.41 7.74
CA ASN B 281 -12.62 44.79 7.29
C ASN B 281 -13.01 44.83 5.82
N GLN B 282 -14.32 44.74 5.58
CA GLN B 282 -14.87 44.70 4.23
C GLN B 282 -14.62 45.91 3.37
N GLU B 283 -14.70 47.09 3.96
CA GLU B 283 -14.48 48.30 3.18
C GLU B 283 -13.06 48.36 2.61
N ALA B 284 -12.07 48.10 3.45
CA ALA B 284 -10.66 48.16 3.06
C ALA B 284 -10.25 47.09 2.08
N SER B 285 -10.71 45.86 2.32
CA SER B 285 -10.37 44.75 1.44
C SER B 285 -11.06 44.88 0.09
N ARG B 286 -12.35 45.24 0.11
CA ARG B 286 -13.11 45.39 -1.12
C ARG B 286 -12.43 46.41 -2.00
N ALA B 287 -11.83 47.41 -1.38
CA ALA B 287 -11.12 48.46 -2.10
C ALA B 287 -9.87 47.90 -2.80
N PHE B 288 -9.12 47.07 -2.09
CA PHE B 288 -7.92 46.48 -2.68
C PHE B 288 -8.33 45.56 -3.83
N VAL B 289 -9.28 44.68 -3.58
CA VAL B 289 -9.76 43.77 -4.61
C VAL B 289 -10.23 44.45 -5.89
N GLU B 290 -10.97 45.55 -5.76
CA GLU B 290 -11.46 46.27 -6.94
C GLU B 290 -10.29 46.83 -7.71
N MET B 291 -9.33 47.39 -6.98
CA MET B 291 -8.17 48.00 -7.60
C MET B 291 -7.26 47.02 -8.35
N ALA B 292 -7.02 45.86 -7.74
CA ALA B 292 -6.16 44.86 -8.33
C ALA B 292 -6.85 44.25 -9.55
N ARG B 293 -8.14 43.95 -9.43
CA ARG B 293 -8.90 43.36 -10.53
C ARG B 293 -8.84 44.19 -11.80
N GLU B 294 -9.08 45.48 -11.69
CA GLU B 294 -9.06 46.35 -12.85
C GLU B 294 -7.67 46.45 -13.47
N ALA B 295 -6.64 46.33 -12.65
CA ALA B 295 -5.27 46.38 -13.16
C ALA B 295 -4.97 45.11 -13.96
N TYR B 296 -5.46 43.97 -13.47
CA TYR B 296 -5.26 42.69 -14.11
C TYR B 296 -6.04 42.67 -15.41
N ARG B 297 -7.28 43.15 -15.35
CA ARG B 297 -8.12 43.22 -16.53
C ARG B 297 -7.44 44.02 -17.63
N ARG B 298 -6.88 45.16 -17.23
CA ARG B 298 -6.17 46.04 -18.12
C ARG B 298 -4.93 45.35 -18.74
N ARG B 299 -4.30 44.47 -17.96
CA ARG B 299 -3.13 43.73 -18.42
C ARG B 299 -3.53 42.55 -19.32
N ARG B 300 -4.69 41.96 -19.04
CA ARG B 300 -5.19 40.85 -19.82
C ARG B 300 -5.40 41.36 -21.24
N ASP B 301 -6.25 42.37 -21.37
CA ASP B 301 -6.57 42.96 -22.65
C ASP B 301 -5.33 43.37 -23.42
N LEU B 302 -4.37 43.96 -22.73
CA LEU B 302 -3.12 44.39 -23.36
C LEU B 302 -2.41 43.16 -23.96
N LEU B 303 -2.22 42.12 -23.15
CA LEU B 303 -1.54 40.89 -23.59
C LEU B 303 -2.24 40.24 -24.78
N LEU B 304 -3.53 39.97 -24.62
CA LEU B 304 -4.32 39.32 -25.67
C LEU B 304 -4.33 40.06 -27.00
N GLU B 305 -4.42 41.38 -26.96
CA GLU B 305 -4.42 42.14 -28.22
C GLU B 305 -3.08 41.96 -28.94
N GLY B 306 -2.01 41.90 -28.17
CA GLY B 306 -0.68 41.75 -28.72
C GLY B 306 -0.46 40.40 -29.33
N LEU B 307 -0.99 39.37 -28.69
CA LEU B 307 -0.84 38.01 -29.20
C LEU B 307 -1.62 37.91 -30.51
N THR B 308 -2.85 38.39 -30.48
CA THR B 308 -3.73 38.38 -31.64
C THR B 308 -3.04 39.04 -32.84
N ALA B 309 -2.38 40.16 -32.56
CA ALA B 309 -1.69 40.89 -33.61
C ALA B 309 -0.48 40.11 -34.15
N LEU B 310 0.13 39.27 -33.32
CA LEU B 310 1.29 38.48 -33.75
C LEU B 310 0.83 37.17 -34.36
N GLY B 311 -0.46 36.90 -34.30
CA GLY B 311 -0.99 35.69 -34.88
C GLY B 311 -0.81 34.45 -34.02
N LEU B 312 -0.71 34.65 -32.71
CA LEU B 312 -0.56 33.56 -31.77
C LEU B 312 -1.92 33.28 -31.17
N LYS B 313 -2.32 32.01 -31.10
CA LYS B 313 -3.65 31.69 -30.57
C LYS B 313 -3.69 31.45 -29.06
N ALA B 314 -4.82 31.83 -28.45
CA ALA B 314 -5.00 31.71 -27.01
C ALA B 314 -6.46 31.94 -26.66
N VAL B 315 -7.05 31.04 -25.87
CA VAL B 315 -8.45 31.18 -25.47
C VAL B 315 -8.53 32.37 -24.48
N ARG B 316 -9.46 33.28 -24.73
CA ARG B 316 -9.61 34.47 -23.87
C ARG B 316 -10.06 34.08 -22.48
N PRO B 317 -9.20 34.35 -21.46
CA PRO B 317 -9.46 34.06 -20.05
C PRO B 317 -10.46 35.03 -19.41
N SER B 318 -11.26 34.51 -18.47
CA SER B 318 -12.25 35.34 -17.78
C SER B 318 -11.98 35.44 -16.29
N GLY B 319 -10.91 34.82 -15.83
CA GLY B 319 -10.56 34.85 -14.41
C GLY B 319 -9.11 34.45 -14.18
N ALA B 320 -8.67 34.48 -12.93
CA ALA B 320 -7.27 34.15 -12.56
C ALA B 320 -6.36 35.08 -13.34
N PHE B 321 -5.08 34.81 -13.40
CA PHE B 321 -4.21 35.68 -14.20
C PHE B 321 -3.24 34.91 -15.09
N TYR B 322 -3.77 33.91 -15.80
CA TYR B 322 -2.99 33.07 -16.71
C TYR B 322 -3.65 32.97 -18.08
N VAL B 323 -2.85 32.62 -19.08
CA VAL B 323 -3.32 32.45 -20.44
C VAL B 323 -2.56 31.28 -21.05
N LEU B 324 -3.26 30.34 -21.68
CA LEU B 324 -2.59 29.21 -22.34
C LEU B 324 -2.41 29.62 -23.78
N MET B 325 -1.16 29.78 -24.20
CA MET B 325 -0.84 30.17 -25.56
C MET B 325 -0.39 29.01 -26.44
N ASP B 326 -1.02 28.89 -27.60
CA ASP B 326 -0.70 27.86 -28.58
C ASP B 326 0.66 28.21 -29.19
N THR B 327 1.66 27.36 -28.95
CA THR B 327 3.01 27.60 -29.42
C THR B 327 3.38 26.99 -30.77
N SER B 328 2.40 26.54 -31.55
CA SER B 328 2.64 25.94 -32.87
C SER B 328 3.50 26.81 -33.79
N PRO B 329 3.21 28.12 -33.85
CA PRO B 329 3.99 29.02 -34.71
C PRO B 329 5.46 29.12 -34.32
N ILE B 330 5.77 28.85 -33.06
CA ILE B 330 7.14 28.96 -32.57
C ILE B 330 7.94 27.67 -32.69
N ALA B 331 7.30 26.55 -32.41
CA ALA B 331 7.98 25.26 -32.48
C ALA B 331 6.97 24.14 -32.55
N PRO B 332 7.44 22.91 -32.78
CA PRO B 332 6.55 21.74 -32.86
C PRO B 332 6.02 21.24 -31.51
N ASP B 333 6.65 21.66 -30.41
CA ASP B 333 6.22 21.25 -29.08
C ASP B 333 6.57 22.29 -28.00
N GLU B 334 5.80 22.28 -26.91
CA GLU B 334 6.00 23.23 -25.81
C GLU B 334 7.38 23.27 -25.20
N VAL B 335 8.06 22.14 -25.14
CA VAL B 335 9.40 22.13 -24.56
C VAL B 335 10.38 22.89 -25.46
N ARG B 336 10.38 22.56 -26.75
CA ARG B 336 11.28 23.23 -27.69
C ARG B 336 10.86 24.70 -27.78
N ALA B 337 9.54 24.93 -27.75
CA ALA B 337 8.97 26.27 -27.82
C ALA B 337 9.37 27.12 -26.61
N ALA B 338 9.35 26.53 -25.43
CA ALA B 338 9.70 27.26 -24.23
C ALA B 338 11.20 27.56 -24.26
N GLU B 339 11.97 26.69 -24.92
CA GLU B 339 13.41 26.87 -25.02
C GLU B 339 13.74 28.08 -25.89
N ARG B 340 13.06 28.18 -27.02
CA ARG B 340 13.28 29.30 -27.93
C ARG B 340 12.94 30.63 -27.26
N LEU B 341 11.82 30.66 -26.53
CA LEU B 341 11.36 31.86 -25.83
C LEU B 341 12.36 32.30 -24.78
N LEU B 342 12.90 31.33 -24.04
CA LEU B 342 13.89 31.64 -23.03
C LEU B 342 15.09 32.28 -23.71
N GLU B 343 15.46 31.75 -24.87
CA GLU B 343 16.60 32.29 -25.64
C GLU B 343 16.32 33.67 -26.20
N ALA B 344 15.04 34.00 -26.32
CA ALA B 344 14.63 35.29 -26.82
C ALA B 344 14.44 36.27 -25.67
N GLY B 345 14.70 35.80 -24.45
CA GLY B 345 14.57 36.63 -23.26
C GLY B 345 13.24 36.60 -22.54
N VAL B 346 12.42 35.58 -22.78
CA VAL B 346 11.11 35.47 -22.11
C VAL B 346 10.90 34.09 -21.50
N ALA B 347 10.67 34.04 -20.18
CA ALA B 347 10.46 32.77 -19.49
C ALA B 347 8.97 32.47 -19.32
N VAL B 348 8.55 31.30 -19.83
CA VAL B 348 7.17 30.86 -19.71
C VAL B 348 7.17 29.46 -19.05
N VAL B 349 6.01 28.97 -18.64
CA VAL B 349 5.96 27.62 -18.06
C VAL B 349 5.40 26.69 -19.13
N PRO B 350 6.18 25.71 -19.58
CA PRO B 350 5.63 24.81 -20.60
C PRO B 350 4.38 24.09 -20.08
N GLY B 351 3.41 23.87 -20.97
CA GLY B 351 2.18 23.22 -20.56
C GLY B 351 2.24 21.72 -20.34
N THR B 352 3.42 21.11 -20.51
CA THR B 352 3.60 19.66 -20.38
C THR B 352 2.95 19.06 -19.15
N ASP B 353 3.40 19.51 -17.99
CA ASP B 353 2.87 18.99 -16.74
C ASP B 353 1.44 19.39 -16.41
N PHE B 354 0.87 20.31 -17.16
CA PHE B 354 -0.52 20.72 -16.94
C PHE B 354 -1.37 19.88 -17.86
N ALA B 355 -0.70 19.06 -18.68
CA ALA B 355 -1.33 18.21 -19.69
C ALA B 355 -1.87 19.12 -20.81
N ALA B 356 -1.33 20.33 -20.89
CA ALA B 356 -1.73 21.28 -21.90
C ALA B 356 -0.65 21.24 -22.96
N PHE B 357 -0.57 20.13 -23.69
CA PHE B 357 0.47 19.97 -24.71
C PHE B 357 0.26 20.94 -25.83
N GLY B 358 1.35 21.32 -26.48
CA GLY B 358 1.26 22.27 -27.57
C GLY B 358 1.03 23.69 -27.09
N HIS B 359 0.90 23.86 -25.78
CA HIS B 359 0.69 25.18 -25.20
C HIS B 359 1.74 25.53 -24.17
N VAL B 360 1.75 26.80 -23.80
CA VAL B 360 2.68 27.35 -22.83
C VAL B 360 1.81 28.28 -21.96
N ARG B 361 2.09 28.38 -20.66
CA ARG B 361 1.28 29.24 -19.77
C ARG B 361 1.94 30.59 -19.48
N LEU B 362 1.21 31.67 -19.74
CA LEU B 362 1.72 33.02 -19.48
C LEU B 362 0.96 33.60 -18.29
N SER B 363 1.60 34.47 -17.51
CA SER B 363 0.95 35.13 -16.37
C SER B 363 1.05 36.62 -16.58
N TYR B 364 -0.09 37.31 -16.49
CA TYR B 364 -0.08 38.75 -16.66
C TYR B 364 -0.19 39.43 -15.29
N ALA B 365 0.53 38.88 -14.33
CA ALA B 365 0.58 39.43 -12.99
C ALA B 365 1.88 40.23 -12.81
N THR B 366 2.28 40.97 -13.85
CA THR B 366 3.47 41.84 -13.81
C THR B 366 3.11 43.14 -14.48
N SER B 367 4.06 44.07 -14.44
CA SER B 367 3.85 45.39 -15.00
C SER B 367 3.51 45.35 -16.48
N GLU B 368 2.78 46.39 -16.91
CA GLU B 368 2.39 46.55 -18.30
C GLU B 368 3.66 46.66 -19.14
N GLU B 369 4.69 47.23 -18.54
CA GLU B 369 5.97 47.41 -19.21
C GLU B 369 6.56 46.03 -19.53
N ASN B 370 6.50 45.12 -18.56
CA ASN B 370 7.02 43.78 -18.77
C ASN B 370 6.25 43.09 -19.88
N LEU B 371 4.93 43.22 -19.85
CA LEU B 371 4.07 42.61 -20.85
C LEU B 371 4.44 43.11 -22.25
N ARG B 372 4.55 44.44 -22.38
CA ARG B 372 4.90 45.06 -23.65
C ARG B 372 6.28 44.61 -24.09
N LYS B 373 7.19 44.52 -23.13
CA LYS B 373 8.56 44.09 -23.41
C LYS B 373 8.58 42.63 -23.91
N ALA B 374 7.75 41.79 -23.30
CA ALA B 374 7.69 40.39 -23.70
C ALA B 374 7.11 40.29 -25.11
N LEU B 375 6.08 41.08 -25.38
CA LEU B 375 5.43 41.07 -26.68
C LEU B 375 6.36 41.46 -27.81
N GLU B 376 7.40 42.23 -27.51
CA GLU B 376 8.36 42.63 -28.53
C GLU B 376 9.24 41.45 -28.88
N ARG B 377 9.64 40.70 -27.87
CA ARG B 377 10.51 39.56 -28.06
C ARG B 377 9.77 38.43 -28.76
N PHE B 378 8.46 38.34 -28.52
CA PHE B 378 7.67 37.30 -29.17
C PHE B 378 7.75 37.62 -30.63
N ALA B 379 7.58 38.92 -30.93
CA ALA B 379 7.63 39.40 -32.28
C ALA B 379 8.91 38.92 -32.98
N ARG B 380 10.07 39.30 -32.46
CA ARG B 380 11.31 38.89 -33.10
C ARG B 380 11.49 37.37 -33.25
N VAL B 381 10.94 36.59 -32.32
CA VAL B 381 11.03 35.14 -32.41
C VAL B 381 10.26 34.67 -33.65
N LEU B 382 9.17 35.35 -33.93
CA LEU B 382 8.38 35.03 -35.11
C LEU B 382 8.95 35.73 -36.35
N MET C 1 8.83 1.62 -16.57
CA MET C 1 10.13 1.02 -16.16
C MET C 1 9.96 -0.44 -15.80
N ARG C 2 11.06 -1.17 -15.75
CA ARG C 2 11.02 -2.58 -15.38
C ARG C 2 11.45 -2.70 -13.93
N GLY C 3 11.30 -3.90 -13.36
CA GLY C 3 11.69 -4.09 -11.98
C GLY C 3 10.68 -4.91 -11.18
N LEU C 4 11.17 -5.61 -10.17
CA LEU C 4 10.30 -6.43 -9.34
C LEU C 4 9.56 -5.59 -8.31
N SER C 5 8.45 -6.09 -7.81
CA SER C 5 7.68 -5.37 -6.82
C SER C 5 8.40 -5.42 -5.47
N ARG C 6 8.05 -4.47 -4.58
CA ARG C 6 8.65 -4.39 -3.27
C ARG C 6 8.24 -5.58 -2.40
N ARG C 7 6.98 -6.01 -2.50
CA ARG C 7 6.53 -7.13 -1.70
C ARG C 7 7.31 -8.40 -2.01
N VAL C 8 7.60 -8.65 -3.27
CA VAL C 8 8.33 -9.86 -3.61
C VAL C 8 9.78 -9.67 -3.23
N GLN C 9 10.24 -8.43 -3.20
CA GLN C 9 11.63 -8.17 -2.83
C GLN C 9 11.82 -8.32 -1.33
N ALA C 10 10.75 -8.15 -0.58
CA ALA C 10 10.83 -8.26 0.88
C ALA C 10 10.72 -9.70 1.35
N MET C 11 9.98 -10.49 0.60
CA MET C 11 9.70 -11.89 0.91
C MET C 11 10.87 -12.86 0.87
N LYS C 12 10.90 -13.74 1.86
CA LYS C 12 11.91 -14.78 1.95
C LYS C 12 11.29 -16.05 1.37
N PRO C 13 11.91 -16.65 0.36
CA PRO C 13 11.30 -17.88 -0.17
C PRO C 13 11.50 -18.95 0.92
N SER C 14 10.57 -19.90 1.00
CA SER C 14 10.62 -20.96 2.01
C SER C 14 12.01 -21.49 2.37
N ALA C 15 12.36 -21.31 3.64
CA ALA C 15 13.66 -21.76 4.17
C ALA C 15 13.78 -23.27 4.31
N THR C 16 12.69 -23.91 4.70
CA THR C 16 12.66 -25.35 4.89
C THR C 16 12.82 -26.01 3.53
N VAL C 17 12.13 -25.43 2.55
CA VAL C 17 12.18 -25.91 1.18
C VAL C 17 13.62 -25.80 0.68
N ALA C 18 14.23 -24.65 0.96
CA ALA C 18 15.59 -24.38 0.55
C ALA C 18 16.63 -25.37 1.12
N VAL C 19 16.56 -25.64 2.42
CA VAL C 19 17.52 -26.56 3.06
C VAL C 19 17.34 -27.99 2.60
N ASN C 20 16.12 -28.32 2.16
CA ASN C 20 15.84 -29.66 1.67
C ASN C 20 16.50 -29.88 0.33
N ALA C 21 16.44 -28.85 -0.50
CA ALA C 21 17.05 -28.89 -1.82
C ALA C 21 18.55 -29.10 -1.68
N LYS C 22 19.16 -28.36 -0.76
CA LYS C 22 20.60 -28.44 -0.51
C LYS C 22 21.05 -29.85 -0.06
N ALA C 23 20.29 -30.43 0.89
CA ALA C 23 20.60 -31.76 1.41
C ALA C 23 20.37 -32.82 0.35
N LEU C 24 19.44 -32.54 -0.56
CA LEU C 24 19.14 -33.47 -1.64
C LEU C 24 20.21 -33.38 -2.73
N GLU C 25 20.69 -32.17 -2.99
CA GLU C 25 21.72 -32.00 -4.00
C GLU C 25 23.05 -32.55 -3.55
N LEU C 26 23.30 -32.50 -2.24
CA LEU C 26 24.55 -33.02 -1.69
C LEU C 26 24.66 -34.55 -1.87
N ARG C 27 23.52 -35.23 -1.75
CA ARG C 27 23.49 -36.68 -1.90
C ARG C 27 23.72 -37.07 -3.35
N ARG C 28 23.36 -36.17 -4.27
CA ARG C 28 23.57 -36.41 -5.71
C ARG C 28 25.08 -36.32 -5.93
N GLN C 29 25.72 -35.41 -5.19
CA GLN C 29 27.18 -35.21 -5.26
C GLN C 29 27.87 -36.46 -4.72
N GLY C 30 27.07 -37.43 -4.28
CA GLY C 30 27.59 -38.68 -3.74
C GLY C 30 27.93 -38.58 -2.27
N VAL C 31 27.63 -37.42 -1.67
CA VAL C 31 27.91 -37.18 -0.25
C VAL C 31 27.02 -38.06 0.60
N ASP C 32 27.62 -38.69 1.59
CA ASP C 32 26.84 -39.55 2.44
C ASP C 32 26.31 -38.78 3.61
N LEU C 33 25.06 -38.34 3.50
CA LEU C 33 24.44 -37.62 4.60
C LEU C 33 23.05 -38.14 4.89
N VAL C 34 22.68 -38.00 6.17
CA VAL C 34 21.38 -38.42 6.66
C VAL C 34 20.55 -37.13 6.73
N ALA C 35 19.46 -37.11 5.99
CA ALA C 35 18.61 -35.94 5.99
C ALA C 35 17.50 -36.05 7.01
N LEU C 36 17.44 -35.11 7.96
CA LEU C 36 16.39 -35.09 8.97
C LEU C 36 15.62 -33.77 8.78
N THR C 37 15.55 -33.34 7.53
CA THR C 37 14.90 -32.08 7.16
C THR C 37 13.50 -32.24 6.59
N ALA C 38 13.15 -33.45 6.18
CA ALA C 38 11.84 -33.73 5.58
C ALA C 38 10.63 -33.36 6.39
N GLY C 39 9.64 -32.82 5.72
CA GLY C 39 8.40 -32.48 6.39
C GLY C 39 7.29 -33.28 5.73
N GLU C 40 7.62 -34.50 5.28
CA GLU C 40 6.64 -35.32 4.61
C GLU C 40 6.83 -36.79 4.92
N PRO C 41 5.72 -37.55 4.99
CA PRO C 41 5.73 -39.00 5.28
C PRO C 41 6.65 -39.75 4.35
N ASP C 42 7.26 -40.83 4.85
CA ASP C 42 8.12 -41.64 3.99
C ASP C 42 7.27 -42.70 3.29
N PHE C 43 6.08 -42.91 3.81
CA PHE C 43 5.16 -43.87 3.22
C PHE C 43 4.62 -43.27 1.92
N ASP C 44 4.28 -44.13 0.99
CA ASP C 44 3.71 -43.71 -0.29
C ASP C 44 2.21 -43.56 0.02
N THR C 45 1.45 -42.98 -0.90
CA THR C 45 0.02 -42.80 -0.65
C THR C 45 -0.65 -44.15 -0.76
N PRO C 46 -1.56 -44.46 0.16
CA PRO C 46 -2.27 -45.75 0.15
C PRO C 46 -2.90 -46.14 -1.18
N GLU C 47 -2.96 -47.44 -1.44
CA GLU C 47 -3.51 -47.94 -2.70
C GLU C 47 -4.92 -47.53 -3.04
N HIS C 48 -5.80 -47.53 -2.04
CA HIS C 48 -7.18 -47.18 -2.34
C HIS C 48 -7.27 -45.78 -2.95
N VAL C 49 -6.39 -44.89 -2.49
CA VAL C 49 -6.39 -43.54 -3.01
C VAL C 49 -5.88 -43.55 -4.46
N LYS C 50 -4.84 -44.33 -4.73
CA LYS C 50 -4.31 -44.41 -6.10
C LYS C 50 -5.35 -44.96 -7.05
N GLU C 51 -6.13 -45.94 -6.59
CA GLU C 51 -7.16 -46.54 -7.40
C GLU C 51 -8.23 -45.53 -7.74
N ALA C 52 -8.63 -44.73 -6.77
CA ALA C 52 -9.64 -43.73 -7.00
C ALA C 52 -9.16 -42.77 -8.09
N ALA C 53 -7.85 -42.54 -8.12
CA ALA C 53 -7.26 -41.67 -9.11
C ALA C 53 -7.32 -42.32 -10.49
N ARG C 54 -6.92 -43.60 -10.56
CA ARG C 54 -6.94 -44.32 -11.83
C ARG C 54 -8.36 -44.43 -12.37
N ARG C 55 -9.30 -44.58 -11.45
CA ARG C 55 -10.69 -44.68 -11.84
C ARG C 55 -11.17 -43.35 -12.43
N ALA C 56 -10.69 -42.24 -11.86
CA ALA C 56 -11.05 -40.92 -12.35
C ALA C 56 -10.44 -40.70 -13.74
N LEU C 57 -9.17 -41.09 -13.90
CA LEU C 57 -8.47 -40.95 -15.17
C LEU C 57 -9.23 -41.66 -16.27
N ALA C 58 -9.62 -42.88 -15.98
CA ALA C 58 -10.34 -43.73 -16.91
C ALA C 58 -11.72 -43.20 -17.27
N GLN C 59 -12.39 -42.58 -16.29
CA GLN C 59 -13.72 -42.03 -16.50
C GLN C 59 -13.69 -40.64 -17.16
N GLY C 60 -12.50 -40.18 -17.54
CA GLY C 60 -12.40 -38.88 -18.19
C GLY C 60 -12.71 -37.68 -17.33
N LYS C 61 -12.42 -37.77 -16.03
CA LYS C 61 -12.66 -36.67 -15.10
C LYS C 61 -11.41 -35.81 -15.10
N THR C 62 -11.20 -35.14 -16.23
CA THR C 62 -10.04 -34.29 -16.47
C THR C 62 -10.37 -32.83 -16.83
N LYS C 63 -11.61 -32.39 -16.60
CA LYS C 63 -12.01 -31.02 -16.93
C LYS C 63 -11.90 -30.11 -15.70
N TYR C 64 -12.13 -28.81 -15.89
CA TYR C 64 -12.04 -27.88 -14.77
C TYR C 64 -13.06 -28.21 -13.70
N ALA C 65 -12.68 -28.05 -12.42
CA ALA C 65 -13.55 -28.27 -11.28
C ALA C 65 -13.93 -26.86 -10.78
N PRO C 66 -15.02 -26.72 -10.02
CA PRO C 66 -15.39 -25.39 -9.54
C PRO C 66 -14.32 -24.84 -8.60
N PRO C 67 -14.22 -23.49 -8.50
CA PRO C 67 -13.25 -22.79 -7.64
C PRO C 67 -13.22 -23.27 -6.18
N ALA C 68 -14.37 -23.63 -5.62
CA ALA C 68 -14.42 -24.10 -4.25
C ALA C 68 -14.20 -25.62 -4.16
N GLY C 69 -14.22 -26.30 -5.31
CA GLY C 69 -14.02 -27.75 -5.34
C GLY C 69 -15.22 -28.51 -5.85
N ILE C 70 -15.02 -29.77 -6.27
CA ILE C 70 -16.14 -30.60 -6.74
C ILE C 70 -17.11 -30.79 -5.56
N PRO C 71 -18.42 -30.63 -5.81
CA PRO C 71 -19.48 -30.76 -4.81
C PRO C 71 -19.32 -31.96 -3.92
N GLU C 72 -18.98 -33.08 -4.54
CA GLU C 72 -18.81 -34.34 -3.85
C GLU C 72 -17.79 -34.24 -2.75
N LEU C 73 -16.67 -33.57 -3.01
CA LEU C 73 -15.65 -33.44 -1.99
C LEU C 73 -16.11 -32.51 -0.88
N ARG C 74 -16.84 -31.46 -1.27
CA ARG C 74 -17.31 -30.50 -0.28
C ARG C 74 -18.29 -31.15 0.70
N GLU C 75 -19.08 -32.11 0.20
CA GLU C 75 -20.03 -32.80 1.07
C GLU C 75 -19.32 -33.71 2.02
N ALA C 76 -18.28 -34.37 1.52
CA ALA C 76 -17.50 -35.27 2.35
C ALA C 76 -16.70 -34.45 3.37
N LEU C 77 -16.32 -33.24 2.98
CA LEU C 77 -15.55 -32.37 3.86
C LEU C 77 -16.43 -31.94 5.02
N ALA C 78 -17.67 -31.57 4.71
CA ALA C 78 -18.64 -31.15 5.71
C ALA C 78 -18.80 -32.29 6.72
N GLU C 79 -18.89 -33.50 6.21
CA GLU C 79 -19.04 -34.72 7.00
C GLU C 79 -17.82 -35.02 7.88
N LYS C 80 -16.63 -34.79 7.34
CA LYS C 80 -15.40 -35.03 8.08
C LYS C 80 -15.21 -34.04 9.24
N PHE C 81 -15.40 -32.76 8.95
CA PHE C 81 -15.25 -31.74 9.99
C PHE C 81 -16.29 -31.96 11.08
N ARG C 82 -17.46 -32.42 10.67
CA ARG C 82 -18.54 -32.69 11.60
C ARG C 82 -18.23 -33.93 12.41
N ARG C 83 -18.06 -35.03 11.70
CA ARG C 83 -17.77 -36.30 12.33
C ARG C 83 -16.47 -36.35 13.13
N GLU C 84 -15.37 -35.93 12.53
CA GLU C 84 -14.08 -35.99 13.21
C GLU C 84 -13.72 -34.86 14.15
N ASN C 85 -14.25 -33.66 13.91
CA ASN C 85 -13.86 -32.52 14.71
C ASN C 85 -14.91 -31.84 15.57
N GLY C 86 -16.19 -32.15 15.34
CA GLY C 86 -17.24 -31.53 16.12
C GLY C 86 -17.72 -30.21 15.54
N LEU C 87 -17.22 -29.85 14.37
CA LEU C 87 -17.60 -28.61 13.71
C LEU C 87 -18.95 -28.76 13.01
N SER C 88 -19.79 -27.73 13.08
CA SER C 88 -21.12 -27.77 12.47
C SER C 88 -21.18 -27.07 11.12
N VAL C 89 -20.26 -27.41 10.23
CA VAL C 89 -20.24 -26.76 8.92
C VAL C 89 -21.17 -27.40 7.91
N THR C 90 -21.45 -26.65 6.83
CA THR C 90 -22.25 -27.18 5.73
C THR C 90 -21.31 -27.19 4.51
N PRO C 91 -21.66 -27.94 3.46
CA PRO C 91 -20.77 -27.96 2.31
C PRO C 91 -20.42 -26.58 1.79
N GLU C 92 -21.36 -25.65 1.90
CA GLU C 92 -21.16 -24.28 1.41
C GLU C 92 -20.10 -23.53 2.23
N GLU C 93 -19.77 -24.07 3.39
CA GLU C 93 -18.80 -23.45 4.28
C GLU C 93 -17.53 -24.27 4.27
N THR C 94 -17.29 -24.90 3.14
CA THR C 94 -16.15 -25.77 2.92
C THR C 94 -15.46 -25.37 1.63
N ILE C 95 -14.14 -25.54 1.55
CA ILE C 95 -13.43 -25.20 0.33
C ILE C 95 -12.21 -26.08 0.15
N VAL C 96 -11.91 -26.37 -1.12
CA VAL C 96 -10.76 -27.21 -1.46
C VAL C 96 -9.74 -26.31 -2.12
N THR C 97 -8.48 -26.43 -1.69
CA THR C 97 -7.43 -25.61 -2.23
C THR C 97 -6.21 -26.43 -2.64
N VAL C 98 -5.26 -25.78 -3.31
CA VAL C 98 -4.03 -26.43 -3.73
C VAL C 98 -3.13 -26.54 -2.51
N GLY C 99 -3.46 -27.49 -1.63
CA GLY C 99 -2.68 -27.71 -0.42
C GLY C 99 -3.19 -26.83 0.70
N GLY C 100 -2.83 -27.15 1.94
CA GLY C 100 -3.26 -26.32 3.07
C GLY C 100 -2.60 -24.95 2.97
N LYS C 101 -1.45 -24.89 2.30
CA LYS C 101 -0.73 -23.63 2.13
C LYS C 101 -1.54 -22.60 1.34
N GLN C 102 -2.27 -23.04 0.33
CA GLN C 102 -3.07 -22.11 -0.45
C GLN C 102 -4.34 -21.73 0.31
N ALA C 103 -4.74 -22.57 1.26
CA ALA C 103 -5.90 -22.26 2.07
C ALA C 103 -5.50 -21.03 2.91
N LEU C 104 -4.32 -21.08 3.53
CA LEU C 104 -3.78 -19.99 4.35
C LEU C 104 -3.46 -18.76 3.51
N PHE C 105 -2.78 -18.95 2.38
CA PHE C 105 -2.45 -17.83 1.52
C PHE C 105 -3.69 -17.10 1.07
N ASN C 106 -4.67 -17.82 0.53
CA ASN C 106 -5.92 -17.18 0.09
C ASN C 106 -6.67 -16.55 1.25
N LEU C 107 -6.53 -17.14 2.44
CA LEU C 107 -7.18 -16.64 3.66
C LEU C 107 -6.71 -15.21 3.90
N PHE C 108 -5.40 -15.04 4.13
CA PHE C 108 -4.79 -13.77 4.39
C PHE C 108 -5.06 -12.74 3.28
N GLN C 109 -5.06 -13.16 2.03
CA GLN C 109 -5.34 -12.22 0.95
C GLN C 109 -6.79 -11.73 1.04
N ALA C 110 -7.65 -12.53 1.65
CA ALA C 110 -9.07 -12.19 1.76
C ALA C 110 -9.49 -11.39 3.00
N ILE C 111 -8.69 -11.43 4.06
CA ILE C 111 -9.05 -10.72 5.28
C ILE C 111 -8.06 -9.65 5.76
N LEU C 112 -6.91 -9.51 5.11
CA LEU C 112 -5.92 -8.51 5.51
C LEU C 112 -5.79 -7.25 4.65
N ASP C 113 -5.96 -6.11 5.29
CA ASP C 113 -5.81 -4.83 4.66
C ASP C 113 -4.48 -4.41 5.21
N PRO C 114 -3.73 -3.61 4.45
CA PRO C 114 -2.42 -3.18 4.91
C PRO C 114 -2.48 -2.58 6.30
N GLY C 115 -1.60 -3.06 7.17
CA GLY C 115 -1.53 -2.56 8.52
C GLY C 115 -2.24 -3.41 9.54
N ASP C 116 -3.11 -4.32 9.09
CA ASP C 116 -3.83 -5.21 10.00
C ASP C 116 -2.83 -6.11 10.69
N GLU C 117 -3.01 -6.32 11.99
CA GLU C 117 -2.04 -7.15 12.70
C GLU C 117 -2.50 -8.56 12.85
N VAL C 118 -1.55 -9.47 12.81
CA VAL C 118 -1.83 -10.89 12.94
C VAL C 118 -0.87 -11.42 14.00
N ILE C 119 -1.43 -11.95 15.07
CA ILE C 119 -0.61 -12.49 16.14
C ILE C 119 -0.17 -13.90 15.74
N VAL C 120 1.14 -14.16 15.83
CA VAL C 120 1.73 -15.45 15.47
C VAL C 120 2.55 -15.96 16.69
N LEU C 121 2.29 -17.20 17.10
CA LEU C 121 2.96 -17.82 18.25
C LEU C 121 4.26 -18.50 17.84
N SER C 122 5.37 -18.08 18.43
CA SER C 122 6.65 -18.66 18.08
C SER C 122 7.13 -19.70 19.10
N PRO C 123 7.88 -20.73 18.65
CA PRO C 123 8.34 -21.01 17.29
C PRO C 123 7.16 -21.21 16.38
N TYR C 124 7.22 -20.56 15.22
CA TYR C 124 6.15 -20.65 14.24
C TYR C 124 6.66 -21.26 12.94
N TRP C 125 5.75 -21.76 12.12
CA TRP C 125 6.15 -22.33 10.85
C TRP C 125 6.62 -21.20 9.92
N VAL C 126 7.79 -21.42 9.35
CA VAL C 126 8.44 -20.54 8.42
C VAL C 126 7.53 -19.67 7.53
N SER C 127 6.43 -20.23 7.03
CA SER C 127 5.55 -19.49 6.13
C SER C 127 4.52 -18.49 6.65
N TYR C 128 4.11 -18.61 7.92
CA TYR C 128 3.11 -17.69 8.48
C TYR C 128 3.50 -16.22 8.34
N PRO C 129 4.70 -15.84 8.84
CA PRO C 129 5.14 -14.45 8.74
C PRO C 129 5.21 -13.96 7.29
N GLU C 130 5.75 -14.80 6.40
CA GLU C 130 5.87 -14.44 5.00
C GLU C 130 4.53 -14.19 4.33
N MET C 131 3.56 -15.06 4.59
CA MET C 131 2.24 -14.89 3.98
C MET C 131 1.51 -13.66 4.54
N VAL C 132 1.65 -13.41 5.83
CA VAL C 132 1.00 -12.27 6.45
C VAL C 132 1.47 -10.96 5.84
N ARG C 133 2.79 -10.80 5.73
CA ARG C 133 3.34 -9.57 5.17
C ARG C 133 3.14 -9.39 3.67
N PHE C 134 3.12 -10.49 2.91
CA PHE C 134 2.92 -10.43 1.47
C PHE C 134 1.51 -9.85 1.24
N ALA C 135 0.60 -10.05 2.18
CA ALA C 135 -0.76 -9.53 2.07
C ALA C 135 -0.88 -8.13 2.62
N GLY C 136 0.22 -7.61 3.18
CA GLY C 136 0.22 -6.28 3.76
C GLY C 136 0.03 -6.17 5.27
N GLY C 137 -0.14 -7.30 5.94
CA GLY C 137 -0.34 -7.27 7.38
C GLY C 137 0.93 -7.16 8.15
N VAL C 138 0.82 -7.04 9.46
CA VAL C 138 1.96 -6.90 10.35
C VAL C 138 2.03 -8.08 11.32
N VAL C 139 3.20 -8.69 11.46
CA VAL C 139 3.31 -9.84 12.35
C VAL C 139 3.65 -9.43 13.76
N VAL C 140 2.80 -9.83 14.69
CA VAL C 140 2.98 -9.54 16.10
C VAL C 140 3.31 -10.88 16.73
N GLU C 141 4.52 -11.03 17.21
CA GLU C 141 4.92 -12.30 17.82
C GLU C 141 4.66 -12.41 19.30
N VAL C 142 4.09 -13.53 19.71
CA VAL C 142 3.85 -13.81 21.11
C VAL C 142 4.68 -15.06 21.35
N GLU C 143 5.57 -14.97 22.31
CA GLU C 143 6.48 -16.05 22.65
C GLU C 143 5.89 -17.23 23.43
N THR C 144 6.34 -18.41 23.04
CA THR C 144 5.95 -19.68 23.63
C THR C 144 7.25 -20.23 24.21
N LEU C 145 7.21 -20.70 25.45
CA LEU C 145 8.42 -21.17 26.14
C LEU C 145 8.62 -22.67 26.25
N PRO C 146 9.86 -23.14 26.06
CA PRO C 146 10.17 -24.56 26.15
C PRO C 146 9.91 -25.13 27.51
N GLU C 147 10.16 -24.31 28.52
CA GLU C 147 9.95 -24.72 29.91
C GLU C 147 8.46 -24.84 30.17
N GLU C 148 7.67 -24.30 29.27
CA GLU C 148 6.22 -24.42 29.42
C GLU C 148 5.72 -25.40 28.34
N GLY C 149 6.65 -26.19 27.81
CA GLY C 149 6.33 -27.18 26.79
C GLY C 149 5.88 -26.61 25.48
N PHE C 150 6.23 -25.37 25.21
CA PHE C 150 5.85 -24.73 23.98
C PHE C 150 4.35 -24.61 23.80
N VAL C 151 3.61 -24.57 24.90
CA VAL C 151 2.15 -24.41 24.86
C VAL C 151 1.94 -22.91 25.15
N PRO C 152 1.05 -22.25 24.37
CA PRO C 152 0.82 -20.82 24.61
C PRO C 152 0.08 -20.49 25.90
N ASP C 153 0.50 -19.38 26.51
CA ASP C 153 -0.09 -18.84 27.73
C ASP C 153 -1.05 -17.78 27.22
N PRO C 154 -2.37 -18.04 27.27
CA PRO C 154 -3.35 -17.07 26.80
C PRO C 154 -3.29 -15.69 27.42
N GLU C 155 -2.50 -15.52 28.48
CA GLU C 155 -2.39 -14.20 29.09
C GLU C 155 -1.38 -13.37 28.33
N ARG C 156 -0.27 -13.99 27.91
CA ARG C 156 0.74 -13.27 27.14
C ARG C 156 0.09 -12.91 25.81
N VAL C 157 -0.86 -13.73 25.37
CA VAL C 157 -1.54 -13.48 24.12
C VAL C 157 -2.49 -12.28 24.25
N ARG C 158 -3.21 -12.20 25.37
CA ARG C 158 -4.12 -11.08 25.56
C ARG C 158 -3.38 -9.76 25.58
N ARG C 159 -2.18 -9.76 26.13
CA ARG C 159 -1.41 -8.54 26.20
C ARG C 159 -0.82 -8.05 24.87
N ALA C 160 -1.02 -8.84 23.80
CA ALA C 160 -0.52 -8.49 22.46
C ALA C 160 -1.66 -8.03 21.57
N ILE C 161 -2.88 -8.12 22.08
CA ILE C 161 -4.04 -7.70 21.30
C ILE C 161 -4.12 -6.18 21.29
N THR C 162 -4.46 -5.61 20.13
CA THR C 162 -4.56 -4.16 19.99
C THR C 162 -5.78 -3.89 19.13
N PRO C 163 -6.09 -2.61 18.88
CA PRO C 163 -7.27 -2.33 18.05
C PRO C 163 -7.03 -2.80 16.62
N ARG C 164 -5.77 -3.00 16.27
CA ARG C 164 -5.39 -3.43 14.94
C ARG C 164 -5.44 -4.94 14.68
N THR C 165 -5.57 -5.75 15.73
CA THR C 165 -5.61 -7.20 15.60
C THR C 165 -6.75 -7.73 14.72
N LYS C 166 -6.38 -8.37 13.61
CA LYS C 166 -7.33 -8.93 12.64
C LYS C 166 -7.42 -10.46 12.75
N ALA C 167 -6.34 -11.11 13.18
CA ALA C 167 -6.32 -12.58 13.31
C ALA C 167 -5.28 -13.07 14.30
N LEU C 168 -5.44 -14.32 14.72
CA LEU C 168 -4.51 -15.00 15.63
C LEU C 168 -4.32 -16.38 15.01
N VAL C 169 -3.08 -16.81 14.82
CA VAL C 169 -2.82 -18.13 14.23
C VAL C 169 -2.38 -19.15 15.24
N VAL C 170 -3.18 -20.23 15.37
CA VAL C 170 -2.83 -21.35 16.26
C VAL C 170 -2.54 -22.58 15.39
N ASN C 171 -1.54 -23.37 15.80
CA ASN C 171 -1.14 -24.56 15.06
C ASN C 171 -0.91 -25.73 16.03
N SER C 172 -1.87 -26.65 16.09
CA SER C 172 -1.76 -27.83 16.95
C SER C 172 -2.38 -29.09 16.34
N PRO C 173 -1.60 -30.19 16.23
CA PRO C 173 -0.19 -30.36 16.62
C PRO C 173 0.66 -29.34 15.89
N ASN C 174 1.71 -28.91 16.55
CA ASN C 174 2.60 -27.87 16.08
C ASN C 174 3.84 -28.24 15.28
N ASN C 175 4.17 -27.38 14.34
CA ASN C 175 5.38 -27.50 13.52
C ASN C 175 6.01 -26.15 13.86
N PRO C 176 7.29 -26.11 14.29
CA PRO C 176 8.29 -27.15 14.51
C PRO C 176 8.38 -27.83 15.87
N THR C 177 7.60 -27.40 16.85
CA THR C 177 7.70 -27.94 18.20
C THR C 177 7.12 -29.32 18.49
N GLY C 178 6.12 -29.72 17.71
CA GLY C 178 5.51 -31.03 17.92
C GLY C 178 4.57 -31.02 19.11
N ALA C 179 4.35 -29.85 19.72
CA ALA C 179 3.46 -29.76 20.86
C ALA C 179 1.99 -29.88 20.48
N VAL C 180 1.20 -30.41 21.41
CA VAL C 180 -0.25 -30.54 21.24
C VAL C 180 -0.85 -29.72 22.39
N TYR C 181 -1.53 -28.64 22.04
CA TYR C 181 -2.12 -27.75 23.02
C TYR C 181 -3.39 -28.36 23.59
N PRO C 182 -3.58 -28.23 24.92
CA PRO C 182 -4.74 -28.74 25.66
C PRO C 182 -6.04 -28.03 25.28
N LYS C 183 -7.15 -28.74 25.41
CA LYS C 183 -8.48 -28.23 25.13
C LYS C 183 -8.74 -26.91 25.85
N GLU C 184 -8.31 -26.82 27.10
CA GLU C 184 -8.51 -25.61 27.90
C GLU C 184 -7.86 -24.39 27.27
N VAL C 185 -6.60 -24.54 26.86
CA VAL C 185 -5.85 -23.44 26.26
C VAL C 185 -6.50 -23.01 24.95
N LEU C 186 -6.96 -23.98 24.17
CA LEU C 186 -7.60 -23.68 22.89
C LEU C 186 -8.91 -22.96 23.11
N GLU C 187 -9.65 -23.36 24.14
CA GLU C 187 -10.94 -22.70 24.45
C GLU C 187 -10.68 -21.25 24.85
N ALA C 188 -9.60 -21.03 25.61
CA ALA C 188 -9.20 -19.71 26.06
C ALA C 188 -8.85 -18.79 24.90
N LEU C 189 -8.07 -19.30 23.95
CA LEU C 189 -7.68 -18.51 22.79
C LEU C 189 -8.92 -18.20 21.95
N ALA C 190 -9.84 -19.16 21.85
CA ALA C 190 -11.07 -18.96 21.08
C ALA C 190 -11.91 -17.87 21.69
N ARG C 191 -11.92 -17.79 23.01
CA ARG C 191 -12.69 -16.77 23.71
C ARG C 191 -12.12 -15.39 23.46
N LEU C 192 -10.80 -15.27 23.42
CA LEU C 192 -10.17 -13.98 23.19
C LEU C 192 -10.61 -13.43 21.85
N ALA C 193 -10.71 -14.30 20.86
CA ALA C 193 -11.11 -13.90 19.53
C ALA C 193 -12.54 -13.38 19.51
N VAL C 194 -13.40 -14.03 20.28
CA VAL C 194 -14.81 -13.63 20.36
C VAL C 194 -14.96 -12.31 21.14
N GLU C 195 -14.27 -12.23 22.27
CA GLU C 195 -14.26 -11.07 23.17
C GLU C 195 -13.69 -9.84 22.51
N HIS C 196 -12.61 -10.02 21.77
CA HIS C 196 -11.96 -8.90 21.09
C HIS C 196 -12.32 -8.77 19.62
N ASP C 197 -13.18 -9.66 19.16
CA ASP C 197 -13.66 -9.63 17.78
C ASP C 197 -12.63 -9.73 16.67
N PHE C 198 -11.96 -10.87 16.56
CA PHE C 198 -11.00 -11.08 15.50
C PHE C 198 -11.05 -12.56 15.06
N TYR C 199 -10.33 -12.90 13.99
CA TYR C 199 -10.34 -14.25 13.46
C TYR C 199 -9.35 -15.20 14.10
N LEU C 200 -9.80 -16.42 14.39
CA LEU C 200 -8.92 -17.46 14.92
C LEU C 200 -8.66 -18.31 13.67
N VAL C 201 -7.40 -18.52 13.35
CA VAL C 201 -7.00 -19.33 12.21
C VAL C 201 -6.32 -20.53 12.81
N SER C 202 -7.01 -21.67 12.76
CA SER C 202 -6.50 -22.92 13.33
C SER C 202 -6.00 -23.88 12.26
N ASP C 203 -4.67 -24.04 12.23
CA ASP C 203 -3.97 -24.93 11.29
C ASP C 203 -3.84 -26.33 11.92
N GLU C 204 -4.71 -27.24 11.48
CA GLU C 204 -4.76 -28.59 12.01
C GLU C 204 -4.25 -29.74 11.13
N ILE C 205 -3.46 -29.47 10.07
CA ILE C 205 -2.97 -30.55 9.18
C ILE C 205 -2.37 -31.78 9.89
N TYR C 206 -1.78 -31.60 11.07
CA TYR C 206 -1.18 -32.75 11.76
C TYR C 206 -2.13 -33.41 12.76
N GLU C 207 -3.43 -33.17 12.65
CA GLU C 207 -4.39 -33.76 13.59
C GLU C 207 -4.31 -35.27 13.81
N HIS C 208 -3.96 -36.04 12.77
CA HIS C 208 -3.89 -37.49 12.93
C HIS C 208 -2.58 -38.08 13.38
N LEU C 209 -1.52 -37.26 13.38
CA LEU C 209 -0.22 -37.73 13.82
C LEU C 209 -0.08 -37.26 15.26
N LEU C 210 -0.89 -37.86 16.12
CA LEU C 210 -0.96 -37.55 17.54
C LEU C 210 -0.62 -38.80 18.32
N TYR C 211 0.27 -38.69 19.29
CA TYR C 211 0.67 -39.86 20.07
C TYR C 211 0.14 -39.83 21.50
N GLU C 212 0.06 -38.63 22.09
CA GLU C 212 -0.46 -38.48 23.44
C GLU C 212 -1.45 -37.32 23.48
N GLY C 213 -2.53 -37.50 24.23
CA GLY C 213 -3.53 -36.45 24.36
C GLY C 213 -4.62 -36.55 23.31
N GLU C 214 -5.43 -35.51 23.19
CA GLU C 214 -6.49 -35.48 22.22
C GLU C 214 -6.52 -34.17 21.43
N HIS C 215 -7.00 -34.26 20.20
CA HIS C 215 -7.07 -33.12 19.29
C HIS C 215 -8.38 -32.39 19.45
N PHE C 216 -8.30 -31.12 19.84
CA PHE C 216 -9.47 -30.28 20.02
C PHE C 216 -9.56 -29.20 18.93
N SER C 217 -10.75 -29.02 18.36
CA SER C 217 -10.93 -28.00 17.34
C SER C 217 -11.59 -26.75 17.96
N PRO C 218 -10.85 -25.61 18.03
CA PRO C 218 -11.37 -24.37 18.61
C PRO C 218 -12.65 -23.93 17.92
N GLY C 219 -12.84 -24.34 16.68
CA GLY C 219 -14.04 -23.98 15.94
C GLY C 219 -15.34 -24.42 16.60
N ARG C 220 -15.26 -25.30 17.59
CA ARG C 220 -16.45 -25.75 18.30
C ARG C 220 -16.90 -24.61 19.22
N VAL C 221 -15.93 -23.95 19.83
CA VAL C 221 -16.18 -22.87 20.76
C VAL C 221 -16.54 -21.53 20.11
N ALA C 222 -15.79 -21.11 19.09
CA ALA C 222 -16.04 -19.83 18.40
C ALA C 222 -16.25 -20.08 16.90
N PRO C 223 -17.39 -20.68 16.54
CA PRO C 223 -17.71 -20.99 15.15
C PRO C 223 -17.81 -19.88 14.13
N GLU C 224 -18.15 -18.67 14.58
CA GLU C 224 -18.28 -17.52 13.69
C GLU C 224 -16.99 -16.73 13.50
N HIS C 225 -15.97 -17.10 14.26
CA HIS C 225 -14.69 -16.40 14.25
C HIS C 225 -13.57 -17.32 13.78
N THR C 226 -13.84 -18.62 13.73
CA THR C 226 -12.79 -19.56 13.38
C THR C 226 -12.71 -20.05 11.95
N LEU C 227 -11.49 -20.17 11.45
CA LEU C 227 -11.22 -20.71 10.12
C LEU C 227 -10.31 -21.89 10.38
N THR C 228 -10.81 -23.09 10.12
CA THR C 228 -10.04 -24.31 10.33
C THR C 228 -9.41 -24.72 9.01
N VAL C 229 -8.10 -24.87 9.04
CA VAL C 229 -7.34 -25.24 7.87
C VAL C 229 -6.79 -26.65 8.09
N ASN C 230 -6.89 -27.47 7.05
CA ASN C 230 -6.43 -28.84 7.12
C ASN C 230 -6.00 -29.28 5.73
N GLY C 231 -5.71 -30.57 5.57
CA GLY C 231 -5.30 -31.09 4.28
C GLY C 231 -5.05 -32.59 4.30
N ALA C 232 -4.93 -33.18 3.11
CA ALA C 232 -4.70 -34.61 2.98
C ALA C 232 -3.23 -34.93 3.07
N ALA C 233 -2.39 -33.91 2.98
CA ALA C 233 -0.95 -34.06 2.99
C ALA C 233 -0.27 -34.96 4.01
N LYS C 234 -0.48 -34.71 5.30
CA LYS C 234 0.18 -35.51 6.32
C LYS C 234 -0.54 -36.80 6.69
N ALA C 235 -1.86 -36.71 6.80
CA ALA C 235 -2.67 -37.85 7.17
C ALA C 235 -2.53 -39.04 6.21
N PHE C 236 -2.62 -38.77 4.91
CA PHE C 236 -2.58 -39.79 3.88
C PHE C 236 -1.35 -39.85 3.00
N ALA C 237 -0.29 -39.18 3.39
CA ALA C 237 0.94 -39.18 2.61
C ALA C 237 0.65 -38.73 1.19
N MET C 238 -0.09 -37.63 1.07
CA MET C 238 -0.46 -37.10 -0.23
C MET C 238 0.12 -35.71 -0.43
N THR C 239 1.38 -35.52 -0.06
CA THR C 239 2.04 -34.22 -0.15
C THR C 239 2.16 -33.68 -1.57
N GLY C 240 2.56 -34.53 -2.50
CA GLY C 240 2.70 -34.12 -3.88
C GLY C 240 1.39 -34.01 -4.64
N TRP C 241 0.27 -34.37 -4.03
CA TRP C 241 -1.05 -34.29 -4.71
C TRP C 241 -1.66 -32.89 -4.66
N ARG C 242 -1.15 -32.07 -3.73
CA ARG C 242 -1.58 -30.69 -3.54
C ARG C 242 -3.08 -30.51 -3.29
N ILE C 243 -3.58 -31.10 -2.20
CA ILE C 243 -4.99 -30.93 -1.89
C ILE C 243 -5.15 -30.56 -0.42
N GLY C 244 -5.69 -29.37 -0.19
CA GLY C 244 -5.94 -28.93 1.16
C GLY C 244 -7.39 -28.52 1.24
N TYR C 245 -7.89 -28.31 2.45
CA TYR C 245 -9.27 -27.91 2.65
C TYR C 245 -9.41 -27.09 3.91
N ALA C 246 -10.48 -26.31 3.97
CA ALA C 246 -10.73 -25.44 5.10
C ALA C 246 -12.21 -25.17 5.22
N CYS C 247 -12.66 -24.83 6.43
CA CYS C 247 -14.07 -24.50 6.67
C CYS C 247 -14.15 -23.31 7.62
N GLY C 248 -15.28 -22.61 7.61
CA GLY C 248 -15.43 -21.49 8.49
C GLY C 248 -16.57 -20.63 8.04
N PRO C 249 -16.62 -19.37 8.48
CA PRO C 249 -17.70 -18.46 8.10
C PRO C 249 -17.87 -18.43 6.60
N LYS C 250 -19.10 -18.66 6.14
CA LYS C 250 -19.46 -18.69 4.74
C LYS C 250 -18.98 -17.52 3.91
N GLU C 251 -18.95 -16.34 4.50
CA GLU C 251 -18.50 -15.16 3.77
C GLU C 251 -17.00 -15.17 3.51
N VAL C 252 -16.23 -15.65 4.48
CA VAL C 252 -14.79 -15.70 4.30
C VAL C 252 -14.46 -16.82 3.31
N ILE C 253 -15.19 -17.94 3.40
CA ILE C 253 -14.98 -19.08 2.49
C ILE C 253 -15.26 -18.66 1.07
N LYS C 254 -16.36 -17.93 0.89
CA LYS C 254 -16.77 -17.45 -0.41
C LYS C 254 -15.76 -16.44 -0.97
N ALA C 255 -15.09 -15.70 -0.10
CA ALA C 255 -14.08 -14.74 -0.53
C ALA C 255 -12.84 -15.52 -0.99
N MET C 256 -12.53 -16.61 -0.29
CA MET C 256 -11.39 -17.45 -0.61
C MET C 256 -11.53 -18.12 -1.97
N ALA C 257 -12.74 -18.57 -2.31
CA ALA C 257 -12.97 -19.21 -3.62
C ALA C 257 -12.89 -18.21 -4.74
N SER C 258 -13.05 -16.94 -4.41
CA SER C 258 -13.00 -15.86 -5.40
C SER C 258 -11.55 -15.61 -5.76
N VAL C 259 -10.67 -15.66 -4.77
CA VAL C 259 -9.24 -15.48 -5.01
C VAL C 259 -8.77 -16.65 -5.85
N SER C 260 -9.29 -17.85 -5.55
CA SER C 260 -8.95 -19.06 -6.29
C SER C 260 -9.34 -18.93 -7.74
N SER C 261 -10.53 -18.42 -8.01
CA SER C 261 -10.95 -18.28 -9.40
C SER C 261 -10.08 -17.34 -10.23
N GLN C 262 -9.42 -16.38 -9.59
CA GLN C 262 -8.54 -15.45 -10.33
C GLN C 262 -7.06 -15.80 -10.18
N SER C 263 -6.76 -16.96 -9.61
CA SER C 263 -5.38 -17.41 -9.47
C SER C 263 -5.13 -18.84 -10.02
N THR C 264 -5.74 -19.86 -9.42
CA THR C 264 -5.52 -21.23 -9.86
C THR C 264 -6.73 -21.93 -10.46
N THR C 265 -7.85 -21.22 -10.54
CA THR C 265 -9.15 -21.74 -10.99
C THR C 265 -9.69 -22.72 -9.96
N SER C 266 -9.09 -23.89 -9.87
CA SER C 266 -9.48 -24.92 -8.91
C SER C 266 -8.36 -25.95 -8.85
N PRO C 267 -8.27 -26.74 -7.78
CA PRO C 267 -7.19 -27.72 -7.75
C PRO C 267 -7.41 -28.83 -8.78
N ASP C 268 -6.37 -29.65 -8.97
CA ASP C 268 -6.33 -30.81 -9.88
C ASP C 268 -7.59 -31.69 -9.72
N THR C 269 -8.35 -31.88 -10.80
CA THR C 269 -9.57 -32.67 -10.73
C THR C 269 -9.35 -34.12 -10.31
N ILE C 270 -8.28 -34.74 -10.81
CA ILE C 270 -7.96 -36.13 -10.47
C ILE C 270 -7.60 -36.23 -9.00
N ALA C 271 -6.80 -35.30 -8.50
CA ALA C 271 -6.41 -35.32 -7.10
C ALA C 271 -7.61 -35.12 -6.20
N GLN C 272 -8.63 -34.41 -6.69
CA GLN C 272 -9.85 -34.16 -5.93
C GLN C 272 -10.63 -35.46 -5.73
N TRP C 273 -10.85 -36.20 -6.81
CA TRP C 273 -11.55 -37.47 -6.71
C TRP C 273 -10.75 -38.46 -5.85
N ALA C 274 -9.44 -38.43 -5.97
CA ALA C 274 -8.59 -39.30 -5.16
C ALA C 274 -8.86 -39.02 -3.69
N THR C 275 -8.92 -37.74 -3.34
CA THR C 275 -9.15 -37.32 -1.96
C THR C 275 -10.54 -37.70 -1.44
N LEU C 276 -11.54 -37.67 -2.32
CA LEU C 276 -12.88 -38.04 -1.96
C LEU C 276 -12.83 -39.46 -1.40
N GLU C 277 -12.00 -40.31 -2.00
CA GLU C 277 -11.86 -41.70 -1.59
C GLU C 277 -11.18 -41.82 -0.24
N ALA C 278 -10.14 -41.04 -0.01
CA ALA C 278 -9.42 -41.07 1.26
C ALA C 278 -10.37 -40.71 2.40
N LEU C 279 -11.32 -39.82 2.14
CA LEU C 279 -12.26 -39.40 3.18
C LEU C 279 -13.46 -40.32 3.39
N THR C 280 -14.01 -40.87 2.31
CA THR C 280 -15.18 -41.74 2.41
C THR C 280 -14.89 -43.20 2.72
N ASN C 281 -13.75 -43.70 2.26
CA ASN C 281 -13.35 -45.07 2.52
C ASN C 281 -12.69 -45.11 3.88
N GLN C 282 -13.52 -45.03 4.92
CA GLN C 282 -13.05 -44.99 6.30
C GLN C 282 -12.26 -46.18 6.78
N GLU C 283 -12.67 -47.38 6.39
CA GLU C 283 -11.99 -48.58 6.82
C GLU C 283 -10.54 -48.61 6.33
N ALA C 284 -10.35 -48.36 5.05
CA ALA C 284 -9.04 -48.37 4.41
C ALA C 284 -8.11 -47.26 4.90
N SER C 285 -8.65 -46.06 5.02
CA SER C 285 -7.83 -44.94 5.47
C SER C 285 -7.46 -45.05 6.94
N ARG C 286 -8.44 -45.45 7.75
CA ARG C 286 -8.23 -45.60 9.18
C ARG C 286 -7.09 -46.59 9.41
N ALA C 287 -7.01 -47.59 8.52
CA ALA C 287 -5.99 -48.60 8.61
C ALA C 287 -4.61 -48.03 8.33
N PHE C 288 -4.52 -47.19 7.30
CA PHE C 288 -3.23 -46.56 6.96
C PHE C 288 -2.82 -45.65 8.11
N VAL C 289 -3.72 -44.78 8.55
CA VAL C 289 -3.42 -43.85 9.63
C VAL C 289 -2.93 -44.54 10.90
N GLU C 290 -3.55 -45.65 11.29
CA GLU C 290 -3.14 -46.38 12.48
C GLU C 290 -1.73 -46.90 12.31
N MET C 291 -1.47 -47.46 11.14
CA MET C 291 -0.17 -48.03 10.85
C MET C 291 0.97 -47.03 10.83
N ALA C 292 0.73 -45.87 10.22
CA ALA C 292 1.74 -44.82 10.12
C ALA C 292 2.03 -44.22 11.47
N ARG C 293 0.97 -43.93 12.23
CA ARG C 293 1.12 -43.35 13.56
C ARG C 293 2.01 -44.18 14.47
N GLU C 294 1.77 -45.46 14.56
CA GLU C 294 2.57 -46.31 15.42
C GLU C 294 4.03 -46.38 14.96
N ALA C 295 4.27 -46.25 13.65
CA ALA C 295 5.63 -46.27 13.12
C ALA C 295 6.34 -45.00 13.54
N TYR C 296 5.62 -43.88 13.49
CA TYR C 296 6.18 -42.58 13.88
C TYR C 296 6.45 -42.56 15.37
N ARG C 297 5.48 -43.07 16.13
CA ARG C 297 5.61 -43.14 17.58
C ARG C 297 6.87 -43.91 17.94
N ARG C 298 7.06 -45.05 17.28
CA ARG C 298 8.21 -45.92 17.48
C ARG C 298 9.51 -45.20 17.14
N ARG C 299 9.46 -44.31 16.16
CA ARG C 299 10.63 -43.54 15.74
C ARG C 299 10.89 -42.38 16.69
N ARG C 300 9.81 -41.79 17.21
CA ARG C 300 9.93 -40.68 18.15
C ARG C 300 10.72 -41.18 19.37
N ASP C 301 10.16 -42.20 20.02
CA ASP C 301 10.78 -42.78 21.20
C ASP C 301 12.23 -43.15 20.95
N LEU C 302 12.52 -43.71 19.78
CA LEU C 302 13.89 -44.11 19.43
C LEU C 302 14.83 -42.89 19.44
N LEU C 303 14.41 -41.84 18.72
CA LEU C 303 15.20 -40.61 18.60
C LEU C 303 15.41 -39.95 19.97
N LEU C 304 14.31 -39.72 20.69
CA LEU C 304 14.38 -39.08 22.00
C LEU C 304 15.26 -39.81 23.00
N GLU C 305 15.20 -41.13 23.03
CA GLU C 305 16.04 -41.86 23.97
C GLU C 305 17.49 -41.65 23.64
N GLY C 306 17.80 -41.57 22.36
CA GLY C 306 19.16 -41.39 21.90
C GLY C 306 19.71 -40.02 22.22
N LEU C 307 18.86 -39.00 22.11
CA LEU C 307 19.29 -37.64 22.41
C LEU C 307 19.57 -37.55 23.89
N THR C 308 18.62 -38.06 24.68
CA THR C 308 18.71 -38.08 26.13
C THR C 308 20.02 -38.69 26.59
N ALA C 309 20.38 -39.80 25.97
CA ALA C 309 21.61 -40.51 26.29
C ALA C 309 22.85 -39.70 25.90
N LEU C 310 22.76 -38.85 24.89
CA LEU C 310 23.89 -38.04 24.45
C LEU C 310 23.93 -36.72 25.22
N GLY C 311 22.90 -36.48 26.02
CA GLY C 311 22.85 -35.26 26.81
C GLY C 311 22.39 -34.03 26.05
N LEU C 312 21.62 -34.24 24.99
CA LEU C 312 21.08 -33.13 24.19
C LEU C 312 19.65 -32.93 24.63
N LYS C 313 19.27 -31.71 24.95
CA LYS C 313 17.91 -31.45 25.38
C LYS C 313 16.93 -31.32 24.21
N ALA C 314 15.66 -31.57 24.49
CA ALA C 314 14.58 -31.46 23.52
C ALA C 314 13.24 -31.72 24.21
N VAL C 315 12.27 -30.84 23.99
CA VAL C 315 10.95 -31.03 24.59
C VAL C 315 10.28 -32.22 23.89
N ARG C 316 9.76 -33.16 24.68
CA ARG C 316 9.10 -34.33 24.12
C ARG C 316 7.84 -33.92 23.34
N PRO C 317 7.80 -34.26 22.04
CA PRO C 317 6.69 -33.96 21.15
C PRO C 317 5.53 -34.96 21.31
N SER C 318 4.31 -34.47 21.15
CA SER C 318 3.13 -35.32 21.27
C SER C 318 2.37 -35.46 19.96
N GLY C 319 2.86 -34.82 18.90
CA GLY C 319 2.19 -34.87 17.61
C GLY C 319 3.12 -34.44 16.49
N ALA C 320 2.64 -34.48 15.24
CA ALA C 320 3.42 -34.12 14.06
C ALA C 320 4.65 -35.02 14.05
N PHE C 321 5.67 -34.70 13.25
CA PHE C 321 6.86 -35.54 13.28
C PHE C 321 8.15 -34.75 13.33
N TYR C 322 8.19 -33.76 14.24
CA TYR C 322 9.35 -32.89 14.41
C TYR C 322 9.77 -32.80 15.88
N VAL C 323 11.02 -32.40 16.11
CA VAL C 323 11.54 -32.23 17.45
C VAL C 323 12.49 -31.05 17.40
N LEU C 324 12.35 -30.12 18.35
CA LEU C 324 13.24 -28.97 18.42
C LEU C 324 14.35 -29.35 19.40
N MET C 325 15.58 -29.47 18.89
CA MET C 325 16.72 -29.84 19.70
C MET C 325 17.62 -28.68 20.07
N ASP C 326 17.90 -28.55 21.37
CA ASP C 326 18.75 -27.51 21.90
C ASP C 326 20.16 -27.85 21.44
N THR C 327 20.74 -26.98 20.62
CA THR C 327 22.10 -27.18 20.09
C THR C 327 23.26 -26.54 20.87
N SER C 328 23.01 -26.11 22.12
CA SER C 328 24.05 -25.48 22.96
C SER C 328 25.32 -26.31 23.08
N PRO C 329 25.17 -27.63 23.31
CA PRO C 329 26.33 -28.51 23.45
C PRO C 329 27.19 -28.58 22.18
N ILE C 330 26.60 -28.33 21.02
CA ILE C 330 27.32 -28.40 19.77
C ILE C 330 27.97 -27.08 19.34
N ALA C 331 27.27 -25.98 19.56
CA ALA C 331 27.80 -24.69 19.17
C ALA C 331 27.05 -23.58 19.89
N PRO C 332 27.54 -22.34 19.76
CA PRO C 332 26.89 -21.19 20.41
C PRO C 332 25.59 -20.72 19.74
N ASP C 333 25.36 -21.14 18.49
CA ASP C 333 24.14 -20.75 17.76
C ASP C 333 23.73 -21.80 16.72
N GLU C 334 22.44 -21.80 16.38
CA GLU C 334 21.88 -22.76 15.41
C GLU C 334 22.55 -22.78 14.06
N VAL C 335 23.02 -21.63 13.59
CA VAL C 335 23.63 -21.62 12.26
C VAL C 335 24.96 -22.33 12.30
N ARG C 336 25.80 -22.00 13.26
CA ARG C 336 27.10 -22.64 13.39
C ARG C 336 26.89 -24.13 13.73
N ALA C 337 25.88 -24.38 14.56
CA ALA C 337 25.55 -25.75 14.98
C ALA C 337 25.06 -26.59 13.80
N ALA C 338 24.25 -26.00 12.93
CA ALA C 338 23.76 -26.75 11.78
C ALA C 338 24.91 -27.01 10.83
N GLU C 339 25.89 -26.10 10.81
CA GLU C 339 27.06 -26.26 9.95
C GLU C 339 27.89 -27.45 10.39
N ARG C 340 28.12 -27.57 11.70
CA ARG C 340 28.90 -28.67 12.23
C ARG C 340 28.24 -30.00 11.94
N LEU C 341 26.92 -30.05 12.10
CA LEU C 341 26.16 -31.29 11.88
C LEU C 341 26.24 -31.71 10.43
N LEU C 342 26.14 -30.75 9.53
CA LEU C 342 26.23 -31.05 8.11
C LEU C 342 27.58 -31.66 7.84
N GLU C 343 28.58 -31.10 8.51
CA GLU C 343 29.98 -31.54 8.39
C GLU C 343 30.19 -32.94 8.98
N ALA C 344 29.27 -33.34 9.85
CA ALA C 344 29.34 -34.65 10.48
C ALA C 344 28.46 -35.64 9.73
N GLY C 345 27.86 -35.17 8.62
CA GLY C 345 27.00 -36.02 7.80
C GLY C 345 25.52 -36.02 8.14
N VAL C 346 25.04 -35.01 8.86
CA VAL C 346 23.61 -34.95 9.21
C VAL C 346 23.03 -33.56 8.88
N ALA C 347 21.98 -33.54 8.06
CA ALA C 347 21.34 -32.28 7.69
C ALA C 347 20.11 -32.01 8.55
N VAL C 348 20.09 -30.87 9.22
CA VAL C 348 18.95 -30.45 10.04
C VAL C 348 18.51 -29.07 9.54
N VAL C 349 17.35 -28.58 9.98
CA VAL C 349 16.89 -27.25 9.58
C VAL C 349 17.15 -26.33 10.76
N PRO C 350 18.02 -25.31 10.59
CA PRO C 350 18.25 -24.43 11.74
C PRO C 350 16.95 -23.73 12.15
N GLY C 351 16.78 -23.51 13.46
CA GLY C 351 15.55 -22.89 13.94
C GLY C 351 15.41 -21.39 13.76
N THR C 352 16.43 -20.76 13.16
CA THR C 352 16.44 -19.30 12.95
C THR C 352 15.11 -18.75 12.44
N ASP C 353 14.71 -19.19 11.25
CA ASP C 353 13.48 -18.70 10.65
C ASP C 353 12.20 -19.13 11.34
N PHE C 354 12.29 -20.06 12.27
CA PHE C 354 11.10 -20.49 12.99
C PHE C 354 11.03 -19.64 14.25
N ALA C 355 12.07 -18.83 14.46
CA ALA C 355 12.22 -17.97 15.63
C ALA C 355 12.56 -18.88 16.83
N ALA C 356 13.05 -20.08 16.52
CA ALA C 356 13.45 -21.04 17.54
C ALA C 356 14.96 -20.97 17.63
N PHE C 357 15.49 -19.83 18.10
CA PHE C 357 16.93 -19.64 18.23
C PHE C 357 17.53 -20.59 19.22
N GLY C 358 18.78 -20.95 19.00
CA GLY C 358 19.46 -21.89 19.87
C GLY C 358 19.00 -23.30 19.66
N HIS C 359 18.05 -23.50 18.75
CA HIS C 359 17.52 -24.84 18.44
C HIS C 359 17.63 -25.17 16.97
N VAL C 360 17.44 -26.45 16.67
CA VAL C 360 17.52 -27.00 15.33
C VAL C 360 16.32 -27.95 15.23
N ARG C 361 15.69 -28.05 14.07
CA ARG C 361 14.51 -28.94 13.94
C ARG C 361 14.85 -30.28 13.28
N LEU C 362 14.51 -31.38 13.95
CA LEU C 362 14.74 -32.73 13.39
C LEU C 362 13.41 -33.34 13.01
N SER C 363 13.41 -34.21 11.99
CA SER C 363 12.19 -34.89 11.55
C SER C 363 12.42 -36.39 11.65
N TYR C 364 11.51 -37.09 12.30
CA TYR C 364 11.65 -38.52 12.43
C TYR C 364 10.70 -39.21 11.47
N ALA C 365 10.61 -38.66 10.27
CA ALA C 365 9.78 -39.21 9.21
C ALA C 365 10.68 -39.99 8.24
N THR C 366 11.66 -40.72 8.76
CA THR C 366 12.55 -41.56 7.94
C THR C 366 12.74 -42.87 8.66
N SER C 367 13.43 -43.79 8.00
CA SER C 367 13.68 -45.09 8.56
C SER C 367 14.38 -45.05 9.90
N GLU C 368 14.15 -46.11 10.68
CA GLU C 368 14.77 -46.25 11.99
C GLU C 368 16.28 -46.33 11.80
N GLU C 369 16.68 -46.87 10.66
CA GLU C 369 18.10 -47.01 10.32
C GLU C 369 18.74 -45.62 10.19
N ASN C 370 18.03 -44.73 9.51
CA ASN C 370 18.55 -43.37 9.35
C ASN C 370 18.67 -42.68 10.69
N LEU C 371 17.65 -42.83 11.53
CA LEU C 371 17.64 -42.23 12.85
C LEU C 371 18.83 -42.72 13.66
N ARG C 372 19.05 -44.03 13.67
CA ARG C 372 20.16 -44.65 14.39
C ARG C 372 21.48 -44.16 13.83
N LYS C 373 21.54 -44.07 12.51
CA LYS C 373 22.73 -43.60 11.83
C LYS C 373 23.04 -42.15 12.21
N ALA C 374 22.01 -41.32 12.28
CA ALA C 374 22.19 -39.92 12.64
C ALA C 374 22.67 -39.80 14.08
N LEU C 375 22.08 -40.62 14.96
CA LEU C 375 22.44 -40.63 16.37
C LEU C 375 23.91 -40.97 16.63
N GLU C 376 24.51 -41.73 15.72
CA GLU C 376 25.91 -42.09 15.85
C GLU C 376 26.78 -40.89 15.54
N ARG C 377 26.40 -40.14 14.51
CA ARG C 377 27.16 -38.98 14.10
C ARG C 377 27.02 -37.86 15.11
N PHE C 378 25.88 -37.80 15.78
CA PHE C 378 25.68 -36.77 16.80
C PHE C 378 26.71 -37.09 17.85
N ALA C 379 26.79 -38.37 18.19
CA ALA C 379 27.73 -38.83 19.18
C ALA C 379 29.14 -38.33 18.87
N ARG C 380 29.68 -38.68 17.71
CA ARG C 380 31.04 -38.23 17.39
C ARG C 380 31.25 -36.70 17.40
N VAL C 381 30.21 -35.95 17.06
CA VAL C 381 30.30 -34.49 17.07
C VAL C 381 30.54 -34.03 18.51
N LEU C 382 29.91 -34.73 19.45
CA LEU C 382 30.06 -34.41 20.85
C LEU C 382 31.32 -35.09 21.42
N MET D 1 -11.02 -6.18 14.73
CA MET D 1 -12.37 -6.30 14.11
C MET D 1 -12.35 -7.36 13.02
N ARG D 2 -13.53 -7.81 12.60
CA ARG D 2 -13.63 -8.80 11.54
C ARG D 2 -13.99 -8.08 10.27
N GLY D 3 -13.94 -8.79 9.16
CA GLY D 3 -14.29 -8.17 7.88
C GLY D 3 -13.38 -8.56 6.74
N LEU D 4 -13.91 -8.57 5.53
CA LEU D 4 -13.10 -8.90 4.37
C LEU D 4 -12.22 -7.74 3.94
N SER D 5 -11.15 -8.03 3.23
CA SER D 5 -10.25 -7.00 2.75
C SER D 5 -10.92 -6.23 1.63
N ARG D 6 -10.35 -5.07 1.36
CA ARG D 6 -10.85 -4.17 0.35
C ARG D 6 -10.62 -4.76 -1.04
N ARG D 7 -9.43 -5.30 -1.26
CA ARG D 7 -9.09 -5.88 -2.55
C ARG D 7 -10.01 -7.03 -2.96
N VAL D 8 -10.38 -7.87 -2.01
CA VAL D 8 -11.26 -8.97 -2.33
C VAL D 8 -12.67 -8.45 -2.53
N GLN D 9 -13.01 -7.32 -1.88
CA GLN D 9 -14.33 -6.74 -2.02
C GLN D 9 -14.48 -6.06 -3.36
N ALA D 10 -13.37 -5.63 -3.94
CA ALA D 10 -13.39 -4.95 -5.22
C ALA D 10 -13.41 -5.90 -6.39
N MET D 11 -12.83 -7.08 -6.17
CA MET D 11 -12.70 -8.11 -7.20
C MET D 11 -13.95 -8.80 -7.67
N LYS D 12 -14.05 -9.00 -8.97
CA LYS D 12 -15.17 -9.70 -9.57
C LYS D 12 -14.71 -11.15 -9.79
N PRO D 13 -15.44 -12.13 -9.24
CA PRO D 13 -15.00 -13.52 -9.47
C PRO D 13 -15.30 -13.84 -10.96
N SER D 14 -14.47 -14.69 -11.55
CA SER D 14 -14.59 -15.04 -12.96
C SER D 14 -16.01 -15.12 -13.52
N ALA D 15 -16.28 -14.26 -14.49
CA ALA D 15 -17.60 -14.19 -15.13
C ALA D 15 -17.89 -15.35 -16.07
N THR D 16 -16.86 -15.80 -16.78
CA THR D 16 -16.98 -16.92 -17.71
C THR D 16 -17.26 -18.19 -16.90
N VAL D 17 -16.55 -18.32 -15.76
CA VAL D 17 -16.71 -19.44 -14.85
C VAL D 17 -18.15 -19.42 -14.33
N ALA D 18 -18.62 -18.24 -13.97
CA ALA D 18 -19.96 -18.07 -13.46
C ALA D 18 -21.07 -18.46 -14.43
N VAL D 19 -20.98 -18.01 -15.68
CA VAL D 19 -22.02 -18.33 -16.67
C VAL D 19 -22.00 -19.80 -17.06
N ASN D 20 -20.86 -20.46 -16.89
CA ASN D 20 -20.75 -21.87 -17.20
C ASN D 20 -21.50 -22.66 -16.17
N ALA D 21 -21.35 -22.28 -14.91
CA ALA D 21 -22.01 -22.95 -13.82
C ALA D 21 -23.52 -22.87 -14.01
N LYS D 22 -24.00 -21.70 -14.40
CA LYS D 22 -25.42 -21.47 -14.60
C LYS D 22 -25.99 -22.34 -15.70
N ALA D 23 -25.28 -22.41 -16.83
CA ALA D 23 -25.72 -23.22 -17.98
C ALA D 23 -25.64 -24.69 -17.65
N LEU D 24 -24.74 -25.05 -16.76
CA LEU D 24 -24.60 -26.45 -16.37
C LEU D 24 -25.70 -26.81 -15.37
N GLU D 25 -26.05 -25.89 -14.49
CA GLU D 25 -27.08 -26.16 -13.51
C GLU D 25 -28.45 -26.22 -14.17
N LEU D 26 -28.63 -25.47 -15.24
CA LEU D 26 -29.89 -25.45 -15.96
C LEU D 26 -30.17 -26.80 -16.61
N ARG D 27 -29.13 -27.46 -17.09
CA ARG D 27 -29.27 -28.76 -17.73
C ARG D 27 -29.60 -29.85 -16.71
N ARG D 28 -29.20 -29.64 -15.46
CA ARG D 28 -29.50 -30.58 -14.39
C ARG D 28 -30.99 -30.44 -14.11
N GLN D 29 -31.49 -29.20 -14.24
CA GLN D 29 -32.92 -28.89 -14.02
C GLN D 29 -33.71 -29.56 -15.13
N GLY D 30 -33.03 -30.21 -16.05
CA GLY D 30 -33.69 -30.89 -17.13
C GLY D 30 -33.96 -30.01 -18.34
N VAL D 31 -33.49 -28.76 -18.24
CA VAL D 31 -33.67 -27.78 -19.31
C VAL D 31 -32.84 -28.17 -20.55
N ASP D 32 -33.47 -28.07 -21.73
CA ASP D 32 -32.82 -28.43 -22.99
C ASP D 32 -32.04 -27.28 -23.57
N LEU D 33 -30.80 -27.09 -23.15
CA LEU D 33 -30.04 -25.98 -23.71
C LEU D 33 -28.71 -26.42 -24.26
N VAL D 34 -28.28 -25.68 -25.27
CA VAL D 34 -27.01 -25.91 -25.94
C VAL D 34 -26.05 -24.90 -25.33
N ALA D 35 -24.99 -25.39 -24.72
CA ALA D 35 -24.01 -24.50 -24.12
C ALA D 35 -22.87 -24.20 -25.07
N LEU D 36 -22.69 -22.92 -25.38
CA LEU D 36 -21.60 -22.48 -26.25
C LEU D 36 -20.69 -21.57 -25.39
N THR D 37 -20.62 -21.87 -24.10
CA THR D 37 -19.85 -21.09 -23.15
C THR D 37 -18.49 -21.69 -22.77
N ALA D 38 -18.30 -22.96 -23.07
CA ALA D 38 -17.07 -23.68 -22.72
C ALA D 38 -15.79 -23.11 -23.27
N GLY D 39 -14.76 -23.12 -22.44
CA GLY D 39 -13.47 -22.61 -22.86
C GLY D 39 -12.48 -23.76 -22.75
N GLU D 40 -12.95 -24.98 -23.02
CA GLU D 40 -12.11 -26.15 -22.91
C GLU D 40 -12.45 -27.20 -23.96
N PRO D 41 -11.43 -27.93 -24.44
CA PRO D 41 -11.59 -28.98 -25.46
C PRO D 41 -12.61 -30.00 -25.06
N ASP D 42 -13.31 -30.57 -26.04
CA ASP D 42 -14.31 -31.60 -25.72
C ASP D 42 -13.61 -32.96 -25.73
N PHE D 43 -12.42 -33.01 -26.30
CA PHE D 43 -11.65 -34.23 -26.33
C PHE D 43 -11.09 -34.49 -24.95
N ASP D 44 -10.90 -35.76 -24.61
CA ASP D 44 -10.35 -36.15 -23.33
C ASP D 44 -8.84 -36.03 -23.54
N THR D 45 -8.06 -36.15 -22.46
CA THR D 45 -6.63 -36.01 -22.61
C THR D 45 -6.10 -37.29 -23.25
N PRO D 46 -5.18 -37.15 -24.22
CA PRO D 46 -4.62 -38.31 -24.91
C PRO D 46 -4.10 -39.41 -24.00
N GLU D 47 -4.20 -40.66 -24.46
CA GLU D 47 -3.77 -41.81 -23.66
C GLU D 47 -2.34 -41.81 -23.20
N HIS D 48 -1.41 -41.40 -24.08
CA HIS D 48 -0.02 -41.43 -23.68
C HIS D 48 0.19 -40.59 -22.42
N VAL D 49 -0.55 -39.48 -22.31
CA VAL D 49 -0.43 -38.62 -21.15
C VAL D 49 -1.00 -39.33 -19.92
N LYS D 50 -2.13 -40.01 -20.06
CA LYS D 50 -2.72 -40.75 -18.93
C LYS D 50 -1.78 -41.85 -18.45
N GLU D 51 -1.12 -42.52 -19.40
CA GLU D 51 -0.19 -43.58 -19.05
C GLU D 51 0.98 -43.05 -18.26
N ALA D 52 1.50 -41.90 -18.66
CA ALA D 52 2.63 -41.28 -17.97
C ALA D 52 2.22 -41.00 -16.53
N ALA D 53 0.93 -40.69 -16.34
CA ALA D 53 0.41 -40.41 -15.02
C ALA D 53 0.33 -41.69 -14.20
N ARG D 54 -0.18 -42.75 -14.81
CA ARG D 54 -0.32 -44.05 -14.12
C ARG D 54 1.06 -44.57 -13.75
N ARG D 55 2.01 -44.33 -14.63
CA ARG D 55 3.36 -44.79 -14.40
C ARG D 55 3.95 -44.05 -13.21
N ALA D 56 3.64 -42.75 -13.09
CA ALA D 56 4.12 -41.94 -11.97
C ALA D 56 3.46 -42.41 -10.66
N LEU D 57 2.15 -42.64 -10.69
CA LEU D 57 1.44 -43.13 -9.53
C LEU D 57 2.10 -44.39 -9.01
N ALA D 58 2.33 -45.32 -9.94
CA ALA D 58 2.92 -46.62 -9.61
C ALA D 58 4.34 -46.56 -9.07
N GLN D 59 5.10 -45.59 -9.56
CA GLN D 59 6.47 -45.42 -9.11
C GLN D 59 6.58 -44.60 -7.82
N GLY D 60 5.44 -44.26 -7.23
CA GLY D 60 5.48 -43.50 -5.99
C GLY D 60 5.96 -42.06 -6.09
N LYS D 61 5.72 -41.41 -7.22
CA LYS D 61 6.10 -40.01 -7.42
C LYS D 61 4.93 -39.12 -6.94
N THR D 62 4.73 -39.16 -5.62
CA THR D 62 3.67 -38.45 -4.94
C THR D 62 4.16 -37.44 -3.88
N LYS D 63 5.45 -37.09 -3.87
CA LYS D 63 5.98 -36.17 -2.87
C LYS D 63 6.02 -34.75 -3.40
N TYR D 64 6.40 -33.79 -2.56
CA TYR D 64 6.46 -32.40 -2.99
C TYR D 64 7.48 -32.20 -4.11
N ALA D 65 7.15 -31.37 -5.09
CA ALA D 65 8.07 -31.06 -6.18
C ALA D 65 8.60 -29.66 -5.87
N PRO D 66 9.74 -29.26 -6.47
CA PRO D 66 10.28 -27.92 -6.18
C PRO D 66 9.32 -26.83 -6.66
N PRO D 67 9.39 -25.63 -6.06
CA PRO D 67 8.55 -24.48 -6.40
C PRO D 67 8.51 -24.12 -7.86
N ALA D 68 9.64 -24.26 -8.53
CA ALA D 68 9.71 -23.94 -9.96
C ALA D 68 9.35 -25.13 -10.82
N GLY D 69 9.20 -26.31 -10.21
CA GLY D 69 8.84 -27.52 -10.93
C GLY D 69 9.92 -28.58 -10.96
N ILE D 70 9.57 -29.83 -11.27
CA ILE D 70 10.56 -30.89 -11.33
C ILE D 70 11.54 -30.52 -12.45
N PRO D 71 12.84 -30.68 -12.21
CA PRO D 71 13.95 -30.37 -13.14
C PRO D 71 13.71 -30.92 -14.55
N GLU D 72 13.20 -32.15 -14.60
CA GLU D 72 12.93 -32.81 -15.86
C GLU D 72 11.97 -32.00 -16.71
N LEU D 73 10.91 -31.47 -16.09
CA LEU D 73 9.94 -30.69 -16.88
C LEU D 73 10.56 -29.39 -17.32
N ARG D 74 11.36 -28.79 -16.46
CA ARG D 74 11.99 -27.51 -16.79
C ARG D 74 12.93 -27.65 -17.99
N GLU D 75 13.58 -28.80 -18.10
CA GLU D 75 14.49 -29.04 -19.21
C GLU D 75 13.72 -29.23 -20.49
N ALA D 76 12.58 -29.91 -20.39
CA ALA D 76 11.73 -30.15 -21.56
C ALA D 76 11.06 -28.84 -21.97
N LEU D 77 10.82 -27.97 -20.99
CA LEU D 77 10.21 -26.67 -21.25
C LEU D 77 11.18 -25.80 -22.01
N ALA D 78 12.44 -25.80 -21.58
CA ALA D 78 13.49 -25.02 -22.24
C ALA D 78 13.58 -25.45 -23.70
N GLU D 79 13.49 -26.77 -23.92
CA GLU D 79 13.55 -27.37 -25.25
C GLU D 79 12.34 -27.04 -26.12
N LYS D 80 11.15 -27.00 -25.51
CA LYS D 80 9.92 -26.66 -26.24
C LYS D 80 9.91 -25.19 -26.67
N PHE D 81 10.24 -24.28 -25.75
CA PHE D 81 10.25 -22.85 -26.09
C PHE D 81 11.31 -22.58 -27.15
N ARG D 82 12.41 -23.32 -27.08
CA ARG D 82 13.48 -23.17 -28.03
C ARG D 82 13.06 -23.75 -29.36
N ARG D 83 12.70 -25.03 -29.35
CA ARG D 83 12.32 -25.73 -30.56
C ARG D 83 11.05 -25.22 -31.23
N GLU D 84 9.99 -25.05 -30.47
CA GLU D 84 8.74 -24.57 -31.05
C GLU D 84 8.53 -23.07 -31.22
N ASN D 85 9.19 -22.25 -30.40
CA ASN D 85 8.98 -20.82 -30.46
C ASN D 85 10.13 -19.92 -30.83
N GLY D 86 11.36 -20.45 -30.84
CA GLY D 86 12.49 -19.63 -31.20
C GLY D 86 13.09 -18.86 -30.03
N LEU D 87 12.61 -19.14 -28.84
CA LEU D 87 13.09 -18.49 -27.63
C LEU D 87 14.38 -19.16 -27.17
N SER D 88 15.31 -18.35 -26.68
CA SER D 88 16.61 -18.86 -26.20
C SER D 88 16.68 -19.00 -24.68
N VAL D 89 15.71 -19.68 -24.09
CA VAL D 89 15.69 -19.84 -22.65
C VAL D 89 16.51 -21.03 -22.17
N THR D 90 16.74 -21.07 -20.86
CA THR D 90 17.47 -22.16 -20.24
C THR D 90 16.51 -22.74 -19.21
N PRO D 91 16.79 -23.92 -18.68
CA PRO D 91 15.85 -24.44 -17.70
C PRO D 91 15.64 -23.51 -16.53
N GLU D 92 16.68 -22.77 -16.14
CA GLU D 92 16.60 -21.85 -15.01
C GLU D 92 15.69 -20.65 -15.26
N GLU D 93 15.32 -20.42 -16.52
CA GLU D 93 14.45 -19.34 -16.91
C GLU D 93 13.10 -19.89 -17.32
N THR D 94 12.72 -21.00 -16.69
CA THR D 94 11.49 -21.70 -16.97
C THR D 94 10.81 -21.96 -15.64
N ILE D 95 9.48 -22.03 -15.63
CA ILE D 95 8.76 -22.29 -14.39
C ILE D 95 7.45 -22.99 -14.68
N VAL D 96 7.04 -23.87 -13.77
CA VAL D 96 5.81 -24.61 -13.90
C VAL D 96 4.87 -24.09 -12.82
N THR D 97 3.63 -23.84 -13.21
CA THR D 97 2.64 -23.29 -12.29
C THR D 97 1.32 -24.05 -12.37
N VAL D 98 0.44 -23.77 -11.41
CA VAL D 98 -0.88 -24.39 -11.38
C VAL D 98 -1.74 -23.73 -12.45
N GLY D 99 -1.48 -24.09 -13.71
CA GLY D 99 -2.23 -23.53 -14.83
C GLY D 99 -1.58 -22.26 -15.31
N GLY D 100 -1.92 -21.82 -16.52
CA GLY D 100 -1.36 -20.58 -17.05
C GLY D 100 -1.87 -19.40 -16.23
N LYS D 101 -3.02 -19.56 -15.61
CA LYS D 101 -3.61 -18.51 -14.77
C LYS D 101 -2.71 -18.18 -13.58
N GLN D 102 -2.10 -19.17 -12.96
CA GLN D 102 -1.24 -18.88 -11.83
C GLN D 102 0.09 -18.30 -12.30
N ALA D 103 0.44 -18.55 -13.56
CA ALA D 103 1.68 -18.00 -14.11
C ALA D 103 1.47 -16.50 -14.16
N LEU D 104 0.31 -16.08 -14.65
CA LEU D 104 -0.09 -14.67 -14.77
C LEU D 104 -0.30 -14.02 -13.40
N PHE D 105 -1.01 -14.70 -12.52
CA PHE D 105 -1.28 -14.18 -11.20
C PHE D 105 0.03 -13.96 -10.45
N ASN D 106 0.91 -14.95 -10.42
CA ASN D 106 2.20 -14.81 -9.75
C ASN D 106 3.07 -13.75 -10.41
N LEU D 107 2.90 -13.60 -11.71
CA LEU D 107 3.64 -12.60 -12.49
C LEU D 107 3.36 -11.20 -11.92
N PHE D 108 2.09 -10.81 -11.99
CA PHE D 108 1.64 -9.52 -11.50
C PHE D 108 1.98 -9.30 -10.03
N GLN D 109 1.88 -10.32 -9.20
CA GLN D 109 2.21 -10.13 -7.80
C GLN D 109 3.71 -9.86 -7.64
N ALA D 110 4.50 -10.29 -8.63
CA ALA D 110 5.95 -10.11 -8.57
C ALA D 110 6.51 -8.86 -9.20
N ILE D 111 5.75 -8.23 -10.09
CA ILE D 111 6.25 -7.02 -10.74
C ILE D 111 5.41 -5.74 -10.56
N LEU D 112 4.26 -5.84 -9.88
CA LEU D 112 3.40 -4.67 -9.67
C LEU D 112 3.39 -4.07 -8.28
N ASP D 113 3.72 -2.78 -8.22
CA ASP D 113 3.68 -2.00 -7.00
C ASP D 113 2.44 -1.20 -7.20
N PRO D 114 1.76 -0.85 -6.12
CA PRO D 114 0.53 -0.09 -6.25
C PRO D 114 0.73 1.14 -7.11
N GLY D 115 -0.19 1.30 -8.06
CA GLY D 115 -0.14 2.44 -8.93
C GLY D 115 0.51 2.18 -10.26
N ASP D 116 1.23 1.08 -10.40
CA ASP D 116 1.89 0.75 -11.67
C ASP D 116 0.83 0.49 -12.69
N GLU D 117 1.01 0.98 -13.91
CA GLU D 117 0.02 0.77 -14.93
C GLU D 117 0.32 -0.41 -15.81
N VAL D 118 -0.73 -1.09 -16.24
CA VAL D 118 -0.61 -2.24 -17.12
C VAL D 118 -1.57 -2.01 -18.26
N ILE D 119 -1.05 -1.94 -19.49
CA ILE D 119 -1.88 -1.73 -20.68
C ILE D 119 -2.51 -3.08 -21.08
N VAL D 120 -3.82 -3.08 -21.26
CA VAL D 120 -4.57 -4.26 -21.62
C VAL D 120 -5.35 -3.94 -22.89
N LEU D 121 -5.22 -4.80 -23.91
CA LEU D 121 -5.91 -4.62 -25.22
C LEU D 121 -7.28 -5.26 -25.19
N SER D 122 -8.33 -4.46 -25.43
CA SER D 122 -9.70 -4.98 -25.42
C SER D 122 -10.26 -5.27 -26.82
N PRO D 123 -11.14 -6.29 -26.97
CA PRO D 123 -11.67 -7.20 -25.96
C PRO D 123 -10.56 -8.01 -25.31
N TYR D 124 -10.59 -8.05 -23.99
CA TYR D 124 -9.57 -8.78 -23.24
C TYR D 124 -10.21 -9.89 -22.44
N TRP D 125 -9.40 -10.87 -22.05
CA TRP D 125 -9.91 -11.98 -21.28
C TRP D 125 -10.29 -11.48 -19.89
N VAL D 126 -11.50 -11.82 -19.51
CA VAL D 126 -12.09 -11.50 -18.22
C VAL D 126 -11.11 -11.34 -17.01
N SER D 127 -10.12 -12.22 -16.90
CA SER D 127 -9.19 -12.19 -15.77
C SER D 127 -8.04 -11.19 -15.70
N TYR D 128 -7.59 -10.66 -16.86
CA TYR D 128 -6.47 -9.71 -16.86
C TYR D 128 -6.70 -8.51 -15.96
N PRO D 129 -7.84 -7.80 -16.13
CA PRO D 129 -8.12 -6.63 -15.29
C PRO D 129 -8.21 -6.97 -13.83
N GLU D 130 -8.84 -8.09 -13.51
CA GLU D 130 -8.98 -8.51 -12.12
C GLU D 130 -7.67 -8.84 -11.45
N MET D 131 -6.79 -9.54 -12.16
CA MET D 131 -5.48 -9.87 -11.60
C MET D 131 -4.60 -8.63 -11.43
N VAL D 132 -4.65 -7.72 -12.40
CA VAL D 132 -3.86 -6.49 -12.32
C VAL D 132 -4.21 -5.66 -11.09
N ARG D 133 -5.49 -5.42 -10.87
CA ARG D 133 -5.93 -4.64 -9.74
C ARG D 133 -5.75 -5.32 -8.40
N PHE D 134 -5.90 -6.64 -8.36
CA PHE D 134 -5.73 -7.39 -7.11
C PHE D 134 -4.29 -7.23 -6.60
N ALA D 135 -3.35 -6.98 -7.52
CA ALA D 135 -1.96 -6.76 -7.16
C ALA D 135 -1.69 -5.28 -6.91
N GLY D 136 -2.69 -4.42 -7.08
CA GLY D 136 -2.50 -3.00 -6.86
C GLY D 136 -2.24 -2.13 -8.08
N GLY D 137 -2.22 -2.73 -9.26
CA GLY D 137 -1.95 -1.96 -10.45
C GLY D 137 -3.16 -1.29 -11.02
N VAL D 138 -2.97 -0.51 -12.07
CA VAL D 138 -4.04 0.21 -12.71
C VAL D 138 -4.20 -0.26 -14.16
N VAL D 139 -5.41 -0.58 -14.58
CA VAL D 139 -5.63 -1.05 -15.95
C VAL D 139 -5.84 0.09 -16.95
N VAL D 140 -4.98 0.15 -17.95
CA VAL D 140 -5.08 1.17 -18.97
C VAL D 140 -5.54 0.42 -20.21
N GLU D 141 -6.75 0.68 -20.68
CA GLU D 141 -7.25 -0.01 -21.84
C GLU D 141 -6.94 0.65 -23.17
N VAL D 142 -6.50 -0.14 -24.14
CA VAL D 142 -6.24 0.35 -25.48
C VAL D 142 -7.18 -0.48 -26.32
N GLU D 143 -8.00 0.21 -27.07
CA GLU D 143 -9.02 -0.41 -27.89
C GLU D 143 -8.54 -1.05 -29.18
N THR D 144 -9.15 -2.20 -29.47
CA THR D 144 -8.88 -2.98 -30.65
C THR D 144 -10.21 -2.97 -31.41
N LEU D 145 -10.16 -2.72 -32.72
CA LEU D 145 -11.39 -2.62 -33.50
C LEU D 145 -11.74 -3.79 -34.41
N PRO D 146 -13.04 -4.13 -34.47
CA PRO D 146 -13.52 -5.25 -35.30
C PRO D 146 -13.25 -5.02 -36.78
N GLU D 147 -13.37 -3.77 -37.20
CA GLU D 147 -13.14 -3.39 -38.58
C GLU D 147 -11.68 -3.54 -38.91
N GLU D 148 -10.86 -3.67 -37.87
CA GLU D 148 -9.43 -3.86 -38.07
C GLU D 148 -9.10 -5.28 -37.69
N GLY D 149 -10.13 -6.11 -37.65
CA GLY D 149 -9.98 -7.53 -37.33
C GLY D 149 -9.52 -7.82 -35.92
N PHE D 150 -9.73 -6.88 -35.04
CA PHE D 150 -9.33 -7.06 -33.67
C PHE D 150 -7.83 -7.23 -33.49
N VAL D 151 -7.04 -6.69 -34.41
CA VAL D 151 -5.57 -6.73 -34.34
C VAL D 151 -5.16 -5.35 -33.79
N PRO D 152 -4.25 -5.32 -32.80
CA PRO D 152 -3.85 -4.03 -32.24
C PRO D 152 -3.04 -3.13 -33.17
N ASP D 153 -3.32 -1.84 -33.09
CA ASP D 153 -2.60 -0.83 -33.85
C ASP D 153 -1.56 -0.30 -32.88
N PRO D 154 -0.28 -0.65 -33.10
CA PRO D 154 0.80 -0.20 -32.22
C PRO D 154 0.90 1.30 -31.99
N GLU D 155 0.19 2.08 -32.78
CA GLU D 155 0.24 3.52 -32.59
C GLU D 155 -0.69 3.97 -31.49
N ARG D 156 -1.87 3.36 -31.42
CA ARG D 156 -2.82 3.66 -30.35
C ARG D 156 -2.18 3.18 -29.04
N VAL D 157 -1.38 2.13 -29.12
CA VAL D 157 -0.72 1.59 -27.94
C VAL D 157 0.36 2.55 -27.45
N ARG D 158 1.13 3.13 -28.38
CA ARG D 158 2.18 4.06 -27.97
C ARG D 158 1.60 5.27 -27.25
N ARG D 159 0.42 5.71 -27.69
CA ARG D 159 -0.21 6.85 -27.09
C ARG D 159 -0.80 6.61 -25.69
N ALA D 160 -0.73 5.38 -25.20
CA ALA D 160 -1.26 5.04 -23.88
C ALA D 160 -0.11 4.80 -22.91
N ILE D 161 1.11 4.86 -23.43
CA ILE D 161 2.29 4.67 -22.59
C ILE D 161 2.54 5.92 -21.75
N THR D 162 2.91 5.73 -20.48
CA THR D 162 3.18 6.85 -19.58
C THR D 162 4.38 6.45 -18.74
N PRO D 163 4.85 7.37 -17.87
CA PRO D 163 6.00 7.02 -17.03
C PRO D 163 5.63 5.91 -16.07
N ARG D 164 4.33 5.69 -15.88
CA ARG D 164 3.88 4.66 -14.95
C ARG D 164 3.74 3.25 -15.54
N THR D 165 3.82 3.13 -16.86
CA THR D 165 3.66 1.84 -17.52
C THR D 165 4.69 0.78 -17.08
N LYS D 166 4.21 -0.32 -16.47
CA LYS D 166 5.05 -1.40 -15.99
C LYS D 166 4.97 -2.62 -16.90
N ALA D 167 3.82 -2.84 -17.53
CA ALA D 167 3.65 -3.98 -18.43
C ALA D 167 2.62 -3.75 -19.53
N LEU D 168 2.66 -4.58 -20.56
CA LEU D 168 1.69 -4.55 -21.67
C LEU D 168 1.32 -6.03 -21.89
N VAL D 169 0.03 -6.34 -21.92
CA VAL D 169 -0.38 -7.72 -22.11
C VAL D 169 -0.89 -8.01 -23.51
N VAL D 170 -0.22 -8.92 -24.21
CA VAL D 170 -0.65 -9.35 -25.55
C VAL D 170 -1.12 -10.81 -25.46
N ASN D 171 -2.17 -11.13 -26.19
CA ASN D 171 -2.75 -12.49 -26.20
C ASN D 171 -3.08 -12.93 -27.62
N SER D 172 -2.21 -13.76 -28.21
CA SER D 172 -2.41 -14.28 -29.57
C SER D 172 -1.97 -15.75 -29.72
N PRO D 173 -2.86 -16.65 -30.19
CA PRO D 173 -4.27 -16.42 -30.59
C PRO D 173 -5.05 -15.85 -29.41
N ASN D 174 -6.02 -15.00 -29.73
CA ASN D 174 -6.81 -14.27 -28.75
C ASN D 174 -8.12 -14.87 -28.24
N ASN D 175 -8.38 -14.62 -26.98
CA ASN D 175 -9.62 -15.01 -26.30
C ASN D 175 -10.09 -13.61 -25.84
N PRO D 176 -11.32 -13.21 -26.17
CA PRO D 176 -12.41 -13.84 -26.91
C PRO D 176 -12.52 -13.67 -28.42
N THR D 177 -11.65 -12.88 -29.02
CA THR D 177 -11.77 -12.61 -30.45
C THR D 177 -11.34 -13.69 -31.44
N GLY D 178 -10.42 -14.55 -31.03
CA GLY D 178 -9.94 -15.59 -31.91
C GLY D 178 -8.96 -15.07 -32.94
N ALA D 179 -8.57 -13.81 -32.84
CA ALA D 179 -7.63 -13.21 -33.78
C ALA D 179 -6.20 -13.68 -33.55
N VAL D 180 -5.44 -13.72 -34.63
CA VAL D 180 -4.03 -14.09 -34.59
C VAL D 180 -3.31 -12.88 -35.15
N TYR D 181 -2.53 -12.23 -34.30
CA TYR D 181 -1.80 -11.02 -34.67
C TYR D 181 -0.59 -11.38 -35.52
N PRO D 182 -0.32 -10.58 -36.57
CA PRO D 182 0.79 -10.76 -37.49
C PRO D 182 2.17 -10.51 -36.83
N LYS D 183 3.17 -11.19 -37.35
CA LYS D 183 4.55 -11.05 -36.88
C LYS D 183 4.98 -9.59 -36.78
N GLU D 184 4.62 -8.80 -37.78
CA GLU D 184 4.98 -7.39 -37.82
C GLU D 184 4.44 -6.60 -36.62
N VAL D 185 3.15 -6.81 -36.31
CA VAL D 185 2.52 -6.12 -35.19
C VAL D 185 3.15 -6.53 -33.87
N LEU D 186 3.46 -7.82 -33.73
CA LEU D 186 4.09 -8.33 -32.52
C LEU D 186 5.50 -7.79 -32.36
N GLU D 187 6.25 -7.65 -33.46
CA GLU D 187 7.58 -7.09 -33.39
C GLU D 187 7.50 -5.63 -32.95
N ALA D 188 6.50 -4.91 -33.44
CA ALA D 188 6.27 -3.51 -33.12
C ALA D 188 5.98 -3.33 -31.63
N LEU D 189 5.10 -4.16 -31.09
CA LEU D 189 4.76 -4.08 -29.68
C LEU D 189 5.98 -4.41 -28.84
N ALA D 190 6.79 -5.38 -29.27
CA ALA D 190 7.98 -5.77 -28.56
C ALA D 190 8.98 -4.63 -28.52
N ARG D 191 9.04 -3.84 -29.59
CA ARG D 191 9.96 -2.69 -29.67
C ARG D 191 9.54 -1.58 -28.72
N LEU D 192 8.24 -1.38 -28.55
CA LEU D 192 7.75 -0.34 -27.66
C LEU D 192 8.20 -0.65 -26.24
N ALA D 193 8.16 -1.92 -25.88
CA ALA D 193 8.54 -2.33 -24.54
C ALA D 193 10.02 -2.07 -24.30
N VAL D 194 10.84 -2.28 -25.33
CA VAL D 194 12.28 -2.07 -25.22
C VAL D 194 12.60 -0.59 -25.16
N GLU D 195 11.97 0.15 -26.06
CA GLU D 195 12.12 1.59 -26.21
C GLU D 195 11.69 2.35 -24.95
N HIS D 196 10.55 1.95 -24.40
CA HIS D 196 10.01 2.59 -23.23
C HIS D 196 10.30 1.88 -21.93
N ASP D 197 11.06 0.81 -22.01
CA ASP D 197 11.47 0.04 -20.84
C ASP D 197 10.39 -0.52 -19.92
N PHE D 198 9.61 -1.47 -20.43
CA PHE D 198 8.59 -2.12 -19.63
C PHE D 198 8.46 -3.58 -20.04
N TYR D 199 7.67 -4.35 -19.32
CA TYR D 199 7.50 -5.78 -19.59
C TYR D 199 6.43 -6.10 -20.61
N LEU D 200 6.73 -7.04 -21.51
CA LEU D 200 5.75 -7.51 -22.49
C LEU D 200 5.37 -8.86 -21.90
N VAL D 201 4.08 -9.06 -21.68
CA VAL D 201 3.54 -10.30 -21.13
C VAL D 201 2.75 -10.91 -22.28
N SER D 202 3.31 -11.96 -22.88
CA SER D 202 2.70 -12.64 -24.01
C SER D 202 2.03 -13.96 -23.61
N ASP D 203 0.70 -13.98 -23.66
CA ASP D 203 -0.12 -15.13 -23.30
C ASP D 203 -0.39 -15.96 -24.55
N GLU D 204 0.36 -17.05 -24.68
CA GLU D 204 0.27 -17.91 -25.84
C GLU D 204 -0.38 -19.28 -25.69
N ILE D 205 -1.20 -19.52 -24.65
CA ILE D 205 -1.86 -20.84 -24.45
C ILE D 205 -2.59 -21.42 -25.70
N TYR D 206 -3.11 -20.58 -26.59
CA TYR D 206 -3.78 -21.10 -27.78
C TYR D 206 -2.87 -21.26 -29.00
N GLU D 207 -1.55 -21.27 -28.81
CA GLU D 207 -0.62 -21.38 -29.94
C GLU D 207 -0.87 -22.51 -30.92
N HIS D 208 -1.34 -23.65 -30.44
CA HIS D 208 -1.56 -24.79 -31.34
C HIS D 208 -2.91 -24.89 -32.00
N LEU D 209 -3.87 -24.08 -31.56
CA LEU D 209 -5.20 -24.08 -32.16
C LEU D 209 -5.22 -22.89 -33.12
N LEU D 210 -4.44 -23.04 -34.19
CA LEU D 210 -4.28 -22.04 -35.23
C LEU D 210 -4.72 -22.65 -36.54
N TYR D 211 -5.55 -21.95 -37.29
CA TYR D 211 -6.04 -22.46 -38.56
C TYR D 211 -5.45 -21.72 -39.76
N GLU D 212 -5.22 -20.42 -39.63
CA GLU D 212 -4.62 -19.64 -40.71
C GLU D 212 -3.51 -18.75 -40.14
N GLY D 213 -2.42 -18.62 -40.89
CA GLY D 213 -1.30 -17.80 -40.47
C GLY D 213 -0.27 -18.57 -39.65
N GLU D 214 0.62 -17.85 -39.01
CA GLU D 214 1.64 -18.48 -38.20
C GLU D 214 1.76 -17.81 -36.86
N HIS D 215 2.18 -18.58 -35.86
CA HIS D 215 2.34 -18.11 -34.49
C HIS D 215 3.74 -17.56 -34.26
N PHE D 216 3.83 -16.27 -33.92
CA PHE D 216 5.09 -15.62 -33.66
C PHE D 216 5.26 -15.30 -32.18
N SER D 217 6.42 -15.59 -31.62
CA SER D 217 6.69 -15.30 -30.22
C SER D 217 7.50 -14.01 -30.11
N PRO D 218 6.91 -12.93 -29.50
CA PRO D 218 7.59 -11.64 -29.36
C PRO D 218 8.89 -11.78 -28.59
N GLY D 219 8.98 -12.81 -27.75
CA GLY D 219 10.17 -13.06 -26.95
C GLY D 219 11.44 -13.21 -27.78
N ARG D 220 11.29 -13.41 -29.08
CA ARG D 220 12.44 -13.54 -29.95
C ARG D 220 13.07 -12.18 -30.14
N VAL D 221 12.22 -11.17 -30.27
CA VAL D 221 12.62 -9.79 -30.48
C VAL D 221 13.09 -9.06 -29.24
N ALA D 222 12.36 -9.17 -28.14
CA ALA D 222 12.71 -8.52 -26.89
C ALA D 222 12.84 -9.55 -25.77
N PRO D 223 13.89 -10.37 -25.81
CA PRO D 223 14.12 -11.41 -24.81
C PRO D 223 14.26 -11.06 -23.34
N GLU D 224 14.79 -9.88 -23.03
CA GLU D 224 14.90 -9.53 -21.62
C GLU D 224 13.73 -8.73 -21.08
N HIS D 225 12.76 -8.43 -21.92
CA HIS D 225 11.58 -7.66 -21.53
C HIS D 225 10.34 -8.52 -21.60
N THR D 226 10.45 -9.68 -22.23
CA THR D 226 9.29 -10.55 -22.42
C THR D 226 9.12 -11.72 -21.48
N LEU D 227 7.86 -11.95 -21.09
CA LEU D 227 7.49 -13.07 -20.23
C LEU D 227 6.45 -13.81 -21.03
N THR D 228 6.80 -15.01 -21.48
CA THR D 228 5.91 -15.83 -22.29
C THR D 228 5.19 -16.80 -21.38
N VAL D 229 3.85 -16.76 -21.46
CA VAL D 229 3.00 -17.60 -20.64
C VAL D 229 2.31 -18.59 -21.57
N ASN D 230 2.27 -19.85 -21.12
CA ASN D 230 1.67 -20.91 -21.91
C ASN D 230 1.14 -21.97 -20.93
N GLY D 231 0.71 -23.10 -21.49
CA GLY D 231 0.20 -24.20 -20.66
C GLY D 231 -0.20 -25.42 -21.47
N ALA D 232 -0.45 -26.51 -20.76
CA ALA D 232 -0.86 -27.75 -21.40
C ALA D 232 -2.36 -27.81 -21.62
N ALA D 233 -3.09 -26.90 -20.99
CA ALA D 233 -4.54 -26.85 -21.04
C ALA D 233 -5.25 -26.99 -22.39
N LYS D 234 -4.96 -26.11 -23.34
CA LYS D 234 -5.65 -26.17 -24.61
C LYS D 234 -5.07 -27.14 -25.61
N ALA D 235 -3.75 -27.16 -25.70
CA ALA D 235 -3.07 -28.03 -26.65
C ALA D 235 -3.37 -29.50 -26.48
N PHE D 236 -3.31 -29.96 -25.23
CA PHE D 236 -3.50 -31.38 -24.92
C PHE D 236 -4.77 -31.76 -24.19
N ALA D 237 -5.74 -30.88 -24.14
CA ALA D 237 -7.00 -31.16 -23.44
C ALA D 237 -6.70 -31.58 -21.98
N MET D 238 -5.85 -30.80 -21.30
CA MET D 238 -5.47 -31.07 -19.91
C MET D 238 -5.91 -29.94 -19.00
N THR D 239 -7.12 -29.41 -19.20
CA THR D 239 -7.62 -28.29 -18.41
C THR D 239 -7.73 -28.58 -16.94
N GLY D 240 -8.26 -29.75 -16.59
CA GLY D 240 -8.40 -30.11 -15.20
C GLY D 240 -7.15 -30.58 -14.49
N TRP D 241 -6.04 -30.69 -15.21
CA TRP D 241 -4.76 -31.14 -14.63
C TRP D 241 -4.01 -30.00 -13.96
N ARG D 242 -4.36 -28.77 -14.32
CA ARG D 242 -3.79 -27.55 -13.76
C ARG D 242 -2.27 -27.46 -13.91
N ILE D 243 -1.78 -27.44 -15.16
CA ILE D 243 -0.35 -27.30 -15.37
C ILE D 243 -0.09 -26.22 -16.40
N GLY D 244 0.60 -25.18 -15.98
CA GLY D 244 0.95 -24.11 -16.88
C GLY D 244 2.42 -23.88 -16.79
N TYR D 245 2.98 -23.13 -17.71
CA TYR D 245 4.41 -22.85 -17.70
C TYR D 245 4.68 -21.49 -18.32
N ALA D 246 5.85 -20.94 -18.00
CA ALA D 246 6.25 -19.63 -18.51
C ALA D 246 7.76 -19.54 -18.52
N CYS D 247 8.28 -18.65 -19.35
CA CYS D 247 9.72 -18.41 -19.42
C CYS D 247 10.00 -16.91 -19.57
N GLY D 248 11.20 -16.48 -19.24
CA GLY D 248 11.53 -15.07 -19.38
C GLY D 248 12.74 -14.74 -18.56
N PRO D 249 12.95 -13.45 -18.27
CA PRO D 249 14.11 -13.01 -17.48
C PRO D 249 14.20 -13.79 -16.20
N LYS D 250 15.37 -14.38 -15.96
CA LYS D 250 15.65 -15.21 -14.80
C LYS D 250 15.26 -14.61 -13.46
N GLU D 251 15.40 -13.29 -13.31
CA GLU D 251 15.07 -12.64 -12.04
C GLU D 251 13.58 -12.60 -11.80
N VAL D 252 12.80 -12.40 -12.86
CA VAL D 252 11.34 -12.39 -12.72
C VAL D 252 10.87 -13.81 -12.46
N ILE D 253 11.45 -14.79 -13.16
CA ILE D 253 11.08 -16.19 -12.99
C ILE D 253 11.33 -16.63 -11.57
N LYS D 254 12.49 -16.24 -11.06
CA LYS D 254 12.91 -16.57 -9.70
C LYS D 254 11.99 -15.93 -8.68
N ALA D 255 11.44 -14.77 -9.02
CA ALA D 255 10.53 -14.06 -8.13
C ALA D 255 9.20 -14.80 -8.10
N MET D 256 8.79 -15.31 -9.26
CA MET D 256 7.55 -16.06 -9.40
C MET D 256 7.57 -17.36 -8.62
N ALA D 257 8.71 -18.05 -8.59
CA ALA D 257 8.82 -19.30 -7.85
C ALA D 257 8.79 -19.06 -6.37
N SER D 258 9.11 -17.84 -5.99
CA SER D 258 9.13 -17.44 -4.57
C SER D 258 7.71 -17.27 -4.09
N VAL D 259 6.88 -16.68 -4.93
CA VAL D 259 5.47 -16.49 -4.61
C VAL D 259 4.83 -17.86 -4.50
N SER D 260 5.24 -18.76 -5.40
CA SER D 260 4.74 -20.12 -5.41
C SER D 260 5.06 -20.84 -4.13
N SER D 261 6.29 -20.68 -3.64
CA SER D 261 6.66 -21.37 -2.41
C SER D 261 5.86 -20.92 -1.19
N GLN D 262 5.34 -19.70 -1.20
CA GLN D 262 4.55 -19.20 -0.07
C GLN D 262 3.05 -19.24 -0.34
N SER D 263 2.63 -19.90 -1.43
CA SER D 263 1.22 -20.02 -1.74
C SER D 263 0.78 -21.47 -2.06
N THR D 264 1.33 -22.07 -3.11
CA THR D 264 0.94 -23.43 -3.47
C THR D 264 2.03 -24.48 -3.36
N THR D 265 3.22 -24.06 -2.93
CA THR D 265 4.43 -24.89 -2.85
C THR D 265 4.90 -25.23 -4.27
N SER D 266 4.16 -26.09 -4.96
CA SER D 266 4.48 -26.50 -6.33
C SER D 266 3.26 -27.21 -6.89
N PRO D 267 3.14 -27.29 -8.22
CA PRO D 267 1.96 -27.97 -8.76
C PRO D 267 2.00 -29.48 -8.48
N ASP D 268 0.87 -30.14 -8.72
CA ASP D 268 0.66 -31.59 -8.57
C ASP D 268 1.84 -32.37 -9.19
N THR D 269 2.51 -33.21 -8.42
CA THR D 269 3.63 -33.99 -8.92
C THR D 269 3.26 -34.98 -10.04
N ILE D 270 2.11 -35.63 -9.90
CA ILE D 270 1.67 -36.58 -10.93
C ILE D 270 1.35 -35.83 -12.23
N ALA D 271 0.67 -34.70 -12.13
CA ALA D 271 0.34 -33.91 -13.31
C ALA D 271 1.59 -33.39 -14.00
N GLN D 272 2.67 -33.19 -13.23
CA GLN D 272 3.93 -32.71 -13.78
C GLN D 272 4.59 -33.78 -14.65
N TRP D 273 4.63 -35.01 -14.16
CA TRP D 273 5.20 -36.10 -14.94
C TRP D 273 4.35 -36.38 -16.18
N ALA D 274 3.03 -36.26 -16.03
CA ALA D 274 2.14 -36.46 -17.15
C ALA D 274 2.48 -35.47 -18.24
N THR D 275 2.74 -34.22 -17.86
CA THR D 275 3.06 -33.16 -18.80
C THR D 275 4.40 -33.39 -19.48
N LEU D 276 5.36 -33.92 -18.74
CA LEU D 276 6.68 -34.21 -19.29
C LEU D 276 6.49 -35.11 -20.53
N GLU D 277 5.56 -36.06 -20.43
CA GLU D 277 5.25 -36.99 -21.50
C GLU D 277 4.63 -36.30 -22.70
N ALA D 278 3.71 -35.37 -22.45
CA ALA D 278 3.05 -34.62 -23.51
C ALA D 278 4.06 -33.84 -24.32
N LEU D 279 5.09 -33.33 -23.66
CA LEU D 279 6.11 -32.55 -24.34
C LEU D 279 7.20 -33.35 -25.04
N THR D 280 7.66 -34.44 -24.41
CA THR D 280 8.73 -35.27 -25.00
C THR D 280 8.29 -36.30 -26.03
N ASN D 281 7.09 -36.83 -25.89
CA ASN D 281 6.56 -37.80 -26.83
C ASN D 281 5.94 -37.01 -27.97
N GLN D 282 6.81 -36.50 -28.84
CA GLN D 282 6.39 -35.68 -29.96
C GLN D 282 5.50 -36.34 -30.98
N GLU D 283 5.77 -37.59 -31.30
CA GLU D 283 4.96 -38.30 -32.30
C GLU D 283 3.51 -38.42 -31.87
N ALA D 284 3.30 -38.83 -30.62
CA ALA D 284 1.98 -39.03 -30.07
C ALA D 284 1.20 -37.75 -29.87
N SER D 285 1.87 -36.74 -29.35
CA SER D 285 1.20 -35.45 -29.11
C SER D 285 0.90 -34.73 -30.40
N ARG D 286 1.85 -34.75 -31.33
CA ARG D 286 1.67 -34.09 -32.62
C ARG D 286 0.45 -34.69 -33.29
N ALA D 287 0.22 -35.96 -33.08
CA ALA D 287 -0.91 -36.66 -33.65
C ALA D 287 -2.24 -36.17 -33.08
N PHE D 288 -2.28 -35.99 -31.76
CA PHE D 288 -3.47 -35.49 -31.11
C PHE D 288 -3.75 -34.06 -31.59
N VAL D 289 -2.73 -33.21 -31.53
CA VAL D 289 -2.88 -31.83 -31.96
C VAL D 289 -3.37 -31.66 -33.38
N GLU D 290 -2.88 -32.47 -34.32
CA GLU D 290 -3.33 -32.38 -35.71
C GLU D 290 -4.78 -32.76 -35.81
N MET D 291 -5.15 -33.80 -35.08
CA MET D 291 -6.52 -34.29 -35.11
C MET D 291 -7.54 -33.33 -34.52
N ALA D 292 -7.19 -32.72 -33.39
CA ALA D 292 -8.09 -31.79 -32.74
C ALA D 292 -8.24 -30.53 -33.58
N ARG D 293 -7.13 -30.02 -34.10
CA ARG D 293 -7.15 -28.80 -34.91
C ARG D 293 -8.08 -28.88 -36.09
N GLU D 294 -8.01 -29.97 -36.83
CA GLU D 294 -8.86 -30.14 -38.00
C GLU D 294 -10.33 -30.25 -37.64
N ALA D 295 -10.61 -30.79 -36.45
CA ALA D 295 -11.97 -30.93 -35.97
C ALA D 295 -12.52 -29.55 -35.64
N TYR D 296 -11.70 -28.71 -35.00
CA TYR D 296 -12.09 -27.36 -34.63
C TYR D 296 -12.27 -26.52 -35.88
N ARG D 297 -11.36 -26.65 -36.83
CA ARG D 297 -11.42 -25.92 -38.08
C ARG D 297 -12.73 -26.23 -38.76
N ARG D 298 -13.07 -27.50 -38.79
CA ARG D 298 -14.31 -27.99 -39.41
C ARG D 298 -15.55 -27.42 -38.70
N ARG D 299 -15.43 -27.19 -37.39
CA ARG D 299 -16.53 -26.63 -36.62
C ARG D 299 -16.60 -25.13 -36.79
N ARG D 300 -15.45 -24.48 -36.95
CA ARG D 300 -15.41 -23.05 -37.14
C ARG D 300 -16.18 -22.73 -38.40
N ASP D 301 -15.75 -23.31 -39.52
CA ASP D 301 -16.37 -23.11 -40.81
C ASP D 301 -17.87 -23.36 -40.79
N LEU D 302 -18.27 -24.41 -40.09
CA LEU D 302 -19.69 -24.76 -39.97
C LEU D 302 -20.46 -23.63 -39.30
N LEU D 303 -19.96 -23.20 -38.15
CA LEU D 303 -20.59 -22.12 -37.38
C LEU D 303 -20.68 -20.83 -38.17
N LEU D 304 -19.53 -20.37 -38.69
CA LEU D 304 -19.48 -19.13 -39.45
C LEU D 304 -20.37 -19.08 -40.67
N GLU D 305 -20.48 -20.19 -41.40
CA GLU D 305 -21.35 -20.21 -42.56
C GLU D 305 -22.79 -20.04 -42.13
N GLY D 306 -23.14 -20.62 -40.99
CA GLY D 306 -24.50 -20.54 -40.48
C GLY D 306 -24.86 -19.16 -40.02
N LEU D 307 -23.91 -18.47 -39.39
CA LEU D 307 -24.15 -17.12 -38.90
C LEU D 307 -24.36 -16.21 -40.10
N THR D 308 -23.45 -16.32 -41.06
CA THR D 308 -23.48 -15.54 -42.29
C THR D 308 -24.84 -15.68 -42.97
N ALA D 309 -25.34 -16.90 -43.03
CA ALA D 309 -26.63 -17.18 -43.64
C ALA D 309 -27.79 -16.56 -42.85
N LEU D 310 -27.64 -16.42 -41.54
CA LEU D 310 -28.69 -15.83 -40.72
C LEU D 310 -28.55 -14.32 -40.68
N GLY D 311 -27.46 -13.82 -41.26
CA GLY D 311 -27.23 -12.38 -41.28
C GLY D 311 -26.66 -11.79 -40.01
N LEU D 312 -25.97 -12.62 -39.22
CA LEU D 312 -25.35 -12.18 -37.98
C LEU D 312 -23.88 -11.93 -38.25
N LYS D 313 -23.36 -10.78 -37.80
CA LYS D 313 -21.94 -10.43 -38.01
C LYS D 313 -20.95 -11.01 -37.00
N ALA D 314 -19.77 -11.34 -37.48
CA ALA D 314 -18.73 -11.90 -36.63
C ALA D 314 -17.44 -11.92 -37.41
N VAL D 315 -16.37 -11.39 -36.81
CA VAL D 315 -15.06 -11.38 -37.44
C VAL D 315 -14.55 -12.82 -37.49
N ARG D 316 -14.11 -13.29 -38.66
CA ARG D 316 -13.62 -14.65 -38.78
C ARG D 316 -12.35 -14.89 -38.00
N PRO D 317 -12.41 -15.81 -37.03
CA PRO D 317 -11.31 -16.20 -36.16
C PRO D 317 -10.28 -17.08 -36.88
N SER D 318 -9.02 -16.94 -36.51
CA SER D 318 -7.93 -17.72 -37.10
C SER D 318 -7.25 -18.62 -36.07
N GLY D 319 -7.71 -18.57 -34.82
CA GLY D 319 -7.10 -19.36 -33.77
C GLY D 319 -8.03 -19.50 -32.58
N ALA D 320 -7.59 -20.24 -31.56
CA ALA D 320 -8.39 -20.47 -30.35
C ALA D 320 -9.71 -21.10 -30.78
N PHE D 321 -10.71 -21.14 -29.91
CA PHE D 321 -11.99 -21.69 -30.33
C PHE D 321 -13.18 -20.83 -29.92
N TYR D 322 -13.07 -19.52 -30.18
CA TYR D 322 -14.13 -18.57 -29.84
C TYR D 322 -14.45 -17.66 -31.00
N VAL D 323 -15.64 -17.07 -30.96
CA VAL D 323 -16.10 -16.16 -32.00
C VAL D 323 -16.89 -15.05 -31.30
N LEU D 324 -16.60 -13.79 -31.61
CA LEU D 324 -17.38 -12.68 -31.04
C LEU D 324 -18.47 -12.37 -32.06
N MET D 325 -19.72 -12.57 -31.66
CA MET D 325 -20.85 -12.32 -32.54
C MET D 325 -21.59 -11.03 -32.19
N ASP D 326 -21.80 -10.21 -33.19
CA ASP D 326 -22.52 -8.95 -33.05
C ASP D 326 -23.99 -9.30 -32.84
N THR D 327 -24.50 -8.93 -31.66
CA THR D 327 -25.88 -9.22 -31.28
C THR D 327 -26.92 -8.14 -31.58
N SER D 328 -26.57 -7.16 -32.41
CA SER D 328 -27.50 -6.07 -32.77
C SER D 328 -28.85 -6.55 -33.29
N PRO D 329 -28.84 -7.53 -34.19
CA PRO D 329 -30.09 -8.06 -34.74
C PRO D 329 -31.01 -8.68 -33.68
N ILE D 330 -30.43 -9.17 -32.59
CA ILE D 330 -31.20 -9.82 -31.54
C ILE D 330 -31.73 -8.88 -30.47
N ALA D 331 -30.91 -7.91 -30.09
CA ALA D 331 -31.31 -6.98 -29.05
C ALA D 331 -30.42 -5.76 -29.09
N PRO D 332 -30.76 -4.73 -28.30
CA PRO D 332 -29.96 -3.51 -28.25
C PRO D 332 -28.65 -3.61 -27.46
N ASP D 333 -28.51 -4.65 -26.64
CA ASP D 333 -27.29 -4.85 -25.85
C ASP D 333 -27.04 -6.33 -25.54
N GLU D 334 -25.78 -6.67 -25.27
CA GLU D 334 -25.38 -8.05 -24.98
C GLU D 334 -26.10 -8.70 -23.84
N VAL D 335 -26.44 -7.95 -22.81
CA VAL D 335 -27.12 -8.56 -21.68
C VAL D 335 -28.53 -9.00 -22.05
N ARG D 336 -29.28 -8.11 -22.69
CA ARG D 336 -30.63 -8.42 -23.09
C ARG D 336 -30.56 -9.50 -24.19
N ALA D 337 -29.55 -9.40 -25.05
CA ALA D 337 -29.36 -10.35 -26.13
C ALA D 337 -29.04 -11.74 -25.60
N ALA D 338 -28.19 -11.82 -24.57
CA ALA D 338 -27.83 -13.10 -23.99
C ALA D 338 -29.05 -13.70 -23.30
N GLU D 339 -29.94 -12.84 -22.80
CA GLU D 339 -31.16 -13.29 -22.13
C GLU D 339 -32.09 -13.95 -23.11
N ARG D 340 -32.26 -13.32 -24.27
CA ARG D 340 -33.13 -13.87 -25.29
C ARG D 340 -32.65 -15.23 -25.79
N LEU D 341 -31.35 -15.34 -26.00
CA LEU D 341 -30.74 -16.58 -26.46
C LEU D 341 -30.93 -17.69 -25.46
N LEU D 342 -30.77 -17.38 -24.17
CA LEU D 342 -30.94 -18.38 -23.13
C LEU D 342 -32.39 -18.87 -23.20
N GLU D 343 -33.30 -17.92 -23.45
CA GLU D 343 -34.74 -18.18 -23.58
C GLU D 343 -35.06 -18.99 -24.83
N ALA D 344 -34.14 -19.01 -25.77
CA ALA D 344 -34.32 -19.77 -26.99
C ALA D 344 -33.58 -21.08 -26.90
N GLY D 345 -32.98 -21.36 -25.74
CA GLY D 345 -32.27 -22.60 -25.52
C GLY D 345 -30.80 -22.61 -25.84
N VAL D 346 -30.17 -21.45 -25.93
CA VAL D 346 -28.73 -21.36 -26.22
C VAL D 346 -27.99 -20.44 -25.22
N ALA D 347 -27.00 -20.99 -24.51
CA ALA D 347 -26.24 -20.22 -23.55
C ALA D 347 -24.95 -19.68 -24.15
N VAL D 348 -24.78 -18.37 -24.11
CA VAL D 348 -23.57 -17.71 -24.62
C VAL D 348 -22.98 -16.86 -23.48
N VAL D 349 -21.76 -16.37 -23.63
CA VAL D 349 -21.16 -15.52 -22.60
C VAL D 349 -21.27 -14.07 -23.10
N PRO D 350 -22.03 -13.22 -22.39
CA PRO D 350 -22.12 -11.84 -22.88
C PRO D 350 -20.74 -11.19 -22.87
N GLY D 351 -20.50 -10.31 -23.84
CA GLY D 351 -19.19 -9.69 -23.96
C GLY D 351 -18.89 -8.56 -23.01
N THR D 352 -19.83 -8.24 -22.13
CA THR D 352 -19.69 -7.14 -21.18
C THR D 352 -18.34 -7.09 -20.49
N ASP D 353 -18.03 -8.14 -19.72
CA ASP D 353 -16.78 -8.19 -18.99
C ASP D 353 -15.52 -8.33 -19.82
N PHE D 354 -15.67 -8.62 -21.12
CA PHE D 354 -14.52 -8.72 -21.99
C PHE D 354 -14.32 -7.35 -22.61
N ALA D 355 -15.23 -6.43 -22.30
CA ALA D 355 -15.24 -5.07 -22.85
C ALA D 355 -15.63 -5.15 -24.32
N ALA D 356 -16.27 -6.26 -24.70
CA ALA D 356 -16.72 -6.47 -26.06
C ALA D 356 -18.21 -6.18 -26.04
N PHE D 357 -18.57 -4.91 -25.86
CA PHE D 357 -19.97 -4.52 -25.82
C PHE D 357 -20.65 -4.72 -27.15
N GLY D 358 -21.95 -4.99 -27.13
CA GLY D 358 -22.67 -5.23 -28.35
C GLY D 358 -22.38 -6.59 -28.96
N HIS D 359 -21.51 -7.37 -28.30
CA HIS D 359 -21.15 -8.71 -28.77
C HIS D 359 -21.38 -9.75 -27.70
N VAL D 360 -21.33 -11.01 -28.13
CA VAL D 360 -21.54 -12.17 -27.28
C VAL D 360 -20.46 -13.15 -27.72
N ARG D 361 -19.89 -13.95 -26.81
CA ARG D 361 -18.84 -14.91 -27.19
C ARG D 361 -19.35 -16.34 -27.35
N LEU D 362 -19.09 -16.95 -28.51
CA LEU D 362 -19.49 -18.34 -28.76
C LEU D 362 -18.25 -19.21 -28.78
N SER D 363 -18.38 -20.48 -28.39
CA SER D 363 -17.26 -21.42 -28.43
C SER D 363 -17.66 -22.59 -29.29
N TYR D 364 -16.82 -22.93 -30.25
CA TYR D 364 -17.12 -24.07 -31.11
C TYR D 364 -16.31 -25.27 -30.68
N ALA D 365 -16.21 -25.45 -29.37
CA ALA D 365 -15.51 -26.57 -28.78
C ALA D 365 -16.52 -27.64 -28.34
N THR D 366 -17.55 -27.87 -29.15
CA THR D 366 -18.56 -28.90 -28.91
C THR D 366 -18.87 -29.59 -30.23
N SER D 367 -19.67 -30.63 -30.15
CA SER D 367 -20.05 -31.41 -31.31
C SER D 367 -20.69 -30.58 -32.40
N GLU D 368 -20.53 -31.06 -33.64
CA GLU D 368 -21.12 -30.41 -34.79
C GLU D 368 -22.63 -30.40 -34.66
N GLU D 369 -23.16 -31.41 -33.97
CA GLU D 369 -24.59 -31.55 -33.73
C GLU D 369 -25.05 -30.37 -32.85
N ASN D 370 -24.28 -30.07 -31.81
CA ASN D 370 -24.65 -28.97 -30.93
C ASN D 370 -24.63 -27.65 -31.69
N LEU D 371 -23.61 -27.47 -32.53
CA LEU D 371 -23.48 -26.25 -33.31
C LEU D 371 -24.66 -26.09 -34.24
N ARG D 372 -25.03 -27.16 -34.95
CA ARG D 372 -26.17 -27.15 -35.85
C ARG D 372 -27.45 -26.89 -35.07
N LYS D 373 -27.56 -27.50 -33.91
CA LYS D 373 -28.73 -27.34 -33.05
C LYS D 373 -28.85 -25.89 -32.61
N ALA D 374 -27.72 -25.27 -32.26
CA ALA D 374 -27.72 -23.88 -31.80
C ALA D 374 -28.11 -22.95 -32.95
N LEU D 375 -27.59 -23.23 -34.13
CA LEU D 375 -27.90 -22.42 -35.31
C LEU D 375 -29.38 -22.43 -35.69
N GLU D 376 -30.09 -23.49 -35.31
CA GLU D 376 -31.52 -23.55 -35.58
C GLU D 376 -32.28 -22.61 -34.65
N ARG D 377 -31.86 -22.59 -33.39
CA ARG D 377 -32.49 -21.74 -32.39
C ARG D 377 -32.19 -20.29 -32.67
N PHE D 378 -31.01 -20.00 -33.22
CA PHE D 378 -30.65 -18.63 -33.55
C PHE D 378 -31.65 -18.19 -34.58
N ALA D 379 -31.89 -19.09 -35.54
CA ALA D 379 -32.84 -18.84 -36.62
C ALA D 379 -34.19 -18.43 -36.06
N ARG D 380 -34.83 -19.27 -35.24
CA ARG D 380 -36.13 -18.91 -34.68
C ARG D 380 -36.16 -17.60 -33.87
N VAL D 381 -35.05 -17.26 -33.20
CA VAL D 381 -34.97 -16.02 -32.43
C VAL D 381 -35.08 -14.84 -33.40
N LEU D 382 -34.50 -15.01 -34.58
CA LEU D 382 -34.56 -13.97 -35.59
C LEU D 382 -35.87 -14.09 -36.40
N1 PMP E . 9.54 17.14 19.20
C2 PMP E . 9.09 17.17 20.48
C2A PMP E . 9.60 16.12 21.50
C3 PMP E . 8.18 18.12 20.86
O3 PMP E . 7.71 18.15 22.14
C4 PMP E . 7.72 19.06 19.91
C4A PMP E . 6.69 20.09 20.31
N4A PMP E . 6.99 20.51 21.57
C5 PMP E . 8.21 19.00 18.58
C6 PMP E . 9.11 18.05 18.26
C5A PMP E . 7.75 19.99 17.45
O4P PMP E . 7.43 21.30 17.86
P PMP E . 6.95 22.39 16.85
O1P PMP E . 8.24 22.92 16.43
O2P PMP E . 6.13 23.36 17.75
O3P PMP E . 6.07 21.92 15.82
C1 MAE F . 2.55 19.14 20.83
O1 MAE F . 2.20 18.03 21.28
O2 MAE F . 2.18 19.54 19.70
C2 MAE F . 3.48 20.06 21.66
C3 MAE F . 3.84 19.91 22.94
C4 MAE F . 3.41 18.78 23.86
O3 MAE F . 4.05 17.71 23.87
O4 MAE F . 2.43 18.95 24.59
N1 PMP G . -5.36 25.96 -6.25
C2 PMP G . -4.84 26.53 -7.37
C2A PMP G . -5.50 26.29 -8.73
C3 PMP G . -3.71 27.29 -7.27
O3 PMP G . -3.18 27.86 -8.40
C4 PMP G . -3.11 27.49 -6.01
C4A PMP G . -1.85 28.33 -5.91
N4A PMP G . -2.00 29.40 -6.77
C5 PMP G . -3.67 26.90 -4.86
C6 PMP G . -4.80 26.14 -5.00
C5A PMP G . -3.06 27.06 -3.42
O4P PMP G . -2.41 28.27 -3.15
P PMP G . -1.77 28.55 -1.75
O1P PMP G . -2.95 29.03 -1.01
O2P PMP G . -0.70 29.64 -2.10
O3P PMP G . -1.06 27.44 -1.15
C1 MAE H . 2.00 26.90 -7.11
O1 MAE H . 2.13 26.12 -8.07
O2 MAE H . 2.38 26.59 -5.95
C2 MAE H . 1.33 28.32 -7.30
C3 MAE H . 1.00 28.90 -8.46
C4 MAE H . 1.25 28.27 -9.85
O3 MAE H . 0.39 27.52 -10.36
O4 MAE H . 2.30 28.55 -10.46
N1 PMP I . 0.55 -25.96 8.08
C2 PMP I . 1.68 -26.49 8.59
C2A PMP I . 2.06 -26.25 10.05
C3 PMP I . 2.50 -27.25 7.77
O3 PMP I . 3.69 -27.81 8.27
C4 PMP I . 2.14 -27.45 6.41
C4A PMP I . 3.02 -28.27 5.50
N4A PMP I . 3.50 -29.31 6.25
C5 PMP I . 0.95 -26.89 5.91
C6 PMP I . 0.17 -26.15 6.77
C5A PMP I . 0.46 -27.05 4.45
O4P PMP I . 0.79 -28.25 3.81
P PMP I . 0.37 -28.53 2.32
O1P PMP I . -0.98 -29.04 2.54
O2P PMP I . 1.45 -29.57 1.88
O3P PMP I . 0.47 -27.45 1.39
C1 MAE J . 6.70 -26.73 3.88
O1 MAE J . 7.44 -25.94 4.55
O2 MAE J . 6.25 -26.42 2.75
C2 MAE J . 6.34 -28.15 4.48
C3 MAE J . 6.85 -28.74 5.58
C4 MAE J . 7.95 -28.11 6.47
O3 MAE J . 7.59 -27.36 7.42
O4 MAE J . 9.16 -28.36 6.23
N1 PMP K . -4.89 -17.14 -21.00
C2 PMP K . -6.06 -17.19 -21.69
C2A PMP K . -6.38 -16.17 -22.81
C3 PMP K . -6.98 -18.17 -21.38
O3 PMP K . -8.16 -18.24 -22.06
C4 PMP K . -6.70 -19.10 -20.35
C4A PMP K . -7.72 -20.17 -20.00
N4A PMP K . -8.29 -20.60 -21.18
C5 PMP K . -5.47 -19.03 -19.65
C6 PMP K . -4.59 -18.04 -19.99
C5A PMP K . -5.07 -20.02 -18.49
O4P PMP K . -5.59 -21.34 -18.60
P PMP K . -5.26 -22.43 -17.52
O1P PMP K . -3.98 -22.91 -18.01
O2P PMP K . -6.43 -23.44 -17.70
O3P PMP K . -5.28 -22.00 -16.13
C1 MAE L . -11.26 -19.34 -17.74
O1 MAE L . -11.87 -18.25 -17.86
O2 MAE L . -10.80 -19.72 -16.65
C2 MAE L . -11.03 -20.24 -18.98
C3 MAE L . -11.57 -20.09 -20.20
C4 MAE L . -12.55 -18.95 -20.61
O3 MAE L . -12.09 -17.87 -21.01
O4 MAE L . -13.78 -19.16 -20.55
#